data_9ITI
#
_entry.id   9ITI
#
_cell.length_a   1.00
_cell.length_b   1.00
_cell.length_c   1.00
_cell.angle_alpha   90.00
_cell.angle_beta   90.00
_cell.angle_gamma   90.00
#
_symmetry.space_group_name_H-M   'P 1'
#
loop_
_entity.id
_entity.type
_entity.pdbx_description
1 polymer 'Sodium channel protein type 9 subunit alpha'
2 branched 2-acetamido-2-deoxy-beta-D-glucopyranose-(1-4)-2-acetamido-2-deoxy-beta-D-glucopyranose
3 non-polymer 2-acetamido-2-deoxy-beta-D-glucopyranose
4 non-polymer O-[(R)-{[(2R)-2,3-bis(octadecanoyloxy)propyl]oxy}(hydroxy)phosphoryl]-L-serine
5 non-polymer 'SODIUM ION'
6 non-polymer 1-O-OCTADECYL-SN-GLYCERO-3-PHOSPHOCHOLINE
7 non-polymer '(2S,3R,4E)-2-(acetylamino)-3-hydroxyoctadec-4-en-1-yl dihydrogen phosphate'
8 non-polymer 1,2-DIOLEOYL-SN-GLYCERO-3-PHOSPHOCHOLINE
9 non-polymer 'CHOLESTEROL HEMISUCCINATE'
10 non-polymer (3beta,14beta,17beta,25R)-3-[4-methoxy-3-(methoxymethyl)butoxy]spirost-5-en
#
_entity_poly.entity_id   1
_entity_poly.type   'polypeptide(L)'
_entity_poly.pdbx_seq_one_letter_code
;MASWSHPQFEKGGGARGGSGGGSWSHPQFEKGFDYKDDDDKGTMAMLPPPGPQSFVHFTKQSLALIEQRIAERKSKEPKE
EKKDDDEEAPKPSSDLEAGKQLPFIYGDIPPGMVSEPLEDLDPYYADKKTFIVLNKGKTIFRFNATPALYMLSPFSPLRR
ISIKILVHSLFSMLIMCTILTNCIFMTMNNPPDWTKNVEYTFTGIYTFESLVKILARGFCVGEFTFLRDPWNWLDFVVIV
FAYLTEFVNLGNVSALRTFRVLRALKTISVIPGLKTIVGALIQSVKKLSDVMILTVFCLSVFALIGLQLFMGNLKHKCFR
NSLENNETLESIMNTLESEEDFRKYFLYLEGSKDALLCGFSTDSGQCPEGYTCVKIGRNPDYGYTSFDTFSWAFLALFRL
MTQDYWERLYQQTLRAAGKTYMIFFVVVIFLGSFYLINLILAVVAMAYEEQNQANIEEAKQKELEFQQMLDRLKKEQEEA
EAIAAAAAEYTSIRRSRIMGLSESSSETSKLSSKSAKERRNRRKKKNQKKLSSGEEKGDAEKLSKSESEDSIRRKSFHLG
VEGHRRAHEKRLSTPNQSPLSIRGSLFSARRSSRTSLFSFKGRGRDIGSETEFADDEHSIFGDNESRRGSLFVPHRPQER
RSSNISQASRSPPMLPVNGKMHSAVDCNGVVSLVDGRSALMLPNGQLLPEVIIDKATSDDSGTTNQIHKKRRCSSYLLSE
DMLNDPNLRQRAMSRASILTNTVEELEESRQKCPPWWYRFAHKFLIWNCSPYWIKFKKCIYFIVMDPFVDLAITICIVLN
TLFMAMEHHPMTEEFKNVLAIGNLVFTGIFAAEMVLKLIAMDPYEYFQVGWNIFDSLIVTLSLVELFLADVEGLSVLRSF
RLLRVFKLAKSWPTLNMLIKIIGNSVGALGNLTLVLAIIVFIFAVVGMQLFGKSYKECVCKINDDCTLPRWHMNDFFHSF
LIVFRVLCGEWIETMWDCMEVAGQAMCLIVYMMVMVIGNLVVLNLFLALLLSSFSSDNLTAIEEDPDANNLQIAVTRIKK
GINYVKQTLREFILKAFSKKPKISREIRQAEDLNTKKENYISNHTLAEMSKGHNFLKEKDKISGFGSSVDKHLMEDSDGQ
SFIHNPSLTVTVPIAPGESDLENMNAEELSSDSDSEYSKVRLNRSSSSECSTVDNPLPGEGEEAEAEPMNSDEPEACFTD
GCVWRFSCCQVNIESGKGKIWWNIRKTCYKIVEHSWFESFIVLMILLSSGALAFEDIYIERKKTIKIILEYADKIFTYIF
ILEMLLKWIAYGYKTYFTNAWCWLDFLIVDVSLVTLVANTLGYSDLGPIKSLRTLRALRPLRALSRFEGMRVVVNALIGA
IPSIMNVLLVCLIFWLIFSIMGVNLFAGKFYECINTTDGSRFPASQVPNRSECFALMNVSQNVRWKNLKVNFDNVGLGYL
SLLQVATFKGWTIIMYAAVDSVNVDKQPKYEYSLYMYIYFVVFIIFGSFFTLNLFIGVIIDNFNQQKKKLGGQDIFMTEE
QKKYYNAMKKLGSKKPQKPIPRPGNKIQGCIFDLVTNQAFDISIMVLICLNMVTMMVEKEGQSQHMTEVLYWINVVFIIL
FTGECVLKLISLRHYYFTVGWNIFDFVVVIISIVGMFLADLIETYFVSPTLFRVIRLARIGRILRLVKGAKGIRTLLFAL
MMSLPALFNIGLLLFLVMFIYAIFGMSNFAYVKWEDGINDMFNFETFGNSMICLFQITTSAGWDGLLAPILNSKPPDCDP
TLPNSNGSRGDCGNPSVGIFYFVSYIIISFLVVVNMYIAVILENFSVATEESTEPLSEDDFEMFYEVWEKFDPDATQFIE
FSKLSDFAAALDPPLLIAKPNKVQLIAMDLPMVSGDRIHCLDILFAFTKRVLGESGEMDSLRSQMEERFMSANPSKVSYE
PITTTLKRKQEDVSATVIQRAYRRYRLRQNVKNISSIYIKDGDRDDDLLNKKDMAFDNVNENSSPEKTDATSSTTSPPSY
DSVTKPDKEKYEQDRTEKEDKGKDSKESKK
;
_entity_poly.pdbx_strand_id   A
#
loop_
_chem_comp.id
_chem_comp.type
_chem_comp.name
_chem_comp.formula
1PW non-polymer '(2S,3R,4E)-2-(acetylamino)-3-hydroxyoctadec-4-en-1-yl dihydrogen phosphate' 'C20 H40 N O6 P'
9Z9 non-polymer (3beta,14beta,17beta,25R)-3-[4-methoxy-3-(methoxymethyl)butoxy]spirost-5-en 'C34 H56 O5'
LPE non-polymer 1-O-OCTADECYL-SN-GLYCERO-3-PHOSPHOCHOLINE 'C26 H57 N O6 P 1'
NA non-polymer 'SODIUM ION' 'Na 1'
NAG D-saccharide, beta linking 2-acetamido-2-deoxy-beta-D-glucopyranose 'C8 H15 N O6'
P5S non-polymer O-[(R)-{[(2R)-2,3-bis(octadecanoyloxy)propyl]oxy}(hydroxy)phosphoryl]-L-serine 'C42 H82 N O10 P'
PCW non-polymer 1,2-DIOLEOYL-SN-GLYCERO-3-PHOSPHOCHOLINE 'C44 H85 N O8 P 1'
Y01 non-polymer 'CHOLESTEROL HEMISUCCINATE' 'C31 H50 O4'
#
# COMPACT_ATOMS: atom_id res chain seq x y z
N GLY A 51 26.54 44.59 21.31
CA GLY A 51 26.57 44.94 19.90
C GLY A 51 27.66 44.21 19.14
N PRO A 52 27.88 44.61 17.88
CA PRO A 52 28.93 43.95 17.09
C PRO A 52 30.32 44.11 17.67
N GLN A 53 30.51 45.13 18.52
CA GLN A 53 31.80 45.36 19.16
C GLN A 53 32.16 44.28 20.17
N SER A 54 31.22 43.42 20.55
CA SER A 54 31.42 42.48 21.65
C SER A 54 32.22 41.27 21.16
N PHE A 55 33.33 41.55 20.48
CA PHE A 55 34.23 40.51 19.99
C PHE A 55 35.58 40.74 20.65
N VAL A 56 36.01 39.84 21.52
CA VAL A 56 37.29 39.97 22.21
C VAL A 56 37.89 38.58 22.39
N HIS A 57 39.21 38.49 22.22
CA HIS A 57 39.91 37.21 22.31
C HIS A 57 39.79 36.60 23.71
N PHE A 58 39.83 35.28 23.76
CA PHE A 58 39.85 34.52 25.01
C PHE A 58 41.28 34.54 25.54
N THR A 59 41.51 35.22 26.65
CA THR A 59 42.85 35.39 27.20
C THR A 59 42.93 34.83 28.61
N LYS A 60 44.16 34.54 29.04
CA LYS A 60 44.38 34.11 30.41
C LYS A 60 44.00 35.19 31.40
N GLN A 61 44.18 36.46 31.04
CA GLN A 61 43.61 37.55 31.82
C GLN A 61 42.09 37.45 31.84
N SER A 62 41.49 37.16 30.68
CA SER A 62 40.06 36.89 30.65
C SER A 62 39.72 35.67 31.50
N LEU A 63 40.61 34.68 31.54
CA LEU A 63 40.37 33.50 32.36
C LEU A 63 40.32 33.87 33.84
N ALA A 64 41.22 34.76 34.27
CA ALA A 64 41.19 35.29 35.63
C ALA A 64 39.88 36.01 35.88
N LEU A 65 39.41 36.73 34.86
CA LEU A 65 38.14 37.42 34.97
C LEU A 65 37.03 36.39 35.20
N ILE A 66 37.08 35.28 34.47
CA ILE A 66 36.06 34.23 34.62
C ILE A 66 36.08 33.67 36.04
N GLU A 67 37.26 33.28 36.52
CA GLU A 67 37.32 32.69 37.84
C GLU A 67 36.85 33.69 38.90
N GLN A 68 37.14 34.97 38.70
CA GLN A 68 36.71 35.90 39.73
C GLN A 68 35.21 36.16 39.66
N ARG A 69 34.57 36.17 38.48
CA ARG A 69 33.13 36.44 38.59
C ARG A 69 32.38 35.18 39.02
N ILE A 70 32.91 33.99 38.71
CA ILE A 70 32.26 32.80 39.28
C ILE A 70 32.49 32.78 40.78
N ALA A 71 33.59 33.35 41.25
CA ALA A 71 33.77 33.57 42.68
C ALA A 71 32.67 34.47 43.23
N GLU A 72 32.32 35.53 42.49
CA GLU A 72 31.23 36.40 42.94
C GLU A 72 29.89 35.66 43.00
N ARG A 73 29.53 34.95 41.93
CA ARG A 73 28.31 34.13 41.97
C ARG A 73 28.32 33.15 43.14
N LYS A 74 29.46 32.53 43.42
CA LYS A 74 29.51 31.64 44.57
C LYS A 74 29.38 32.42 45.89
N SER A 75 29.81 33.69 45.90
CA SER A 75 29.65 34.47 47.11
C SER A 75 28.19 34.77 47.39
N LYS A 76 27.45 35.26 46.40
CA LYS A 76 26.02 35.47 46.63
C LYS A 76 25.25 34.16 46.64
N GLU A 77 25.59 33.24 45.73
CA GLU A 77 24.97 31.91 45.74
C GLU A 77 25.99 30.88 46.21
N PRO A 90 16.59 32.58 33.65
CA PRO A 90 17.74 32.60 32.75
C PRO A 90 17.85 31.34 31.89
N LYS A 91 17.33 31.42 30.67
CA LYS A 91 17.47 30.38 29.65
C LYS A 91 18.52 30.77 28.63
N PRO A 92 19.15 29.82 27.97
CA PRO A 92 20.03 30.17 26.85
C PRO A 92 19.23 30.76 25.70
N SER A 93 19.87 31.66 24.97
CA SER A 93 19.20 32.32 23.84
C SER A 93 18.84 31.30 22.78
N SER A 94 17.69 31.53 22.13
CA SER A 94 17.23 30.61 21.10
C SER A 94 18.04 30.71 19.82
N ASP A 95 18.93 31.70 19.72
CA ASP A 95 19.73 31.86 18.51
C ASP A 95 21.22 31.75 18.80
N LEU A 96 21.61 31.58 20.06
CA LEU A 96 23.03 31.51 20.41
C LEU A 96 23.51 30.11 20.77
N GLU A 97 22.64 29.09 20.72
CA GLU A 97 23.12 27.74 21.01
C GLU A 97 23.98 27.23 19.85
N ALA A 98 24.86 26.29 20.16
CA ALA A 98 25.91 25.90 19.24
C ALA A 98 25.34 25.24 17.99
N GLY A 99 26.15 25.22 16.93
CA GLY A 99 25.82 24.49 15.73
C GLY A 99 25.05 25.25 14.68
N LYS A 100 24.88 26.55 14.82
CA LYS A 100 24.12 27.32 13.84
C LYS A 100 24.81 28.66 13.61
N GLN A 101 24.08 29.59 13.01
CA GLN A 101 24.65 30.84 12.52
C GLN A 101 24.47 31.95 13.53
N LEU A 102 25.52 32.73 13.73
CA LEU A 102 25.47 33.85 14.66
C LEU A 102 24.56 34.95 14.15
N PRO A 103 24.00 35.75 15.05
CA PRO A 103 23.07 36.81 14.63
C PRO A 103 23.74 37.82 13.70
N PHE A 104 22.98 38.28 12.71
CA PHE A 104 23.51 39.18 11.70
C PHE A 104 23.79 40.57 12.26
N ILE A 105 23.21 40.90 13.41
CA ILE A 105 23.40 42.24 13.97
C ILE A 105 24.85 42.43 14.42
N TYR A 106 25.57 41.34 14.67
CA TYR A 106 26.94 41.43 15.15
C TYR A 106 27.97 41.58 14.04
N GLY A 107 27.54 41.57 12.78
CA GLY A 107 28.45 41.84 11.68
C GLY A 107 29.46 40.72 11.45
N ASP A 108 30.50 41.06 10.70
CA ASP A 108 31.52 40.11 10.29
C ASP A 108 32.62 40.02 11.35
N ILE A 109 33.44 38.97 11.26
CA ILE A 109 34.44 38.67 12.26
C ILE A 109 35.77 39.30 11.89
N PRO A 110 36.59 39.72 12.85
CA PRO A 110 37.97 40.10 12.54
C PRO A 110 38.73 38.92 11.95
N PRO A 111 39.56 39.16 10.93
CA PRO A 111 40.28 38.04 10.31
C PRO A 111 41.21 37.31 11.25
N GLY A 112 41.69 37.98 12.29
CA GLY A 112 42.56 37.34 13.27
C GLY A 112 41.78 36.60 14.33
N MET A 113 40.46 36.49 14.15
CA MET A 113 39.60 35.88 15.15
C MET A 113 39.04 34.53 14.74
N VAL A 114 39.18 34.12 13.48
CA VAL A 114 38.65 32.83 13.05
C VAL A 114 39.45 31.71 13.70
N SER A 115 38.76 30.64 14.09
CA SER A 115 39.35 29.47 14.73
C SER A 115 40.01 29.81 16.07
N GLU A 116 39.59 30.91 16.71
CA GLU A 116 40.18 31.28 17.98
C GLU A 116 39.12 31.34 19.07
N PRO A 117 39.42 30.87 20.27
CA PRO A 117 38.43 30.88 21.35
C PRO A 117 37.94 32.28 21.66
N LEU A 118 36.64 32.39 21.91
CA LEU A 118 36.00 33.65 22.31
C LEU A 118 35.11 33.39 23.51
N GLU A 119 34.94 34.40 24.35
CA GLU A 119 34.03 34.29 25.49
C GLU A 119 32.58 34.25 25.02
N ASP A 120 31.75 33.53 25.75
CA ASP A 120 30.40 33.27 25.32
C ASP A 120 29.58 34.55 25.31
N LEU A 121 28.75 34.70 24.28
CA LEU A 121 27.95 35.91 24.12
C LEU A 121 26.71 35.91 25.00
N ASP A 122 26.21 34.74 25.36
CA ASP A 122 24.97 34.65 26.11
C ASP A 122 25.22 35.14 27.54
N PRO A 123 24.47 36.13 28.03
CA PRO A 123 24.62 36.52 29.45
C PRO A 123 24.32 35.39 30.41
N TYR A 124 23.35 34.53 30.09
CA TYR A 124 23.05 33.39 30.96
C TYR A 124 24.24 32.43 31.05
N TYR A 125 25.02 32.32 29.97
CA TYR A 125 26.19 31.46 29.97
C TYR A 125 27.47 32.23 30.27
N ALA A 126 27.40 33.55 30.44
CA ALA A 126 28.59 34.34 30.73
C ALA A 126 29.15 34.06 32.12
N ASP A 127 28.36 33.44 33.00
CA ASP A 127 28.78 33.19 34.38
C ASP A 127 29.48 31.85 34.58
N LYS A 128 29.08 30.82 33.85
CA LYS A 128 29.72 29.52 34.03
C LYS A 128 30.97 29.38 33.17
N LYS A 129 31.53 28.17 33.16
CA LYS A 129 32.76 27.89 32.45
C LYS A 129 32.42 27.59 30.99
N THR A 130 32.79 28.49 30.07
CA THR A 130 32.48 28.26 28.66
C THR A 130 33.26 29.23 27.80
N PHE A 131 33.36 28.87 26.51
CA PHE A 131 33.92 29.73 25.48
C PHE A 131 33.48 29.24 24.11
N ILE A 132 33.47 30.12 23.10
CA ILE A 132 32.95 29.79 21.78
C ILE A 132 34.07 29.87 20.75
N VAL A 133 33.91 29.07 19.69
CA VAL A 133 34.86 29.00 18.59
C VAL A 133 34.07 29.04 17.28
N LEU A 134 34.63 29.73 16.29
CA LEU A 134 33.95 29.96 15.01
C LEU A 134 34.74 29.34 13.87
N ASN A 135 34.01 29.04 12.79
CA ASN A 135 34.58 28.56 11.54
C ASN A 135 34.77 29.72 10.58
N LYS A 136 35.41 29.41 9.44
CA LYS A 136 35.31 30.30 8.29
C LYS A 136 33.89 30.33 7.76
N GLY A 137 33.15 29.22 7.92
CA GLY A 137 31.74 29.17 7.60
C GLY A 137 30.86 29.83 8.61
N LYS A 138 31.46 30.32 9.71
CA LYS A 138 30.80 31.22 10.65
C LYS A 138 29.72 30.49 11.47
N THR A 139 29.80 29.16 11.53
CA THR A 139 29.01 28.37 12.46
C THR A 139 29.69 28.38 13.83
N ILE A 140 28.89 28.21 14.88
CA ILE A 140 29.37 28.36 16.25
C ILE A 140 29.39 27.00 16.94
N PHE A 141 30.48 26.72 17.65
CA PHE A 141 30.56 25.60 18.58
C PHE A 141 30.99 26.13 19.94
N ARG A 142 30.42 25.56 20.99
CA ARG A 142 30.68 26.01 22.35
C ARG A 142 31.32 24.89 23.16
N PHE A 143 32.23 25.28 24.05
CA PHE A 143 32.87 24.35 24.96
C PHE A 143 32.73 24.85 26.39
N ASN A 144 33.43 24.20 27.33
CA ASN A 144 33.49 24.63 28.70
C ASN A 144 34.92 24.99 29.07
N ALA A 145 35.08 25.94 29.99
CA ALA A 145 36.41 26.46 30.30
C ALA A 145 37.24 25.49 31.13
N THR A 146 36.60 24.56 31.83
CA THR A 146 37.34 23.60 32.65
C THR A 146 38.25 22.76 31.76
N PRO A 147 39.52 22.60 32.16
CA PRO A 147 40.47 21.86 31.33
C PRO A 147 40.02 20.43 31.07
N ALA A 148 40.38 19.92 29.89
CA ALA A 148 40.01 18.57 29.51
C ALA A 148 40.61 17.55 30.47
N LEU A 149 39.74 16.80 31.15
CA LEU A 149 40.14 15.76 32.11
C LEU A 149 40.97 16.32 33.25
N TYR A 150 40.93 17.65 33.44
CA TYR A 150 41.65 18.43 34.44
C TYR A 150 43.13 18.65 34.11
N MET A 151 43.61 18.29 32.92
CA MET A 151 44.97 18.67 32.52
C MET A 151 44.98 19.71 31.41
N LEU A 152 44.32 19.44 30.28
CA LEU A 152 44.50 20.26 29.08
C LEU A 152 43.81 21.60 29.28
N SER A 153 44.58 22.58 29.73
CA SER A 153 44.07 23.93 29.86
C SER A 153 43.73 24.48 28.47
N PRO A 154 42.72 25.35 28.37
CA PRO A 154 42.28 25.83 27.05
C PRO A 154 43.33 26.59 26.27
N PHE A 155 44.54 26.78 26.81
CA PHE A 155 45.57 27.54 26.12
C PHE A 155 46.77 26.70 25.73
N SER A 156 46.76 25.39 26.00
CA SER A 156 47.88 24.54 25.64
C SER A 156 47.97 24.41 24.12
N PRO A 157 49.15 24.06 23.59
CA PRO A 157 49.24 23.81 22.15
C PRO A 157 48.30 22.71 21.66
N LEU A 158 48.16 21.65 22.45
CA LEU A 158 47.30 20.54 22.05
C LEU A 158 45.85 20.98 21.92
N ARG A 159 45.37 21.81 22.85
CA ARG A 159 43.96 22.18 22.82
C ARG A 159 43.63 23.00 21.58
N ARG A 160 44.45 24.00 21.24
CA ARG A 160 44.09 24.79 20.07
C ARG A 160 44.39 24.06 18.76
N ILE A 161 45.38 23.16 18.71
CA ILE A 161 45.51 22.40 17.48
C ILE A 161 44.32 21.47 17.30
N SER A 162 43.81 20.90 18.40
CA SER A 162 42.63 20.06 18.33
C SER A 162 41.42 20.88 17.88
N ILE A 163 41.27 22.10 18.39
CA ILE A 163 40.19 22.97 17.92
C ILE A 163 40.34 23.24 16.43
N LYS A 164 41.56 23.57 15.98
CA LYS A 164 41.77 23.89 14.58
C LYS A 164 41.41 22.72 13.68
N ILE A 165 41.82 21.51 14.06
CA ILE A 165 41.48 20.33 13.26
C ILE A 165 39.99 20.06 13.31
N LEU A 166 39.41 20.07 14.51
CA LEU A 166 37.99 19.77 14.68
C LEU A 166 37.11 20.84 14.04
N VAL A 167 37.47 22.10 14.24
CA VAL A 167 36.68 23.20 13.71
C VAL A 167 37.16 23.46 12.30
N HIS A 168 36.51 22.85 11.32
CA HIS A 168 36.91 22.93 9.93
C HIS A 168 35.87 22.24 9.06
N SER A 169 35.70 22.73 7.84
CA SER A 169 34.83 22.03 6.89
C SER A 169 35.53 20.82 6.29
N LEU A 170 36.85 20.90 6.13
CA LEU A 170 37.59 19.81 5.50
C LEU A 170 37.62 18.57 6.38
N PHE A 171 37.65 18.73 7.70
CA PHE A 171 37.59 17.57 8.59
C PHE A 171 36.26 16.85 8.44
N SER A 172 35.15 17.60 8.42
CA SER A 172 33.84 16.99 8.25
C SER A 172 33.73 16.31 6.89
N MET A 173 34.27 16.93 5.84
CA MET A 173 34.24 16.30 4.54
C MET A 173 35.07 15.02 4.51
N LEU A 174 36.23 15.02 5.14
CA LEU A 174 37.04 13.81 5.22
C LEU A 174 36.29 12.69 5.93
N ILE A 175 35.63 13.02 7.03
CA ILE A 175 34.84 12.03 7.76
C ILE A 175 33.72 11.49 6.89
N MET A 176 33.05 12.37 6.15
CA MET A 176 31.95 11.92 5.29
C MET A 176 32.45 10.99 4.20
N CYS A 177 33.55 11.33 3.54
CA CYS A 177 34.06 10.47 2.48
C CYS A 177 34.52 9.13 3.03
N THR A 178 35.20 9.10 4.17
CA THR A 178 35.63 7.80 4.69
C THR A 178 34.45 6.97 5.14
N ILE A 179 33.40 7.62 5.67
CA ILE A 179 32.20 6.89 6.06
C ILE A 179 31.54 6.25 4.86
N LEU A 180 31.39 7.00 3.76
CA LEU A 180 30.72 6.46 2.58
C LEU A 180 31.56 5.39 1.91
N THR A 181 32.89 5.54 1.93
CA THR A 181 33.73 4.44 1.46
C THR A 181 33.54 3.20 2.32
N ASN A 182 33.39 3.37 3.63
CA ASN A 182 33.15 2.22 4.49
C ASN A 182 31.82 1.55 4.16
N CYS A 183 30.77 2.35 3.92
CA CYS A 183 29.49 1.77 3.52
C CYS A 183 29.62 0.98 2.22
N ILE A 184 30.34 1.52 1.25
CA ILE A 184 30.62 0.76 0.04
C ILE A 184 31.35 -0.54 0.34
N PHE A 185 32.22 -0.55 1.34
CA PHE A 185 32.95 -1.76 1.70
C PHE A 185 32.14 -2.72 2.57
N MET A 186 31.01 -2.29 3.13
CA MET A 186 30.18 -3.22 3.89
C MET A 186 29.53 -4.26 3.00
N THR A 187 29.16 -3.86 1.78
CA THR A 187 28.37 -4.70 0.88
C THR A 187 29.25 -5.69 0.10
N MET A 188 29.95 -6.54 0.84
CA MET A 188 30.80 -7.56 0.24
C MET A 188 30.40 -8.92 0.80
N ASN A 189 29.89 -9.79 -0.07
CA ASN A 189 29.50 -11.13 0.34
C ASN A 189 30.72 -11.92 0.80
N ASN A 190 31.76 -11.98 -0.02
CA ASN A 190 33.00 -12.62 0.31
C ASN A 190 34.12 -11.61 0.19
N PRO A 191 34.50 -10.94 1.28
CA PRO A 191 35.51 -9.90 1.20
C PRO A 191 36.85 -10.47 0.83
N PRO A 192 37.54 -9.87 -0.13
CA PRO A 192 38.88 -10.36 -0.50
C PRO A 192 39.82 -10.27 0.70
N ASP A 193 40.79 -11.13 0.81
CA ASP A 193 41.60 -11.09 2.01
C ASP A 193 42.31 -9.78 2.21
N TRP A 194 42.61 -9.09 1.14
CA TRP A 194 43.42 -7.90 1.31
C TRP A 194 42.65 -6.73 1.93
N THR A 195 41.35 -6.88 2.19
CA THR A 195 40.59 -5.77 2.72
C THR A 195 40.83 -5.53 4.21
N LYS A 196 41.59 -6.39 4.84
CA LYS A 196 41.83 -6.18 6.22
C LYS A 196 42.50 -4.85 6.39
N ASN A 197 43.60 -4.62 5.70
CA ASN A 197 44.36 -3.38 5.87
C ASN A 197 43.48 -2.16 5.66
N VAL A 198 42.53 -2.24 4.73
CA VAL A 198 41.58 -1.16 4.52
C VAL A 198 40.71 -0.97 5.76
N GLU A 199 40.27 -2.08 6.36
CA GLU A 199 39.51 -1.99 7.60
C GLU A 199 40.34 -1.34 8.71
N TYR A 200 41.62 -1.70 8.82
CA TYR A 200 42.50 -1.06 9.79
C TYR A 200 42.60 0.43 9.53
N THR A 201 42.69 0.81 8.25
CA THR A 201 42.72 2.22 7.92
C THR A 201 41.48 2.92 8.46
N PHE A 202 40.29 2.41 8.13
CA PHE A 202 39.07 3.06 8.63
C PHE A 202 39.08 3.18 10.14
N THR A 203 39.45 2.10 10.84
CA THR A 203 39.56 2.19 12.29
C THR A 203 40.51 3.33 12.68
N GLY A 204 41.57 3.53 11.90
CA GLY A 204 42.50 4.61 12.19
C GLY A 204 41.85 5.98 12.09
N ILE A 205 41.11 6.24 11.01
CA ILE A 205 40.46 7.55 10.89
C ILE A 205 39.42 7.74 11.99
N TYR A 206 38.70 6.68 12.35
CA TYR A 206 37.69 6.86 13.40
C TYR A 206 38.35 7.13 14.75
N THR A 207 39.48 6.47 15.02
CA THR A 207 40.23 6.79 16.24
C THR A 207 40.74 8.22 16.22
N PHE A 208 41.23 8.68 15.06
CA PHE A 208 41.72 10.03 14.95
C PHE A 208 40.62 11.03 15.27
N GLU A 209 39.44 10.87 14.66
CA GLU A 209 38.36 11.81 14.87
C GLU A 209 37.87 11.78 16.32
N SER A 210 37.77 10.58 16.90
CA SER A 210 37.39 10.50 18.31
C SER A 210 38.39 11.24 19.17
N LEU A 211 39.69 10.92 19.03
CA LEU A 211 40.72 11.55 19.84
C LEU A 211 40.69 13.06 19.72
N VAL A 212 40.47 13.57 18.50
CA VAL A 212 40.31 15.00 18.32
C VAL A 212 39.15 15.51 19.17
N LYS A 213 38.04 14.79 19.18
CA LYS A 213 36.91 15.25 20.00
C LYS A 213 37.23 15.25 21.49
N ILE A 214 37.87 14.20 22.01
CA ILE A 214 38.19 14.23 23.44
C ILE A 214 39.17 15.35 23.75
N LEU A 215 40.21 15.53 22.94
CA LEU A 215 41.18 16.58 23.20
C LEU A 215 40.52 17.95 23.16
N ALA A 216 39.59 18.15 22.23
CA ALA A 216 38.92 19.44 22.11
C ALA A 216 37.86 19.65 23.18
N ARG A 217 37.38 18.59 23.82
CA ARG A 217 36.24 18.73 24.72
C ARG A 217 36.38 18.00 26.05
N GLY A 218 37.33 17.11 26.22
CA GLY A 218 37.35 16.23 27.38
C GLY A 218 36.51 14.97 27.12
N PHE A 219 36.50 14.10 28.11
CA PHE A 219 35.72 12.87 27.99
C PHE A 219 34.32 13.01 28.61
N CYS A 220 34.26 13.18 29.92
CA CYS A 220 33.00 13.38 30.63
C CYS A 220 33.12 14.35 31.79
N VAL A 221 34.33 14.83 32.11
CA VAL A 221 34.56 15.55 33.35
C VAL A 221 33.74 16.83 33.42
N GLY A 222 33.56 17.52 32.29
CA GLY A 222 32.93 18.81 32.30
C GLY A 222 31.43 18.73 32.08
N GLU A 223 30.88 19.84 31.59
CA GLU A 223 29.45 19.98 31.35
C GLU A 223 29.11 19.92 29.87
N PHE A 224 29.83 20.65 29.02
CA PHE A 224 29.79 20.48 27.57
C PHE A 224 31.04 19.73 27.15
N THR A 225 30.93 18.41 27.05
CA THR A 225 32.09 17.60 26.70
C THR A 225 31.70 16.48 25.74
N PHE A 226 32.59 15.50 25.56
CA PHE A 226 32.42 14.52 24.49
C PHE A 226 31.13 13.73 24.64
N LEU A 227 30.91 13.07 25.77
CA LEU A 227 29.75 12.19 25.90
C LEU A 227 28.40 12.82 26.23
N ARG A 228 28.36 14.13 26.41
CA ARG A 228 27.11 14.78 26.81
C ARG A 228 25.99 14.64 25.77
N ASP A 229 26.32 14.80 24.49
CA ASP A 229 25.32 14.62 23.45
C ASP A 229 25.25 13.16 23.03
N PRO A 230 24.02 12.64 22.86
CA PRO A 230 23.86 11.23 22.53
C PRO A 230 24.54 10.77 21.24
N TRP A 231 24.72 11.65 20.26
CA TRP A 231 25.28 11.21 18.99
C TRP A 231 26.73 10.75 19.13
N ASN A 232 27.47 11.31 20.09
CA ASN A 232 28.82 10.85 20.36
C ASN A 232 28.86 9.46 21.00
N TRP A 233 27.78 9.06 21.67
N TRP A 233 27.78 9.06 21.67
CA TRP A 233 27.71 7.71 22.23
CA TRP A 233 27.69 7.72 22.22
C TRP A 233 27.86 6.66 21.14
C TRP A 233 27.85 6.66 21.14
N LEU A 234 27.28 6.90 19.96
CA LEU A 234 27.42 5.96 18.85
C LEU A 234 28.86 5.82 18.42
N ASP A 235 29.59 6.94 18.33
CA ASP A 235 31.02 6.89 18.02
C ASP A 235 31.78 6.08 19.05
N PHE A 236 31.50 6.34 20.33
CA PHE A 236 32.19 5.59 21.38
C PHE A 236 31.91 4.10 21.27
N VAL A 237 30.64 3.72 21.09
CA VAL A 237 30.29 2.32 21.04
C VAL A 237 30.96 1.64 19.86
N VAL A 238 30.94 2.28 18.69
CA VAL A 238 31.53 1.63 17.51
C VAL A 238 33.03 1.49 17.68
N ILE A 239 33.69 2.52 18.23
CA ILE A 239 35.14 2.45 18.33
C ILE A 239 35.58 1.41 19.36
N VAL A 240 34.87 1.36 20.51
CA VAL A 240 35.24 0.37 21.52
C VAL A 240 34.92 -1.03 21.04
N PHE A 241 33.85 -1.20 20.26
CA PHE A 241 33.55 -2.52 19.74
C PHE A 241 34.54 -2.94 18.66
N ALA A 242 34.99 -1.98 17.84
CA ALA A 242 36.02 -2.27 16.86
C ALA A 242 37.29 -2.77 17.53
N TYR A 243 37.78 -2.04 18.53
CA TYR A 243 38.95 -2.55 19.25
C TYR A 243 38.67 -3.79 20.08
N LEU A 244 37.43 -4.02 20.50
CA LEU A 244 37.14 -5.28 21.18
C LEU A 244 37.34 -6.45 20.24
N THR A 245 36.74 -6.40 19.05
CA THR A 245 36.94 -7.47 18.08
C THR A 245 38.39 -7.53 17.61
N GLU A 246 39.10 -6.40 17.65
CA GLU A 246 40.47 -6.40 17.18
C GLU A 246 41.39 -7.08 18.19
N PHE A 247 41.19 -6.80 19.48
CA PHE A 247 42.05 -7.34 20.51
C PHE A 247 41.71 -8.79 20.83
N VAL A 248 40.41 -9.14 20.88
CA VAL A 248 40.03 -10.47 21.29
C VAL A 248 40.43 -11.50 20.25
N ASN A 252 31.08 -17.01 16.49
CA ASN A 252 29.86 -16.46 15.91
C ASN A 252 30.21 -15.28 15.02
N VAL A 253 30.88 -15.56 13.90
CA VAL A 253 31.46 -14.51 13.06
C VAL A 253 30.39 -13.55 12.56
N SER A 254 29.18 -14.05 12.34
CA SER A 254 28.08 -13.19 11.91
C SER A 254 27.80 -12.11 12.95
N ALA A 255 27.82 -12.50 14.23
CA ALA A 255 27.52 -11.53 15.29
C ALA A 255 28.54 -10.40 15.33
N LEU A 256 29.83 -10.71 15.23
CA LEU A 256 30.84 -9.66 15.22
C LEU A 256 30.74 -8.82 13.95
N ARG A 257 30.61 -9.46 12.80
CA ARG A 257 30.56 -8.71 11.55
C ARG A 257 29.30 -7.86 11.45
N THR A 258 28.32 -8.05 12.32
CA THR A 258 27.12 -7.27 12.10
C THR A 258 27.16 -5.94 12.69
N PHE A 259 27.74 -5.80 13.85
CA PHE A 259 27.63 -4.52 14.54
C PHE A 259 28.41 -3.39 13.87
N ARG A 260 29.20 -3.66 12.83
CA ARG A 260 29.90 -2.56 12.18
C ARG A 260 28.96 -1.68 11.37
N VAL A 261 27.71 -2.12 11.17
CA VAL A 261 26.76 -1.30 10.43
C VAL A 261 26.43 -0.04 11.18
N LEU A 262 26.77 0.03 12.47
CA LEU A 262 26.47 1.22 13.25
C LEU A 262 27.21 2.44 12.73
N ARG A 263 28.38 2.25 12.10
CA ARG A 263 29.05 3.38 11.49
C ARG A 263 28.24 3.96 10.34
N ALA A 264 27.44 3.13 9.67
CA ALA A 264 26.55 3.65 8.63
C ALA A 264 25.53 4.62 9.23
N LEU A 265 25.23 4.47 10.52
CA LEU A 265 24.37 5.45 11.17
C LEU A 265 25.06 6.77 11.41
N LYS A 266 26.38 6.85 11.23
CA LYS A 266 27.09 8.09 11.50
C LYS A 266 26.85 9.13 10.41
N THR A 267 26.41 8.70 9.22
CA THR A 267 26.03 9.64 8.18
C THR A 267 24.95 10.58 8.69
N ILE A 268 24.07 10.08 9.56
CA ILE A 268 23.01 10.89 10.15
C ILE A 268 23.62 11.99 10.99
N SER A 269 24.88 11.84 11.36
CA SER A 269 25.48 12.84 12.23
C SER A 269 26.37 13.77 11.50
N VAL A 270 26.91 13.29 10.42
CA VAL A 270 27.90 14.07 9.68
C VAL A 270 27.27 14.84 8.53
N ILE A 271 26.36 14.22 7.78
CA ILE A 271 25.71 14.96 6.69
C ILE A 271 24.73 15.96 7.30
N PRO A 272 24.71 17.21 6.87
CA PRO A 272 23.86 18.20 7.54
C PRO A 272 22.38 17.94 7.31
N GLY A 273 21.58 18.34 8.29
CA GLY A 273 20.13 18.30 8.17
C GLY A 273 19.50 16.99 8.57
N LEU A 274 20.30 15.92 8.59
CA LEU A 274 19.78 14.59 8.93
C LEU A 274 19.29 14.56 10.37
N LYS A 275 19.94 15.31 11.26
CA LYS A 275 19.54 15.37 12.65
C LYS A 275 18.06 15.73 12.80
N THR A 276 17.65 16.82 12.13
CA THR A 276 16.29 17.29 12.26
C THR A 276 15.31 16.32 11.61
N ILE A 277 15.72 15.66 10.51
CA ILE A 277 14.84 14.70 9.86
C ILE A 277 14.55 13.53 10.79
N VAL A 278 15.59 12.99 11.42
CA VAL A 278 15.38 11.85 12.32
C VAL A 278 14.61 12.30 13.56
N GLY A 279 14.88 13.50 14.06
CA GLY A 279 14.07 14.02 15.15
C GLY A 279 12.61 14.13 14.78
N ALA A 280 12.33 14.54 13.54
CA ALA A 280 10.96 14.63 13.07
C ALA A 280 10.30 13.26 12.98
N LEU A 281 11.04 12.27 12.50
CA LEU A 281 10.49 10.90 12.46
C LEU A 281 10.13 10.42 13.86
N ILE A 282 11.01 10.68 14.83
CA ILE A 282 10.74 10.27 16.20
C ILE A 282 9.53 11.00 16.76
N GLN A 283 9.36 12.25 16.45
CA GLN A 283 8.25 12.95 16.99
C GLN A 283 7.01 12.46 16.39
N SER A 284 7.03 12.14 15.10
CA SER A 284 5.85 11.57 14.46
C SER A 284 5.46 10.25 15.10
N VAL A 285 6.45 9.41 15.42
CA VAL A 285 6.16 8.16 16.12
C VAL A 285 5.48 8.43 17.46
N LYS A 286 5.96 9.43 18.20
CA LYS A 286 5.49 9.63 19.56
C LYS A 286 3.96 9.74 19.64
N LYS A 287 3.30 10.06 18.54
CA LYS A 287 1.85 10.23 18.54
C LYS A 287 1.09 8.94 18.28
N LEU A 288 1.75 7.86 17.88
CA LEU A 288 1.09 6.63 17.50
C LEU A 288 0.79 5.71 18.67
N SER A 289 0.86 6.21 19.91
CA SER A 289 0.72 5.33 21.07
C SER A 289 -0.68 4.73 21.15
N ASP A 290 -1.71 5.58 21.09
CA ASP A 290 -3.09 5.10 21.20
C ASP A 290 -3.45 4.16 20.05
N VAL A 291 -3.00 4.50 18.85
CA VAL A 291 -3.33 3.67 17.69
C VAL A 291 -2.63 2.34 17.77
N MET A 292 -1.39 2.31 18.29
CA MET A 292 -0.70 1.03 18.45
C MET A 292 -1.38 0.19 19.53
N ILE A 293 -1.88 0.83 20.58
CA ILE A 293 -2.62 0.11 21.61
C ILE A 293 -3.90 -0.49 21.03
N LEU A 294 -4.63 0.30 20.25
CA LEU A 294 -5.81 -0.23 19.56
C LEU A 294 -5.46 -1.35 18.60
N THR A 295 -4.35 -1.23 17.87
CA THR A 295 -3.97 -2.26 16.94
C THR A 295 -3.68 -3.56 17.67
N VAL A 296 -2.92 -3.49 18.77
CA VAL A 296 -2.62 -4.69 19.55
C VAL A 296 -3.90 -5.28 20.12
N PHE A 297 -4.77 -4.44 20.65
CA PHE A 297 -6.04 -4.90 21.21
C PHE A 297 -6.87 -5.63 20.18
N CYS A 298 -7.08 -5.01 19.02
CA CYS A 298 -7.93 -5.60 17.99
C CYS A 298 -7.33 -6.87 17.42
N LEU A 299 -6.03 -6.88 17.15
CA LEU A 299 -5.41 -8.10 16.65
C LEU A 299 -5.49 -9.22 17.68
N SER A 300 -5.40 -8.89 18.97
CA SER A 300 -5.52 -9.93 20.00
C SER A 300 -6.94 -10.46 20.09
N VAL A 301 -7.94 -9.58 20.05
CA VAL A 301 -9.33 -10.02 20.12
C VAL A 301 -9.68 -10.88 18.91
N PHE A 302 -9.29 -10.45 17.72
CA PHE A 302 -9.60 -11.25 16.54
C PHE A 302 -8.76 -12.51 16.49
N ALA A 303 -7.57 -12.50 17.09
CA ALA A 303 -6.77 -13.71 17.19
C ALA A 303 -7.42 -14.72 18.12
N LEU A 304 -8.05 -14.24 19.20
CA LEU A 304 -8.79 -15.14 20.07
C LEU A 304 -10.04 -15.68 19.38
N ILE A 305 -10.72 -14.84 18.59
CA ILE A 305 -11.89 -15.32 17.85
C ILE A 305 -11.48 -16.41 16.86
N GLY A 306 -10.42 -16.15 16.09
CA GLY A 306 -9.94 -17.16 15.16
C GLY A 306 -9.37 -18.37 15.86
N LEU A 307 -8.84 -18.17 17.08
CA LEU A 307 -8.42 -19.29 17.92
C LEU A 307 -9.60 -20.19 18.24
N GLN A 308 -10.71 -19.61 18.67
CA GLN A 308 -11.88 -20.39 19.02
C GLN A 308 -12.45 -21.11 17.81
N LEU A 309 -12.54 -20.41 16.68
CA LEU A 309 -13.25 -20.97 15.52
C LEU A 309 -12.38 -21.96 14.75
N PHE A 310 -11.11 -21.63 14.52
CA PHE A 310 -10.32 -22.36 13.54
C PHE A 310 -9.19 -23.18 14.15
N MET A 311 -9.26 -23.48 15.45
CA MET A 311 -8.19 -24.24 16.07
C MET A 311 -8.13 -25.65 15.53
N GLY A 312 -7.07 -25.97 14.80
CA GLY A 312 -6.81 -27.32 14.36
C GLY A 312 -7.35 -27.69 12.99
N ASN A 313 -8.21 -26.86 12.38
CA ASN A 313 -8.78 -27.22 11.09
C ASN A 313 -7.73 -27.32 10.00
N LEU A 314 -6.69 -26.48 10.06
CA LEU A 314 -5.69 -26.59 9.00
C LEU A 314 -4.86 -27.86 9.11
N LYS A 315 -5.14 -28.73 10.07
CA LYS A 315 -4.51 -30.04 10.16
C LYS A 315 -5.18 -31.06 9.26
N HIS A 316 -6.38 -30.77 8.76
CA HIS A 316 -7.11 -31.73 7.95
C HIS A 316 -6.38 -32.08 6.66
N LYS A 317 -6.35 -33.38 6.36
CA LYS A 317 -5.79 -33.88 5.12
C LYS A 317 -6.61 -35.08 4.64
N CYS A 318 -6.82 -35.19 3.34
CA CYS A 318 -7.38 -36.43 2.80
C CYS A 318 -6.38 -37.58 2.91
N PHE A 319 -6.89 -38.74 3.28
CA PHE A 319 -6.07 -39.91 3.57
C PHE A 319 -6.55 -41.07 2.70
N ARG A 320 -5.61 -41.71 2.01
CA ARG A 320 -5.96 -42.78 1.08
C ARG A 320 -6.58 -43.96 1.81
N ASN A 321 -7.84 -44.26 1.48
CA ASN A 321 -8.50 -45.42 2.07
C ASN A 321 -7.99 -46.66 1.38
N SER A 322 -7.22 -46.47 0.31
CA SER A 322 -6.67 -47.60 -0.41
C SER A 322 -5.42 -48.05 0.30
N LEU A 323 -5.58 -48.58 1.51
CA LEU A 323 -4.45 -49.06 2.27
C LEU A 323 -4.76 -50.50 2.57
N GLU A 324 -3.84 -51.41 2.26
CA GLU A 324 -4.14 -52.84 2.43
C GLU A 324 -3.39 -53.51 3.58
N ASN A 325 -3.44 -54.83 3.64
CA ASN A 325 -2.73 -55.59 4.69
C ASN A 325 -2.93 -55.12 6.13
N ASN A 326 -4.18 -54.89 6.53
CA ASN A 326 -4.50 -54.51 7.91
C ASN A 326 -3.92 -53.16 8.33
N GLU A 327 -3.51 -52.35 7.37
CA GLU A 327 -3.06 -51.02 7.79
C GLU A 327 -4.25 -50.06 7.84
N THR A 328 -4.78 -49.92 9.06
CA THR A 328 -5.81 -48.95 9.35
C THR A 328 -5.20 -47.57 9.57
N LEU A 329 -6.03 -46.64 10.04
CA LEU A 329 -5.56 -45.28 10.29
C LEU A 329 -4.53 -45.26 11.42
N GLU A 330 -4.73 -46.06 12.47
CA GLU A 330 -3.82 -46.04 13.61
C GLU A 330 -2.51 -46.78 13.31
N SER A 331 -2.68 -47.83 12.49
CA SER A 331 -1.54 -48.62 12.05
C SER A 331 -0.59 -47.79 11.24
N ILE A 332 -1.03 -46.64 10.76
CA ILE A 332 -0.18 -45.67 10.07
C ILE A 332 0.13 -44.49 11.00
N MET A 333 -0.80 -44.18 11.90
CA MET A 333 -0.57 -43.16 12.93
C MET A 333 0.73 -43.40 13.66
N ASN A 334 1.01 -44.66 13.98
CA ASN A 334 2.19 -44.98 14.78
C ASN A 334 3.48 -44.62 14.06
N THR A 335 3.45 -44.53 12.73
CA THR A 335 4.66 -44.43 11.93
C THR A 335 4.77 -43.16 11.09
N LEU A 336 4.02 -42.11 11.40
CA LEU A 336 4.09 -40.88 10.61
C LEU A 336 4.98 -39.85 11.30
N GLU A 337 6.24 -39.78 10.87
CA GLU A 337 7.18 -38.80 11.43
C GLU A 337 7.88 -38.00 10.34
N SER A 338 8.27 -38.66 9.26
CA SER A 338 8.97 -37.98 8.15
C SER A 338 7.97 -37.33 7.19
N GLU A 339 8.46 -36.77 6.10
CA GLU A 339 7.55 -36.19 5.11
C GLU A 339 7.31 -37.13 3.91
N GLU A 340 8.27 -38.01 3.63
CA GLU A 340 8.12 -38.96 2.53
C GLU A 340 6.94 -39.91 2.77
N ASP A 341 6.82 -40.42 3.99
CA ASP A 341 5.69 -41.29 4.30
C ASP A 341 4.38 -40.51 4.30
N PHE A 342 4.43 -39.20 4.58
CA PHE A 342 3.24 -38.37 4.42
C PHE A 342 2.82 -38.27 2.96
N ARG A 343 3.78 -38.04 2.06
CA ARG A 343 3.46 -38.03 0.63
C ARG A 343 2.97 -39.40 0.17
N LYS A 344 3.38 -40.46 0.85
CA LYS A 344 3.01 -41.80 0.41
C LYS A 344 1.53 -42.08 0.68
N TYR A 345 0.96 -41.49 1.74
CA TYR A 345 -0.38 -41.85 2.18
C TYR A 345 -1.42 -40.75 2.04
N PHE A 346 -1.02 -39.50 1.81
CA PHE A 346 -1.98 -38.41 1.74
C PHE A 346 -1.97 -37.82 0.34
N LEU A 347 -2.90 -36.90 0.07
CA LEU A 347 -3.02 -36.28 -1.25
C LEU A 347 -2.37 -34.98 -1.38
N TYR A 348 -1.48 -34.92 -2.36
CA TYR A 348 -0.67 -33.75 -2.61
C TYR A 348 -0.97 -33.28 -4.02
N LEU A 349 -1.62 -32.14 -4.15
CA LEU A 349 -1.91 -31.61 -5.47
C LEU A 349 -0.61 -31.36 -6.22
N GLU A 350 -0.62 -31.60 -7.52
CA GLU A 350 0.60 -31.56 -8.31
C GLU A 350 1.26 -30.20 -8.23
N GLY A 351 2.56 -30.21 -7.96
CA GLY A 351 3.31 -28.97 -7.84
C GLY A 351 3.14 -28.24 -6.53
N SER A 352 2.72 -28.94 -5.47
CA SER A 352 2.50 -28.33 -4.17
C SER A 352 3.34 -29.03 -3.11
N LYS A 353 3.86 -28.25 -2.18
CA LYS A 353 4.61 -28.80 -1.06
C LYS A 353 3.70 -29.12 0.12
N ASP A 354 2.41 -28.84 -0.01
CA ASP A 354 1.47 -28.95 1.09
C ASP A 354 0.38 -29.96 0.74
N ALA A 355 -0.07 -30.69 1.76
CA ALA A 355 -1.13 -31.66 1.57
C ALA A 355 -2.45 -30.91 1.39
N LEU A 356 -3.27 -31.41 0.46
CA LEU A 356 -4.53 -30.75 0.15
C LEU A 356 -5.45 -30.81 1.36
N LEU A 357 -6.03 -29.66 1.71
CA LEU A 357 -6.91 -29.62 2.85
C LEU A 357 -8.24 -30.30 2.53
N CYS A 358 -9.15 -30.22 3.49
CA CYS A 358 -10.37 -31.03 3.52
C CYS A 358 -11.21 -30.54 4.69
N GLY A 359 -12.45 -30.99 4.73
CA GLY A 359 -13.38 -30.50 5.72
C GLY A 359 -14.50 -31.49 5.93
N PHE A 360 -15.39 -31.16 6.86
CA PHE A 360 -16.45 -32.06 7.28
C PHE A 360 -17.84 -31.54 6.95
N SER A 361 -17.99 -30.23 6.75
CA SER A 361 -19.27 -29.66 6.41
C SER A 361 -19.62 -29.98 4.95
N THR A 362 -20.83 -29.58 4.56
CA THR A 362 -21.23 -29.71 3.17
C THR A 362 -20.63 -28.63 2.29
N ASP A 363 -20.14 -27.55 2.89
CA ASP A 363 -19.52 -26.44 2.18
C ASP A 363 -18.03 -26.31 2.47
N SER A 364 -17.36 -27.44 2.67
CA SER A 364 -15.94 -27.41 2.97
C SER A 364 -15.19 -27.99 1.78
N GLY A 365 -14.02 -28.56 2.05
CA GLY A 365 -13.27 -29.19 0.97
C GLY A 365 -13.71 -30.63 0.94
N GLN A 366 -14.35 -31.02 -0.15
CA GLN A 366 -14.83 -32.39 -0.26
C GLN A 366 -13.68 -33.20 -0.81
N CYS A 367 -13.28 -34.24 -0.10
CA CYS A 367 -12.12 -35.00 -0.53
C CYS A 367 -12.50 -35.78 -1.78
N PRO A 368 -11.52 -36.14 -2.61
CA PRO A 368 -11.84 -36.96 -3.80
C PRO A 368 -12.37 -38.32 -3.39
N GLU A 369 -12.74 -39.10 -4.39
CA GLU A 369 -13.29 -40.43 -4.13
C GLU A 369 -12.19 -41.35 -3.62
N GLY A 370 -12.52 -42.14 -2.60
CA GLY A 370 -11.56 -43.01 -1.98
C GLY A 370 -10.67 -42.34 -0.95
N TYR A 371 -10.96 -41.10 -0.58
CA TYR A 371 -10.14 -40.36 0.37
C TYR A 371 -10.99 -39.93 1.54
N THR A 372 -10.51 -40.20 2.74
CA THR A 372 -11.19 -39.81 3.98
C THR A 372 -10.47 -38.61 4.58
N CYS A 373 -11.25 -37.70 5.15
CA CYS A 373 -10.71 -36.43 5.60
C CYS A 373 -10.43 -36.51 7.10
N VAL A 374 -9.15 -36.57 7.48
CA VAL A 374 -8.75 -36.85 8.84
C VAL A 374 -7.75 -35.79 9.31
N LYS A 375 -7.97 -35.26 10.51
CA LYS A 375 -7.10 -34.23 11.07
C LYS A 375 -5.85 -34.84 11.65
N ILE A 376 -4.80 -34.91 10.85
CA ILE A 376 -3.54 -35.47 11.31
C ILE A 376 -2.40 -34.77 10.57
N GLY A 377 -1.20 -34.75 11.14
CA GLY A 377 -0.09 -34.10 10.49
C GLY A 377 0.11 -32.65 10.87
N ARG A 378 0.96 -31.94 10.15
CA ARG A 378 1.27 -30.56 10.50
C ARG A 378 0.29 -29.52 10.01
N ASN A 379 0.65 -28.26 10.16
CA ASN A 379 -0.17 -27.19 9.61
C ASN A 379 0.54 -26.73 8.34
N PRO A 380 -0.15 -25.98 7.46
CA PRO A 380 0.45 -25.60 6.17
C PRO A 380 1.56 -24.55 6.24
N ASP A 381 2.26 -24.35 5.11
CA ASP A 381 3.35 -23.38 5.05
C ASP A 381 4.47 -23.64 6.04
N TYR A 382 4.99 -24.87 6.04
CA TYR A 382 6.09 -25.25 6.92
C TYR A 382 5.68 -25.30 8.38
N GLY A 383 4.41 -25.09 8.67
CA GLY A 383 3.98 -25.12 10.01
C GLY A 383 3.59 -23.81 10.48
N TYR A 384 3.71 -22.82 9.67
CA TYR A 384 3.47 -21.52 10.20
C TYR A 384 2.16 -20.88 10.02
N THR A 385 1.23 -21.60 9.39
CA THR A 385 -0.09 -21.10 9.26
C THR A 385 -1.00 -21.91 10.14
N SER A 386 -1.44 -21.28 11.22
CA SER A 386 -2.20 -22.01 12.19
C SER A 386 -2.94 -21.05 13.02
N PHE A 387 -4.03 -21.49 13.60
CA PHE A 387 -4.68 -20.65 14.54
C PHE A 387 -4.69 -21.57 15.80
N ASP A 388 -3.65 -22.36 16.08
CA ASP A 388 -3.54 -23.29 17.20
C ASP A 388 -3.23 -22.57 18.51
N THR A 389 -2.10 -21.87 18.57
CA THR A 389 -1.71 -21.12 19.74
C THR A 389 -1.91 -19.64 19.47
N PHE A 390 -2.00 -18.85 20.55
CA PHE A 390 -2.30 -17.44 20.40
C PHE A 390 -1.24 -16.69 19.62
N SER A 391 0.01 -17.15 19.69
CA SER A 391 1.07 -16.49 18.94
C SER A 391 0.88 -16.67 17.44
N TRP A 392 0.55 -17.89 17.01
CA TRP A 392 0.31 -18.13 15.59
C TRP A 392 -0.95 -17.41 15.11
N ALA A 393 -1.98 -17.35 15.96
CA ALA A 393 -3.18 -16.61 15.60
C ALA A 393 -2.89 -15.13 15.47
N PHE A 394 -2.03 -14.60 16.33
CA PHE A 394 -1.61 -13.21 16.21
C PHE A 394 -0.85 -12.96 14.92
N LEU A 395 0.05 -13.89 14.56
CA LEU A 395 0.75 -13.74 13.28
C LEU A 395 -0.24 -13.72 12.11
N ALA A 396 -1.21 -14.63 12.13
CA ALA A 396 -2.20 -14.68 11.05
C ALA A 396 -3.02 -13.40 10.98
N LEU A 397 -3.44 -12.86 12.14
CA LEU A 397 -4.24 -11.64 12.11
C LEU A 397 -3.41 -10.43 11.71
N PHE A 398 -2.11 -10.43 11.98
CA PHE A 398 -1.27 -9.35 11.50
C PHE A 398 -1.06 -9.46 9.99
N ARG A 399 -0.91 -10.69 9.48
CA ARG A 399 -0.83 -10.89 8.04
C ARG A 399 -2.14 -10.52 7.35
N LEU A 400 -3.26 -10.65 8.06
CA LEU A 400 -4.54 -10.19 7.51
C LEU A 400 -4.68 -8.68 7.56
N MET A 401 -4.16 -8.06 8.63
CA MET A 401 -4.22 -6.61 8.72
C MET A 401 -3.37 -5.93 7.65
N THR A 402 -2.23 -6.50 7.32
CA THR A 402 -1.41 -5.95 6.25
C THR A 402 -1.78 -6.49 4.89
N GLN A 403 -2.77 -7.39 4.80
CA GLN A 403 -3.22 -7.99 3.55
C GLN A 403 -2.08 -8.59 2.75
N ASP A 404 -1.09 -9.11 3.46
CA ASP A 404 0.06 -9.74 2.82
C ASP A 404 -0.24 -11.20 2.55
N TYR A 405 -0.61 -11.50 1.31
CA TYR A 405 -0.84 -12.87 0.87
C TYR A 405 -1.98 -13.51 1.63
N TRP A 406 -2.92 -12.68 2.08
CA TRP A 406 -4.06 -13.14 2.84
C TRP A 406 -5.04 -13.94 1.98
N GLU A 407 -4.97 -13.80 0.67
CA GLU A 407 -5.84 -14.56 -0.21
C GLU A 407 -5.43 -16.03 -0.31
N ARG A 408 -4.41 -16.44 0.43
CA ARG A 408 -4.12 -17.86 0.54
C ARG A 408 -4.59 -18.40 1.87
N LEU A 409 -4.42 -17.61 2.93
CA LEU A 409 -4.99 -17.98 4.22
C LEU A 409 -6.51 -18.04 4.13
N TYR A 410 -7.10 -17.13 3.39
CA TYR A 410 -8.55 -17.10 3.22
C TYR A 410 -9.05 -18.35 2.52
N GLN A 411 -8.33 -18.78 1.48
CA GLN A 411 -8.72 -19.98 0.75
C GLN A 411 -8.51 -21.24 1.58
N GLN A 412 -7.40 -21.32 2.32
CA GLN A 412 -7.20 -22.49 3.17
C GLN A 412 -8.22 -22.56 4.30
N THR A 413 -8.52 -21.43 4.92
CA THR A 413 -9.50 -21.41 6.01
C THR A 413 -10.87 -21.80 5.50
N LEU A 414 -11.27 -21.28 4.34
CA LEU A 414 -12.56 -21.66 3.78
C LEU A 414 -12.58 -23.11 3.32
N ARG A 415 -11.46 -23.62 2.80
CA ARG A 415 -11.42 -24.99 2.33
C ARG A 415 -11.50 -25.98 3.48
N ALA A 416 -10.89 -25.63 4.63
CA ALA A 416 -10.84 -26.55 5.75
C ALA A 416 -11.97 -26.38 6.73
N ALA A 417 -12.61 -25.20 6.77
CA ALA A 417 -13.66 -24.95 7.73
C ALA A 417 -15.03 -24.73 7.11
N GLY A 418 -15.12 -24.45 5.82
CA GLY A 418 -16.39 -24.18 5.20
C GLY A 418 -16.50 -22.79 4.64
N LYS A 419 -17.28 -22.63 3.56
CA LYS A 419 -17.41 -21.32 2.91
C LYS A 419 -18.21 -20.34 3.76
N THR A 420 -18.55 -20.70 4.99
CA THR A 420 -19.45 -19.87 5.77
C THR A 420 -18.69 -18.93 6.70
N TYR A 421 -17.37 -19.05 6.75
CA TYR A 421 -16.55 -18.10 7.52
C TYR A 421 -16.04 -16.96 6.66
N MET A 422 -16.52 -16.89 5.43
CA MET A 422 -16.37 -15.69 4.63
C MET A 422 -16.80 -14.45 5.42
N ILE A 423 -17.77 -14.58 6.32
CA ILE A 423 -18.16 -13.44 7.15
C ILE A 423 -17.06 -13.08 8.14
N PHE A 424 -16.39 -14.09 8.71
CA PHE A 424 -15.25 -13.80 9.59
C PHE A 424 -14.22 -13.00 8.83
N PHE A 425 -13.93 -13.41 7.60
CA PHE A 425 -12.89 -12.75 6.84
C PHE A 425 -13.33 -11.36 6.40
N VAL A 426 -14.63 -11.18 6.14
CA VAL A 426 -15.15 -9.86 5.77
C VAL A 426 -14.99 -8.89 6.92
N VAL A 427 -15.40 -9.31 8.13
CA VAL A 427 -15.31 -8.40 9.27
C VAL A 427 -13.86 -8.13 9.65
N VAL A 428 -12.98 -9.12 9.53
CA VAL A 428 -11.55 -8.89 9.73
C VAL A 428 -10.98 -7.91 8.72
N ILE A 429 -11.32 -8.05 7.44
CA ILE A 429 -10.76 -7.17 6.42
C ILE A 429 -11.27 -5.75 6.61
N PHE A 430 -12.55 -5.61 6.92
CA PHE A 430 -13.11 -4.28 7.13
C PHE A 430 -12.53 -3.63 8.39
N LEU A 431 -12.39 -4.41 9.46
CA LEU A 431 -12.02 -3.82 10.74
C LEU A 431 -10.51 -3.87 10.95
N GLY A 432 -9.90 -5.02 10.67
CA GLY A 432 -8.46 -5.15 10.84
C GLY A 432 -7.68 -4.32 9.85
N SER A 433 -7.83 -4.62 8.56
CA SER A 433 -7.04 -3.91 7.56
C SER A 433 -7.55 -2.49 7.34
N PHE A 434 -8.81 -2.35 6.93
CA PHE A 434 -9.26 -1.06 6.42
C PHE A 434 -9.24 0.02 7.49
N TYR A 435 -9.63 -0.28 8.73
CA TYR A 435 -9.80 0.78 9.71
C TYR A 435 -8.52 1.15 10.44
N LEU A 436 -7.76 0.17 10.91
CA LEU A 436 -6.55 0.48 11.66
C LEU A 436 -5.54 1.21 10.80
N ILE A 437 -5.43 0.83 9.52
CA ILE A 437 -4.52 1.52 8.61
C ILE A 437 -4.98 2.96 8.40
N ASN A 438 -6.29 3.19 8.32
CA ASN A 438 -6.81 4.56 8.24
C ASN A 438 -6.39 5.34 9.47
N LEU A 439 -6.50 4.74 10.64
CA LEU A 439 -6.14 5.42 11.88
C LEU A 439 -4.66 5.79 11.89
N ILE A 440 -3.82 4.85 11.46
CA ILE A 440 -2.38 5.09 11.42
C ILE A 440 -2.08 6.26 10.49
N LEU A 441 -2.63 6.22 9.28
CA LEU A 441 -2.38 7.27 8.30
C LEU A 441 -2.88 8.62 8.81
N ALA A 442 -4.06 8.66 9.40
CA ALA A 442 -4.62 9.93 9.86
C ALA A 442 -3.77 10.52 10.97
N VAL A 443 -3.30 9.69 11.90
CA VAL A 443 -2.50 10.23 13.01
C VAL A 443 -1.16 10.73 12.51
N VAL A 444 -0.52 9.97 11.61
CA VAL A 444 0.76 10.42 11.06
C VAL A 444 0.57 11.72 10.28
N ALA A 445 -0.53 11.81 9.53
CA ALA A 445 -0.80 13.01 8.75
C ALA A 445 -1.03 14.23 9.65
N MET A 446 -1.77 14.06 10.75
CA MET A 446 -1.92 15.18 11.67
C MET A 446 -0.59 15.58 12.28
N ALA A 447 0.23 14.60 12.67
CA ALA A 447 1.54 14.91 13.23
C ALA A 447 2.36 15.74 12.25
N TYR A 448 2.47 15.26 11.01
CA TYR A 448 3.26 15.98 10.01
C TYR A 448 2.67 17.35 9.73
N GLU A 449 1.34 17.45 9.64
CA GLU A 449 0.72 18.71 9.28
C GLU A 449 0.99 19.77 10.35
N GLU A 450 0.85 19.42 11.63
CA GLU A 450 1.11 20.39 12.68
C GLU A 450 2.59 20.73 12.76
N GLN A 451 3.47 19.74 12.54
CA GLN A 451 4.90 20.03 12.52
C GLN A 451 5.26 20.99 11.39
N ASN A 452 4.65 20.80 10.23
CA ASN A 452 4.88 21.69 9.10
C ASN A 452 4.39 23.09 9.41
N GLN A 453 3.24 23.21 10.06
CA GLN A 453 2.76 24.54 10.46
C GLN A 453 3.73 25.21 11.42
N ALA A 454 4.28 24.45 12.38
CA ALA A 454 5.26 25.02 13.28
C ALA A 454 6.50 25.49 12.54
N ASN A 455 6.98 24.69 11.59
CA ASN A 455 8.15 25.09 10.80
C ASN A 455 7.88 26.36 10.01
N ILE A 456 6.73 26.43 9.35
CA ILE A 456 6.39 27.61 8.57
C ILE A 456 6.27 28.84 9.45
N GLU A 457 5.65 28.70 10.63
CA GLU A 457 5.51 29.86 11.50
C GLU A 457 6.85 30.32 12.03
N GLU A 458 7.75 29.38 12.33
CA GLU A 458 9.11 29.75 12.74
C GLU A 458 9.85 30.46 11.61
N ALA A 459 9.72 29.99 10.38
CA ALA A 459 10.37 30.65 9.26
C ALA A 459 9.82 32.06 9.07
N LYS A 460 8.50 32.22 9.19
CA LYS A 460 7.90 33.54 9.07
C LYS A 460 8.40 34.47 10.17
N GLN A 461 8.48 33.98 11.40
CA GLN A 461 9.02 34.79 12.49
C GLN A 461 10.46 35.18 12.22
N LYS A 462 11.26 34.25 11.72
CA LYS A 462 12.64 34.57 11.35
C LYS A 462 12.68 35.68 10.31
N GLU A 463 11.78 35.62 9.32
CA GLU A 463 11.74 36.67 8.32
C GLU A 463 11.37 38.02 8.93
N LEU A 464 10.40 38.04 9.86
CA LEU A 464 10.02 39.31 10.48
C LEU A 464 11.17 39.89 11.30
N GLU A 465 11.90 39.06 12.05
CA GLU A 465 13.09 39.56 12.73
C GLU A 465 14.15 40.04 11.75
N PHE A 466 14.30 39.36 10.61
CA PHE A 466 15.25 39.80 9.60
C PHE A 466 14.89 41.18 9.08
N GLN A 467 13.60 41.40 8.80
CA GLN A 467 13.16 42.70 8.30
C GLN A 467 13.36 43.80 9.33
N GLN A 468 12.94 43.56 10.57
CA GLN A 468 13.00 44.57 11.61
C GLN A 468 14.43 44.90 12.01
N PRO A 771 29.08 40.33 -39.85
CA PRO A 771 28.76 40.90 -41.16
C PRO A 771 27.67 40.10 -41.88
N TYR A 772 28.09 39.12 -42.68
CA TYR A 772 27.13 38.16 -43.22
C TYR A 772 26.60 37.23 -42.14
N TRP A 773 27.46 36.89 -41.19
CA TRP A 773 27.06 35.96 -40.12
C TRP A 773 25.94 36.56 -39.29
N ILE A 774 26.01 37.86 -39.01
CA ILE A 774 25.03 38.46 -38.10
C ILE A 774 23.65 38.53 -38.75
N LYS A 775 23.57 38.96 -40.02
CA LYS A 775 22.25 39.00 -40.66
C LYS A 775 21.72 37.60 -40.92
N PHE A 776 22.60 36.66 -41.26
CA PHE A 776 22.19 35.27 -41.33
C PHE A 776 21.58 34.82 -40.01
N LYS A 777 22.20 35.20 -38.90
CA LYS A 777 21.74 34.70 -37.60
C LYS A 777 20.41 35.33 -37.21
N LYS A 778 20.18 36.57 -37.55
CA LYS A 778 18.96 37.20 -37.13
C LYS A 778 17.81 36.79 -38.02
N CYS A 779 18.09 36.48 -39.29
CA CYS A 779 17.03 35.99 -40.16
C CYS A 779 16.64 34.56 -39.78
N ILE A 780 17.63 33.71 -39.50
CA ILE A 780 17.30 32.34 -39.11
C ILE A 780 16.64 32.31 -37.73
N TYR A 781 16.99 33.26 -36.86
CA TYR A 781 16.29 33.39 -35.58
C TYR A 781 14.84 33.78 -35.81
N PHE A 782 14.58 34.68 -36.77
CA PHE A 782 13.20 35.02 -37.11
C PHE A 782 12.45 33.82 -37.66
N ILE A 783 13.16 32.92 -38.36
CA ILE A 783 12.51 31.68 -38.80
C ILE A 783 11.97 30.91 -37.60
N VAL A 784 12.62 31.02 -36.45
CA VAL A 784 12.10 30.44 -35.20
C VAL A 784 11.09 31.43 -34.63
N MET A 785 9.81 31.16 -34.86
CA MET A 785 8.73 31.90 -34.23
C MET A 785 8.01 30.97 -33.28
N ASP A 786 7.60 31.52 -32.14
CA ASP A 786 6.95 30.70 -31.11
C ASP A 786 5.76 29.91 -31.63
N PRO A 787 4.84 30.46 -32.43
CA PRO A 787 3.65 29.69 -32.79
C PRO A 787 3.90 28.45 -33.63
N PHE A 788 4.63 28.55 -34.73
CA PHE A 788 4.65 27.47 -35.72
C PHE A 788 5.74 26.44 -35.42
N VAL A 789 6.95 26.90 -35.13
CA VAL A 789 8.05 25.96 -34.89
C VAL A 789 7.75 25.09 -33.68
N ASP A 790 7.26 25.70 -32.60
CA ASP A 790 6.99 24.94 -31.39
C ASP A 790 5.90 23.91 -31.59
N LEU A 791 4.81 24.29 -32.28
CA LEU A 791 3.74 23.32 -32.51
C LEU A 791 4.16 22.23 -33.48
N ALA A 792 4.95 22.56 -34.50
CA ALA A 792 5.46 21.51 -35.37
C ALA A 792 6.30 20.54 -34.59
N ILE A 793 7.16 21.04 -33.69
CA ILE A 793 8.03 20.15 -32.93
C ILE A 793 7.22 19.30 -31.97
N THR A 794 6.20 19.89 -31.34
CA THR A 794 5.32 19.12 -30.47
C THR A 794 4.61 18.00 -31.24
N ILE A 795 4.13 18.30 -32.45
CA ILE A 795 3.46 17.28 -33.24
C ILE A 795 4.44 16.18 -33.62
N CYS A 796 5.67 16.54 -33.98
CA CYS A 796 6.66 15.50 -34.28
C CYS A 796 6.96 14.65 -33.04
N ILE A 797 6.97 15.26 -31.86
CA ILE A 797 7.21 14.48 -30.65
C ILE A 797 6.10 13.47 -30.42
N VAL A 798 4.84 13.92 -30.54
CA VAL A 798 3.70 13.03 -30.32
C VAL A 798 3.68 11.94 -31.38
N LEU A 799 4.00 12.27 -32.63
CA LEU A 799 4.08 11.25 -33.67
C LEU A 799 5.22 10.28 -33.42
N ASN A 800 6.33 10.76 -32.84
CA ASN A 800 7.41 9.85 -32.50
C ASN A 800 6.98 8.83 -31.45
N THR A 801 6.28 9.29 -30.42
CA THR A 801 5.86 8.35 -29.38
C THR A 801 4.80 7.39 -29.91
N LEU A 802 3.86 7.89 -30.71
CA LEU A 802 2.87 7.00 -31.31
C LEU A 802 3.46 6.10 -32.38
N PHE A 803 4.65 6.44 -32.90
CA PHE A 803 5.32 5.62 -33.89
C PHE A 803 6.18 4.54 -33.28
N MET A 804 6.81 4.81 -32.14
CA MET A 804 7.56 3.78 -31.42
C MET A 804 6.65 2.80 -30.70
N ALA A 805 5.37 3.12 -30.54
CA ALA A 805 4.40 2.22 -29.93
C ALA A 805 3.93 1.12 -30.87
N MET A 806 4.43 1.07 -32.10
CA MET A 806 4.05 0.05 -33.06
C MET A 806 5.00 -1.13 -33.07
N GLU A 807 6.02 -1.12 -32.22
CA GLU A 807 6.90 -2.26 -32.08
C GLU A 807 6.16 -3.42 -31.44
N HIS A 808 6.40 -4.62 -31.94
CA HIS A 808 5.85 -5.84 -31.36
C HIS A 808 6.78 -6.98 -31.73
N HIS A 809 6.57 -8.15 -31.10
CA HIS A 809 7.47 -9.25 -31.37
C HIS A 809 7.29 -9.89 -32.74
N PRO A 810 6.13 -10.48 -33.11
CA PRO A 810 6.07 -11.08 -34.43
C PRO A 810 6.04 -9.97 -35.47
N MET A 811 7.18 -9.71 -36.11
CA MET A 811 7.31 -8.55 -36.97
C MET A 811 8.00 -8.94 -38.26
N THR A 812 7.50 -8.42 -39.37
CA THR A 812 8.06 -8.66 -40.69
C THR A 812 9.04 -7.56 -41.05
N GLU A 813 9.93 -7.88 -42.00
CA GLU A 813 11.00 -6.97 -42.35
C GLU A 813 10.45 -5.62 -42.83
N GLU A 814 9.29 -5.62 -43.48
CA GLU A 814 8.68 -4.40 -43.97
C GLU A 814 8.40 -3.43 -42.82
N PHE A 815 7.75 -3.93 -41.78
CA PHE A 815 7.28 -3.06 -40.72
C PHE A 815 8.45 -2.61 -39.84
N LYS A 816 9.42 -3.49 -39.62
CA LYS A 816 10.63 -3.08 -38.93
C LYS A 816 11.38 -2.02 -39.72
N ASN A 817 11.43 -2.16 -41.05
CA ASN A 817 12.11 -1.17 -41.88
C ASN A 817 11.43 0.19 -41.81
N VAL A 818 10.10 0.22 -41.89
CA VAL A 818 9.41 1.51 -41.82
C VAL A 818 9.60 2.13 -40.44
N LEU A 819 9.58 1.31 -39.38
CA LEU A 819 9.86 1.85 -38.05
C LEU A 819 11.26 2.46 -37.98
N ALA A 820 12.26 1.76 -38.51
CA ALA A 820 13.63 2.25 -38.43
C ALA A 820 13.79 3.54 -39.21
N ILE A 821 13.26 3.60 -40.43
CA ILE A 821 13.41 4.82 -41.22
C ILE A 821 12.63 5.97 -40.59
N GLY A 822 11.48 5.69 -39.96
CA GLY A 822 10.77 6.73 -39.26
C GLY A 822 11.57 7.30 -38.09
N ASN A 823 12.22 6.42 -37.34
CA ASN A 823 13.05 6.90 -36.23
C ASN A 823 14.21 7.73 -36.76
N LEU A 824 14.80 7.31 -37.89
CA LEU A 824 15.85 8.10 -38.52
C LEU A 824 15.35 9.49 -38.89
N VAL A 825 14.17 9.57 -39.51
CA VAL A 825 13.60 10.87 -39.85
C VAL A 825 13.44 11.73 -38.60
N PHE A 826 12.81 11.19 -37.56
CA PHE A 826 12.51 12.02 -36.39
C PHE A 826 13.79 12.50 -35.71
N THR A 827 14.79 11.64 -35.55
CA THR A 827 16.03 12.13 -34.99
C THR A 827 16.67 13.17 -35.90
N GLY A 828 16.41 13.06 -37.21
CA GLY A 828 16.83 14.11 -38.12
C GLY A 828 16.22 15.46 -37.80
N ILE A 829 14.89 15.51 -37.65
CA ILE A 829 14.25 16.80 -37.33
C ILE A 829 14.76 17.33 -36.00
N PHE A 830 14.91 16.47 -35.00
CA PHE A 830 15.32 16.98 -33.70
C PHE A 830 16.77 17.49 -33.71
N ALA A 831 17.67 16.79 -34.42
CA ALA A 831 19.03 17.29 -34.57
C ALA A 831 19.06 18.60 -35.34
N ALA A 832 18.22 18.71 -36.37
CA ALA A 832 18.14 19.95 -37.12
C ALA A 832 17.67 21.11 -36.24
N GLU A 833 16.67 20.86 -35.40
CA GLU A 833 16.25 21.89 -34.45
C GLU A 833 17.39 22.28 -33.52
N MET A 834 18.12 21.30 -33.01
CA MET A 834 19.17 21.62 -32.05
C MET A 834 20.26 22.46 -32.70
N VAL A 835 20.70 22.10 -33.91
CA VAL A 835 21.74 22.90 -34.57
C VAL A 835 21.21 24.27 -34.96
N LEU A 836 19.95 24.35 -35.37
CA LEU A 836 19.39 25.62 -35.80
C LEU A 836 19.19 26.57 -34.63
N LYS A 837 18.85 26.08 -33.44
CA LYS A 837 18.84 26.93 -32.26
C LYS A 837 20.23 27.12 -31.66
N LEU A 838 21.21 26.29 -32.06
CA LEU A 838 22.60 26.57 -31.75
C LEU A 838 23.10 27.79 -32.51
N ILE A 839 22.72 27.93 -33.78
CA ILE A 839 23.28 29.00 -34.61
C ILE A 839 22.38 30.22 -34.64
N ALA A 840 21.07 30.06 -34.44
CA ALA A 840 20.18 31.22 -34.46
C ALA A 840 20.44 32.14 -33.28
N MET A 841 20.65 31.56 -32.10
CA MET A 841 21.06 32.30 -30.92
C MET A 841 22.36 31.68 -30.41
N ASP A 842 23.23 32.53 -29.87
CA ASP A 842 24.60 32.12 -29.60
C ASP A 842 24.64 30.90 -28.68
N PRO A 843 25.54 29.94 -28.96
CA PRO A 843 25.67 28.77 -28.09
C PRO A 843 25.90 29.12 -26.64
N TYR A 844 26.50 30.28 -26.37
CA TYR A 844 26.61 30.76 -24.99
C TYR A 844 25.23 30.96 -24.38
N GLU A 845 24.26 31.38 -25.19
CA GLU A 845 22.92 31.66 -24.70
C GLU A 845 21.94 30.53 -24.97
N TYR A 846 22.31 29.55 -25.79
CA TYR A 846 21.46 28.39 -25.99
C TYR A 846 21.29 27.63 -24.68
N PHE A 847 22.37 27.51 -23.91
CA PHE A 847 22.41 26.65 -22.73
C PHE A 847 21.91 27.36 -21.48
N GLN A 848 21.38 28.58 -21.61
CA GLN A 848 21.03 29.35 -20.42
C GLN A 848 19.74 28.83 -19.77
N VAL A 849 18.97 28.03 -20.49
CA VAL A 849 17.68 27.55 -20.01
C VAL A 849 17.71 26.03 -19.93
N GLY A 850 16.96 25.48 -18.96
CA GLY A 850 17.02 24.05 -18.68
C GLY A 850 16.47 23.19 -19.81
N TRP A 851 15.39 23.64 -20.44
CA TRP A 851 14.78 22.81 -21.48
C TRP A 851 15.75 22.59 -22.64
N ASN A 852 16.48 23.63 -23.02
CA ASN A 852 17.41 23.52 -24.13
C ASN A 852 18.54 22.54 -23.84
N ILE A 853 19.12 22.60 -22.64
CA ILE A 853 20.18 21.66 -22.32
C ILE A 853 19.63 20.24 -22.26
N PHE A 854 18.43 20.09 -21.67
CA PHE A 854 17.77 18.79 -21.63
C PHE A 854 17.67 18.20 -23.04
N ASP A 855 17.18 18.99 -23.98
CA ASP A 855 17.04 18.54 -25.36
C ASP A 855 18.40 18.23 -25.97
N SER A 856 19.43 18.94 -25.57
CA SER A 856 20.73 18.72 -26.16
C SER A 856 21.20 17.36 -25.75
N LEU A 857 21.05 17.06 -24.46
CA LEU A 857 21.44 15.76 -23.95
C LEU A 857 20.67 14.62 -24.62
N ILE A 858 19.40 14.87 -24.95
CA ILE A 858 18.63 13.84 -25.64
C ILE A 858 19.16 13.63 -27.06
N VAL A 859 19.44 14.73 -27.77
CA VAL A 859 19.88 14.62 -29.15
C VAL A 859 21.27 13.98 -29.23
N THR A 860 22.21 14.44 -28.41
CA THR A 860 23.56 13.91 -28.50
C THR A 860 23.59 12.44 -28.11
N LEU A 861 22.66 12.01 -27.25
CA LEU A 861 22.58 10.60 -26.89
C LEU A 861 21.93 9.77 -27.99
N SER A 862 20.94 10.34 -28.69
CA SER A 862 20.36 9.64 -29.84
C SER A 862 21.37 9.48 -30.96
N LEU A 863 22.22 10.47 -31.19
CA LEU A 863 23.31 10.30 -32.16
C LEU A 863 24.29 9.22 -31.69
N VAL A 864 24.60 9.17 -30.41
CA VAL A 864 25.44 8.09 -29.88
C VAL A 864 24.81 6.74 -30.19
N GLU A 865 23.49 6.65 -30.04
CA GLU A 865 22.77 5.47 -30.53
C GLU A 865 23.05 5.22 -32.00
N LEU A 866 22.90 6.27 -32.83
CA LEU A 866 23.01 6.09 -34.27
C LEU A 866 24.43 5.68 -34.67
N PHE A 867 25.41 5.87 -33.79
CA PHE A 867 26.78 5.47 -34.09
C PHE A 867 26.86 4.02 -34.52
N LEU A 868 26.30 3.11 -33.73
CA LEU A 868 26.32 1.69 -34.06
C LEU A 868 25.29 0.95 -33.23
N LEU A 874 22.06 0.42 -28.04
CA LEU A 874 21.81 -0.57 -27.01
C LEU A 874 20.34 -0.47 -26.57
N SER A 875 19.79 -1.59 -26.11
CA SER A 875 18.35 -1.68 -25.88
C SER A 875 17.86 -0.64 -24.88
N VAL A 876 18.57 -0.50 -23.75
CA VAL A 876 18.20 0.52 -22.79
C VAL A 876 18.39 1.90 -23.39
N LEU A 877 19.42 2.07 -24.21
CA LEU A 877 19.70 3.36 -24.80
C LEU A 877 18.70 3.72 -25.89
N ARG A 878 18.02 2.72 -26.45
CA ARG A 878 17.01 2.96 -27.48
C ARG A 878 15.87 3.82 -26.98
N SER A 879 15.60 3.82 -25.67
CA SER A 879 14.35 4.33 -25.13
C SER A 879 14.45 5.72 -24.52
N PHE A 880 15.66 6.22 -24.26
CA PHE A 880 15.75 7.57 -23.73
C PHE A 880 15.31 8.63 -24.71
N ARG A 881 15.01 8.25 -25.96
CA ARG A 881 14.23 9.13 -26.82
C ARG A 881 12.91 9.52 -26.15
N LEU A 882 12.30 8.58 -25.44
CA LEU A 882 10.96 8.78 -24.89
C LEU A 882 10.87 9.96 -23.94
N LEU A 883 11.98 10.40 -23.34
CA LEU A 883 11.87 11.46 -22.35
C LEU A 883 11.45 12.79 -22.95
N ARG A 884 11.55 12.99 -24.26
CA ARG A 884 11.22 14.29 -24.82
C ARG A 884 9.73 14.58 -24.71
N VAL A 885 8.92 13.58 -24.38
CA VAL A 885 7.51 13.81 -24.12
C VAL A 885 7.35 14.83 -23.00
N PHE A 886 8.23 14.77 -22.01
CA PHE A 886 8.07 15.61 -20.83
C PHE A 886 8.18 17.08 -21.17
N LYS A 887 8.69 17.41 -22.36
CA LYS A 887 8.66 18.78 -22.85
C LYS A 887 7.23 19.29 -23.01
N LEU A 888 6.25 18.39 -23.06
CA LEU A 888 4.86 18.79 -23.14
C LEU A 888 4.36 19.45 -21.86
N ALA A 889 5.21 19.51 -20.83
CA ALA A 889 4.81 20.00 -19.52
C ALA A 889 4.43 21.47 -19.54
N LYS A 890 5.07 22.26 -20.41
CA LYS A 890 4.82 23.69 -20.44
C LYS A 890 3.36 24.00 -20.75
N SER A 891 2.80 23.28 -21.72
CA SER A 891 1.41 23.50 -22.11
C SER A 891 0.45 22.79 -21.16
N TRP A 892 0.79 21.57 -20.75
CA TRP A 892 -0.13 20.72 -20.01
C TRP A 892 0.04 20.90 -18.51
N PRO A 893 -0.97 21.47 -17.84
CA PRO A 893 -0.81 21.81 -16.42
C PRO A 893 -0.59 20.62 -15.51
N THR A 894 -1.17 19.46 -15.81
CA THR A 894 -1.18 18.36 -14.85
C THR A 894 0.11 17.56 -14.92
N LEU A 895 0.67 17.41 -16.12
CA LEU A 895 1.99 16.78 -16.22
C LEU A 895 3.04 17.60 -15.48
N ASN A 896 2.89 18.92 -15.51
CA ASN A 896 3.81 19.79 -14.80
C ASN A 896 3.77 19.54 -13.30
N MET A 897 2.61 19.14 -12.77
CA MET A 897 2.53 18.83 -11.36
C MET A 897 3.27 17.54 -11.01
N LEU A 898 3.24 16.56 -11.90
CA LEU A 898 4.07 15.37 -11.70
C LEU A 898 5.55 15.73 -11.73
N ILE A 899 5.93 16.65 -12.63
CA ILE A 899 7.31 17.13 -12.63
C ILE A 899 7.65 17.80 -11.31
N LYS A 900 6.74 18.62 -10.79
CA LYS A 900 6.97 19.31 -9.52
C LYS A 900 7.17 18.30 -8.38
N ILE A 901 6.34 17.26 -8.35
CA ILE A 901 6.44 16.26 -7.29
C ILE A 901 7.76 15.51 -7.38
N ILE A 902 8.14 15.09 -8.59
CA ILE A 902 9.41 14.38 -8.74
C ILE A 902 10.58 15.31 -8.37
N GLY A 903 10.43 16.61 -8.61
CA GLY A 903 11.46 17.56 -8.21
C GLY A 903 11.57 17.70 -6.72
N ASN A 904 10.42 17.77 -6.03
CA ASN A 904 10.45 17.79 -4.57
C ASN A 904 11.08 16.53 -4.01
N SER A 905 10.94 15.42 -4.73
CA SER A 905 11.55 14.16 -4.28
C SER A 905 13.05 14.31 -4.04
N VAL A 906 13.72 15.20 -4.77
CA VAL A 906 15.15 15.43 -4.62
C VAL A 906 15.48 16.87 -4.29
N GLY A 907 14.48 17.74 -4.14
CA GLY A 907 14.73 19.14 -3.92
C GLY A 907 14.50 19.57 -2.49
N ALA A 908 13.35 20.20 -2.23
CA ALA A 908 13.05 20.65 -0.88
C ALA A 908 13.05 19.50 0.11
N LEU A 909 12.74 18.29 -0.36
CA LEU A 909 12.62 17.10 0.48
C LEU A 909 13.67 16.05 0.14
N GLY A 910 14.89 16.49 -0.15
CA GLY A 910 15.94 15.54 -0.48
C GLY A 910 16.52 14.87 0.75
N ASN A 911 16.46 15.55 1.90
CA ASN A 911 17.01 14.98 3.12
C ASN A 911 16.19 13.78 3.58
N LEU A 912 14.86 13.85 3.47
CA LEU A 912 14.04 12.73 3.89
C LEU A 912 14.22 11.55 2.95
N THR A 913 14.32 11.81 1.65
CA THR A 913 14.63 10.75 0.69
C THR A 913 15.99 10.14 0.97
N LEU A 914 16.93 10.96 1.44
CA LEU A 914 18.26 10.45 1.76
C LEU A 914 18.24 9.59 3.01
N VAL A 915 17.46 9.98 4.01
CA VAL A 915 17.23 9.11 5.16
C VAL A 915 16.66 7.77 4.71
N LEU A 916 15.66 7.81 3.82
CA LEU A 916 15.05 6.57 3.36
C LEU A 916 16.06 5.68 2.66
N ALA A 917 16.89 6.28 1.80
CA ALA A 917 17.92 5.49 1.11
C ALA A 917 18.90 4.88 2.10
N ILE A 918 19.30 5.65 3.11
CA ILE A 918 20.25 5.15 4.10
C ILE A 918 19.65 3.98 4.86
N ILE A 919 18.39 4.10 5.26
CA ILE A 919 17.73 3.02 6.01
C ILE A 919 17.60 1.77 5.16
N VAL A 920 17.23 1.91 3.88
CA VAL A 920 17.14 0.72 3.03
C VAL A 920 18.51 0.06 2.88
N PHE A 921 19.56 0.87 2.72
CA PHE A 921 20.92 0.35 2.72
C PHE A 921 21.23 -0.44 3.98
N ILE A 922 20.93 0.14 5.13
CA ILE A 922 21.30 -0.47 6.41
C ILE A 922 20.54 -1.76 6.62
N PHE A 923 19.24 -1.77 6.32
CA PHE A 923 18.47 -3.00 6.45
C PHE A 923 18.98 -4.07 5.51
N ALA A 924 19.29 -3.72 4.27
CA ALA A 924 19.80 -4.70 3.32
C ALA A 924 21.10 -5.31 3.83
N VAL A 925 22.03 -4.48 4.28
CA VAL A 925 23.34 -4.97 4.69
C VAL A 925 23.23 -5.75 6.00
N VAL A 926 22.37 -5.33 6.92
CA VAL A 926 22.17 -6.06 8.17
C VAL A 926 21.59 -7.44 7.90
N GLY A 927 20.51 -7.50 7.10
CA GLY A 927 19.95 -8.78 6.77
C GLY A 927 20.92 -9.68 6.05
N MET A 928 21.73 -9.10 5.17
CA MET A 928 22.74 -9.88 4.47
C MET A 928 23.77 -10.46 5.43
N GLN A 929 24.31 -9.62 6.32
CA GLN A 929 25.32 -10.09 7.27
C GLN A 929 24.75 -11.18 8.17
N LEU A 930 23.52 -11.00 8.64
CA LEU A 930 22.93 -11.97 9.55
C LEU A 930 22.61 -13.29 8.86
N PHE A 931 22.04 -13.24 7.66
CA PHE A 931 21.37 -14.41 7.10
C PHE A 931 22.02 -14.99 5.85
N GLY A 932 23.08 -14.40 5.31
CA GLY A 932 23.61 -14.94 4.06
C GLY A 932 24.13 -16.36 4.20
N LYS A 933 25.00 -16.59 5.18
CA LYS A 933 25.55 -17.93 5.35
C LYS A 933 24.50 -18.91 5.79
N SER A 934 23.48 -18.44 6.52
CA SER A 934 22.34 -19.30 6.85
C SER A 934 21.63 -19.77 5.60
N TYR A 935 21.29 -18.84 4.70
CA TYR A 935 20.66 -19.20 3.44
C TYR A 935 21.52 -20.17 2.64
N LYS A 936 22.83 -19.96 2.62
CA LYS A 936 23.69 -20.83 1.83
C LYS A 936 23.79 -22.22 2.42
N GLU A 937 24.06 -22.32 3.73
CA GLU A 937 24.39 -23.63 4.31
C GLU A 937 23.14 -24.49 4.52
N CYS A 938 22.00 -23.86 4.86
CA CYS A 938 20.74 -24.58 5.03
C CYS A 938 19.87 -24.49 3.78
N VAL A 939 20.50 -24.43 2.60
CA VAL A 939 19.76 -24.22 1.36
C VAL A 939 18.78 -25.36 1.12
N CYS A 940 19.13 -26.57 1.56
CA CYS A 940 18.36 -27.75 1.23
C CYS A 940 17.01 -27.79 1.95
N LYS A 941 16.73 -26.92 2.86
CA LYS A 941 15.52 -27.00 3.62
C LYS A 941 14.50 -25.98 3.14
N ILE A 942 14.83 -25.16 2.17
CA ILE A 942 13.86 -24.23 1.59
C ILE A 942 13.64 -24.46 0.11
N ASN A 943 14.40 -25.35 -0.52
CA ASN A 943 14.33 -25.63 -1.95
C ASN A 943 14.58 -27.08 -2.16
N ASP A 944 13.94 -27.66 -3.15
CA ASP A 944 14.03 -29.11 -3.26
C ASP A 944 15.24 -29.58 -4.06
N ASP A 945 15.57 -28.90 -5.17
CA ASP A 945 16.79 -29.29 -5.88
C ASP A 945 18.04 -28.77 -5.20
N CYS A 946 17.91 -28.25 -3.98
CA CYS A 946 19.03 -27.90 -3.11
C CYS A 946 19.90 -26.82 -3.75
N THR A 947 19.23 -25.80 -4.30
CA THR A 947 19.87 -24.60 -4.81
C THR A 947 19.15 -23.40 -4.23
N LEU A 948 19.81 -22.25 -4.28
CA LEU A 948 19.28 -21.05 -3.63
C LEU A 948 17.92 -20.69 -4.22
N PRO A 949 17.00 -20.16 -3.40
CA PRO A 949 15.70 -19.75 -3.94
C PRO A 949 15.82 -18.53 -4.82
N ARG A 950 14.69 -18.02 -5.31
CA ARG A 950 14.73 -16.79 -6.10
C ARG A 950 14.97 -15.56 -5.24
N TRP A 951 14.38 -15.52 -4.05
CA TRP A 951 14.59 -14.42 -3.12
C TRP A 951 15.38 -14.93 -1.93
N HIS A 952 16.51 -14.29 -1.66
CA HIS A 952 17.45 -14.70 -0.65
C HIS A 952 18.26 -13.48 -0.21
N MET A 953 19.02 -13.64 0.86
CA MET A 953 19.81 -12.54 1.42
C MET A 953 21.29 -12.89 1.42
N ASN A 954 21.70 -13.74 0.48
CA ASN A 954 23.08 -14.14 0.31
C ASN A 954 23.96 -13.03 -0.24
N ASP A 955 23.40 -12.14 -1.06
CA ASP A 955 24.16 -11.08 -1.72
C ASP A 955 23.58 -9.75 -1.30
N PHE A 956 24.32 -8.68 -1.56
CA PHE A 956 23.80 -7.35 -1.24
C PHE A 956 22.60 -7.03 -2.11
N PHE A 957 22.66 -7.34 -3.40
CA PHE A 957 21.56 -7.00 -4.29
C PHE A 957 20.29 -7.76 -3.93
N HIS A 958 20.41 -9.06 -3.64
CA HIS A 958 19.21 -9.82 -3.30
C HIS A 958 18.64 -9.47 -1.94
N SER A 959 19.49 -9.18 -0.96
CA SER A 959 18.97 -8.67 0.31
C SER A 959 18.30 -7.31 0.12
N PHE A 960 18.86 -6.47 -0.75
CA PHE A 960 18.20 -5.22 -1.09
C PHE A 960 16.84 -5.47 -1.70
N LEU A 961 16.75 -6.45 -2.61
CA LEU A 961 15.47 -6.74 -3.23
C LEU A 961 14.46 -7.25 -2.22
N ILE A 962 14.88 -8.08 -1.27
CA ILE A 962 13.97 -8.52 -0.21
C ILE A 962 13.50 -7.33 0.61
N VAL A 963 14.40 -6.41 0.95
CA VAL A 963 13.99 -5.25 1.73
C VAL A 963 13.02 -4.38 0.94
N PHE A 964 13.29 -4.19 -0.35
CA PHE A 964 12.39 -3.43 -1.20
C PHE A 964 11.02 -4.09 -1.30
N ARG A 965 11.00 -5.41 -1.47
CA ARG A 965 9.74 -6.13 -1.56
C ARG A 965 8.95 -5.99 -0.27
N VAL A 966 9.62 -6.06 0.88
CA VAL A 966 8.95 -5.85 2.15
C VAL A 966 8.37 -4.45 2.22
N LEU A 967 9.12 -3.46 1.73
CA LEU A 967 8.60 -2.09 1.65
C LEU A 967 7.40 -1.98 0.72
N CYS A 968 7.31 -2.86 -0.28
CA CYS A 968 6.17 -2.87 -1.19
C CYS A 968 4.94 -3.49 -0.55
N GLY A 969 5.14 -4.44 0.36
CA GLY A 969 4.03 -5.05 1.07
C GLY A 969 4.09 -6.55 1.16
N GLU A 970 5.19 -7.16 0.74
CA GLU A 970 5.30 -8.61 0.61
C GLU A 970 6.38 -9.13 1.55
N TRP A 971 5.97 -9.67 2.69
CA TRP A 971 6.90 -10.03 3.75
C TRP A 971 6.68 -11.40 4.38
N ILE A 972 5.52 -12.04 4.21
CA ILE A 972 5.30 -13.35 4.84
C ILE A 972 6.05 -14.45 4.09
N GLU A 973 6.07 -14.37 2.75
CA GLU A 973 6.56 -15.50 1.97
C GLU A 973 8.06 -15.66 2.11
N THR A 974 8.79 -14.55 2.18
CA THR A 974 10.23 -14.63 2.35
C THR A 974 10.60 -14.87 3.81
N MET A 975 9.75 -14.42 4.74
CA MET A 975 10.06 -14.68 6.13
C MET A 975 9.88 -16.16 6.45
N TRP A 976 8.93 -16.84 5.82
CA TRP A 976 8.84 -18.29 5.98
C TRP A 976 10.18 -18.96 5.72
N ASP A 977 10.83 -18.61 4.62
CA ASP A 977 12.11 -19.23 4.29
C ASP A 977 13.20 -18.79 5.26
N CYS A 978 13.21 -17.50 5.60
CA CYS A 978 14.16 -16.98 6.57
C CYS A 978 14.10 -17.84 7.80
N MET A 979 12.94 -17.92 8.42
CA MET A 979 12.75 -18.71 9.64
C MET A 979 13.01 -20.19 9.41
N GLU A 980 12.88 -20.67 8.19
CA GLU A 980 13.26 -22.05 7.94
C GLU A 980 14.76 -22.24 8.06
N VAL A 981 15.56 -21.26 7.63
CA VAL A 981 17.01 -21.43 7.61
C VAL A 981 17.70 -20.75 8.78
N ALA A 982 17.14 -19.66 9.30
CA ALA A 982 17.80 -18.86 10.33
C ALA A 982 17.01 -18.78 11.63
N GLY A 983 16.08 -19.68 11.84
CA GLY A 983 15.37 -19.70 13.11
C GLY A 983 14.35 -18.60 13.27
N GLN A 984 13.37 -18.83 14.14
CA GLN A 984 12.21 -17.94 14.23
C GLN A 984 12.58 -16.56 14.76
N ALA A 985 13.34 -16.50 15.86
CA ALA A 985 13.48 -15.25 16.61
C ALA A 985 14.08 -14.14 15.76
N MET A 986 15.36 -14.27 15.40
CA MET A 986 16.03 -13.21 14.66
C MET A 986 15.23 -12.81 13.44
N CYS A 987 14.65 -13.78 12.75
CA CYS A 987 13.87 -13.50 11.56
C CYS A 987 12.70 -12.59 11.88
N LEU A 988 11.97 -12.90 12.95
CA LEU A 988 10.85 -12.07 13.36
C LEU A 988 11.28 -10.66 13.75
N ILE A 989 12.29 -10.53 14.61
CA ILE A 989 12.68 -9.17 15.03
C ILE A 989 13.15 -8.36 13.84
N VAL A 990 14.01 -8.94 12.98
CA VAL A 990 14.55 -8.16 11.88
C VAL A 990 13.44 -7.78 10.89
N TYR A 991 12.54 -8.71 10.58
CA TYR A 991 11.48 -8.40 9.63
C TYR A 991 10.50 -7.38 10.17
N MET A 992 10.11 -7.49 11.44
CA MET A 992 9.21 -6.50 11.99
C MET A 992 9.88 -5.14 12.15
N MET A 993 11.17 -5.10 12.44
CA MET A 993 11.89 -3.83 12.41
C MET A 993 11.84 -3.20 11.03
N VAL A 994 12.10 -4.01 9.99
CA VAL A 994 12.04 -3.48 8.63
C VAL A 994 10.63 -2.97 8.33
N MET A 995 9.61 -3.78 8.61
CA MET A 995 8.24 -3.36 8.38
C MET A 995 7.95 -2.02 9.04
N VAL A 996 8.10 -1.95 10.36
CA VAL A 996 7.69 -0.75 11.08
C VAL A 996 8.49 0.47 10.62
N ILE A 997 9.82 0.36 10.61
CA ILE A 997 10.64 1.54 10.34
C ILE A 997 10.52 1.97 8.88
N GLY A 998 10.63 1.01 7.95
CA GLY A 998 10.55 1.35 6.55
C GLY A 998 9.20 1.89 6.15
N ASN A 999 8.12 1.25 6.60
CA ASN A 999 6.80 1.77 6.30
C ASN A 999 6.59 3.14 6.91
N LEU A 1000 7.12 3.37 8.11
CA LEU A 1000 7.06 4.69 8.71
C LEU A 1000 7.73 5.73 7.84
N VAL A 1001 8.93 5.44 7.35
CA VAL A 1001 9.67 6.45 6.60
C VAL A 1001 9.03 6.68 5.24
N VAL A 1002 8.59 5.61 4.58
CA VAL A 1002 7.94 5.74 3.27
C VAL A 1002 6.63 6.51 3.39
N LEU A 1003 5.84 6.23 4.42
CA LEU A 1003 4.61 6.97 4.64
C LEU A 1003 4.89 8.43 4.92
N ASN A 1004 5.92 8.72 5.73
CA ASN A 1004 6.29 10.10 5.98
C ASN A 1004 6.66 10.82 4.70
N LEU A 1005 7.45 10.16 3.83
CA LEU A 1005 7.85 10.78 2.58
C LEU A 1005 6.66 11.04 1.68
N PHE A 1006 5.76 10.06 1.56
CA PHE A 1006 4.58 10.22 0.72
C PHE A 1006 3.72 11.38 1.20
N LEU A 1007 3.47 11.44 2.51
CA LEU A 1007 2.65 12.50 3.07
C LEU A 1007 3.32 13.85 2.92
N ALA A 1008 4.64 13.90 3.05
CA ALA A 1008 5.37 15.15 2.87
C ALA A 1008 5.24 15.65 1.45
N LEU A 1009 5.47 14.80 0.46
CA LEU A 1009 5.29 15.21 -0.93
C LEU A 1009 3.89 15.73 -1.17
N LEU A 1010 2.88 14.94 -0.78
CA LEU A 1010 1.49 15.34 -0.96
C LEU A 1010 1.22 16.73 -0.36
N LEU A 1011 1.40 16.86 0.95
CA LEU A 1011 1.06 18.11 1.61
C LEU A 1011 1.87 19.27 1.05
N SER A 1012 3.18 19.08 0.88
CA SER A 1012 4.04 20.18 0.44
C SER A 1012 3.62 20.70 -0.92
N SER A 1013 3.46 19.81 -1.91
CA SER A 1013 3.20 20.33 -3.25
C SER A 1013 1.76 20.81 -3.41
N PHE A 1014 0.78 20.06 -2.89
CA PHE A 1014 -0.60 20.50 -3.08
C PHE A 1014 -1.01 21.56 -2.07
N SER A 1015 -0.09 22.00 -1.21
CA SER A 1015 -0.25 23.29 -0.56
C SER A 1015 0.61 24.37 -1.19
N SER A 1016 1.54 23.93 -2.02
CA SER A 1016 2.38 24.88 -2.74
C SER A 1016 1.49 25.56 -3.75
N ASP A 1017 0.74 24.76 -4.49
CA ASP A 1017 -0.19 25.35 -5.45
C ASP A 1017 -1.37 26.00 -4.73
N ASN A 1018 -1.61 25.62 -3.48
CA ASN A 1018 -2.69 26.21 -2.71
C ASN A 1018 -2.28 27.55 -2.11
N ASP A 1027 5.57 36.49 -19.82
CA ASP A 1027 5.38 36.17 -21.24
C ASP A 1027 4.40 35.02 -21.40
N ALA A 1028 3.53 35.11 -22.40
CA ALA A 1028 2.54 34.06 -22.62
C ALA A 1028 3.23 32.79 -23.09
N ASN A 1029 2.63 31.65 -22.75
CA ASN A 1029 3.15 30.36 -23.17
C ASN A 1029 3.18 30.27 -24.69
N ASN A 1030 4.20 29.59 -25.22
CA ASN A 1030 4.39 29.53 -26.66
C ASN A 1030 3.21 28.88 -27.36
N LEU A 1031 2.68 27.79 -26.79
CA LEU A 1031 1.44 27.23 -27.33
C LEU A 1031 0.32 28.25 -27.28
N GLN A 1032 0.28 29.09 -26.24
CA GLN A 1032 -0.76 30.11 -26.17
C GLN A 1032 -0.60 31.14 -27.29
N ILE A 1033 0.63 31.51 -27.63
CA ILE A 1033 0.86 32.38 -28.77
C ILE A 1033 0.41 31.72 -30.07
N ALA A 1034 0.69 30.42 -30.21
CA ALA A 1034 0.23 29.69 -31.39
C ALA A 1034 -1.29 29.69 -31.47
N VAL A 1035 -1.96 29.45 -30.34
CA VAL A 1035 -3.42 29.48 -30.31
C VAL A 1035 -3.91 30.86 -30.69
N THR A 1036 -3.22 31.89 -30.22
CA THR A 1036 -3.68 33.20 -30.58
C THR A 1036 -3.63 33.40 -32.07
N ARG A 1037 -2.49 33.17 -32.68
CA ARG A 1037 -2.39 33.47 -34.12
C ARG A 1037 -3.29 32.55 -34.94
N ILE A 1038 -3.38 31.27 -34.54
CA ILE A 1038 -4.21 30.34 -35.30
C ILE A 1038 -5.69 30.68 -35.14
N LYS A 1039 -6.09 31.16 -33.97
CA LYS A 1039 -7.44 31.67 -33.78
C LYS A 1039 -7.64 32.91 -34.63
N LYS A 1040 -6.65 33.80 -34.67
CA LYS A 1040 -6.72 34.98 -35.53
C LYS A 1040 -6.99 34.58 -36.97
N GLY A 1041 -6.17 33.67 -37.50
CA GLY A 1041 -6.31 33.22 -38.87
C GLY A 1041 -7.61 32.52 -39.16
N ILE A 1042 -7.99 31.56 -38.31
CA ILE A 1042 -9.19 30.77 -38.56
C ILE A 1042 -10.43 31.63 -38.41
N ASN A 1043 -10.45 32.52 -37.41
CA ASN A 1043 -11.59 33.42 -37.22
C ASN A 1043 -11.67 34.42 -38.36
N TYR A 1044 -10.52 34.95 -38.79
CA TYR A 1044 -10.49 35.91 -39.89
C TYR A 1044 -11.06 35.28 -41.16
N VAL A 1045 -10.55 34.11 -41.54
CA VAL A 1045 -11.07 33.45 -42.74
C VAL A 1045 -12.52 33.04 -42.54
N LYS A 1046 -12.90 32.63 -41.32
CA LYS A 1046 -14.26 32.15 -41.09
C LYS A 1046 -15.28 33.26 -41.26
N GLN A 1047 -15.06 34.42 -40.61
CA GLN A 1047 -16.01 35.51 -40.75
C GLN A 1047 -15.89 36.18 -42.12
N THR A 1048 -14.73 36.16 -42.76
CA THR A 1048 -14.68 36.76 -44.08
C THR A 1048 -15.44 35.86 -45.08
N LEU A 1049 -15.37 34.53 -44.94
CA LEU A 1049 -16.20 33.67 -45.79
C LEU A 1049 -17.67 33.76 -45.38
N ARG A 1050 -17.95 34.05 -44.11
CA ARG A 1050 -19.32 34.34 -43.71
C ARG A 1050 -19.85 35.55 -44.45
N GLU A 1051 -19.07 36.62 -44.49
CA GLU A 1051 -19.45 37.80 -45.25
C GLU A 1051 -19.53 37.48 -46.74
N PHE A 1052 -18.66 36.60 -47.23
CA PHE A 1052 -18.70 36.19 -48.63
C PHE A 1052 -20.02 35.51 -48.95
N ILE A 1053 -20.49 34.61 -48.08
CA ILE A 1053 -21.73 33.90 -48.37
C ILE A 1053 -22.94 34.81 -48.18
N LEU A 1054 -22.86 35.79 -47.27
CA LEU A 1054 -23.93 36.78 -47.19
C LEU A 1054 -24.00 37.63 -48.45
N LYS A 1055 -22.83 38.05 -48.97
CA LYS A 1055 -22.79 38.94 -50.13
C LYS A 1055 -23.12 38.19 -51.42
N ALA A 1056 -22.83 36.90 -51.47
CA ALA A 1056 -23.19 36.11 -52.66
C ALA A 1056 -24.70 35.98 -52.78
N PHE A 1057 -25.40 35.81 -51.66
CA PHE A 1057 -26.85 35.65 -51.66
C PHE A 1057 -27.53 36.94 -51.24
N GLY A 1218 -59.97 18.35 -26.08
CA GLY A 1218 -58.63 18.00 -25.64
C GLY A 1218 -58.48 17.97 -24.14
N LYS A 1219 -59.58 18.22 -23.43
CA LYS A 1219 -59.53 18.24 -21.98
C LYS A 1219 -59.39 16.84 -21.39
N ILE A 1220 -59.87 15.82 -22.10
CA ILE A 1220 -59.80 14.45 -21.58
C ILE A 1220 -58.37 13.95 -21.54
N TRP A 1221 -57.56 14.32 -22.54
CA TRP A 1221 -56.16 13.93 -22.53
C TRP A 1221 -55.41 14.54 -21.35
N TRP A 1222 -55.68 15.81 -21.05
CA TRP A 1222 -54.96 16.44 -19.95
C TRP A 1222 -55.56 16.00 -18.61
N ASN A 1223 -56.78 15.47 -18.64
CA ASN A 1223 -57.30 14.74 -17.48
C ASN A 1223 -56.50 13.49 -17.22
N ILE A 1224 -56.28 12.68 -18.26
CA ILE A 1224 -55.39 11.54 -18.15
C ILE A 1224 -54.01 12.01 -17.67
N ARG A 1225 -53.60 13.19 -18.12
CA ARG A 1225 -52.30 13.72 -17.71
C ARG A 1225 -52.24 13.91 -16.20
N LYS A 1226 -53.14 14.62 -15.62
CA LYS A 1226 -53.07 14.79 -14.21
C LYS A 1226 -53.19 13.50 -13.48
N THR A 1227 -54.14 12.65 -13.84
CA THR A 1227 -54.37 11.44 -13.06
C THR A 1227 -53.14 10.55 -13.08
N CYS A 1228 -52.52 10.39 -14.25
CA CYS A 1228 -51.26 9.63 -14.32
C CYS A 1228 -50.18 10.31 -13.50
N TYR A 1229 -50.13 11.65 -13.50
CA TYR A 1229 -49.07 12.34 -12.78
C TYR A 1229 -49.18 12.11 -11.28
N LYS A 1230 -50.37 12.03 -10.74
CA LYS A 1230 -50.43 11.74 -9.34
C LYS A 1230 -50.26 10.26 -9.13
N ILE A 1231 -50.59 9.44 -10.12
CA ILE A 1231 -50.35 8.00 -9.97
C ILE A 1231 -48.86 7.72 -9.78
N VAL A 1232 -48.03 8.27 -10.67
CA VAL A 1232 -46.60 7.94 -10.62
C VAL A 1232 -45.95 8.55 -9.37
N GLU A 1233 -46.40 9.72 -8.95
CA GLU A 1233 -45.83 10.34 -7.77
C GLU A 1233 -46.42 9.78 -6.48
N HIS A 1234 -47.44 8.95 -6.55
CA HIS A 1234 -48.04 8.39 -5.35
C HIS A 1234 -47.12 7.34 -4.75
N SER A 1235 -47.04 7.31 -3.42
CA SER A 1235 -46.00 6.56 -2.73
C SER A 1235 -46.08 5.07 -3.02
N TRP A 1236 -47.29 4.51 -3.06
CA TRP A 1236 -47.42 3.07 -3.23
C TRP A 1236 -46.83 2.61 -4.55
N PHE A 1237 -46.99 3.40 -5.61
CA PHE A 1237 -46.37 3.04 -6.88
C PHE A 1237 -44.85 2.98 -6.75
N GLU A 1238 -44.25 3.97 -6.10
CA GLU A 1238 -42.79 3.97 -5.95
C GLU A 1238 -42.31 2.76 -5.15
N SER A 1239 -42.95 2.50 -4.01
CA SER A 1239 -42.54 1.37 -3.19
C SER A 1239 -42.73 0.05 -3.93
N PHE A 1240 -43.84 -0.09 -4.65
CA PHE A 1240 -44.07 -1.30 -5.44
C PHE A 1240 -42.99 -1.46 -6.50
N ILE A 1241 -42.61 -0.38 -7.17
CA ILE A 1241 -41.62 -0.49 -8.24
C ILE A 1241 -40.26 -0.85 -7.65
N VAL A 1242 -39.90 -0.27 -6.51
CA VAL A 1242 -38.62 -0.63 -5.88
C VAL A 1242 -38.61 -2.09 -5.49
N LEU A 1243 -39.71 -2.58 -4.90
CA LEU A 1243 -39.82 -4.01 -4.64
C LEU A 1243 -39.67 -4.81 -5.92
N MET A 1244 -40.21 -4.30 -7.02
CA MET A 1244 -40.20 -5.04 -8.27
C MET A 1244 -38.77 -5.18 -8.78
N ILE A 1245 -37.99 -4.09 -8.70
CA ILE A 1245 -36.58 -4.13 -9.11
C ILE A 1245 -35.79 -5.06 -8.22
N LEU A 1246 -36.02 -4.98 -6.90
CA LEU A 1246 -35.32 -5.89 -6.00
C LEU A 1246 -35.61 -7.34 -6.36
N LEU A 1247 -36.87 -7.66 -6.68
CA LEU A 1247 -37.21 -9.04 -7.01
C LEU A 1247 -36.58 -9.48 -8.31
N SER A 1248 -36.58 -8.63 -9.34
CA SER A 1248 -35.94 -9.00 -10.60
C SER A 1248 -34.44 -9.21 -10.41
N SER A 1249 -33.79 -8.29 -9.70
CA SER A 1249 -32.36 -8.41 -9.45
C SER A 1249 -32.05 -9.68 -8.66
N GLY A 1250 -32.87 -10.01 -7.67
CA GLY A 1250 -32.65 -11.23 -6.93
C GLY A 1250 -32.87 -12.48 -7.77
N ALA A 1251 -33.90 -12.45 -8.62
CA ALA A 1251 -34.16 -13.58 -9.51
C ALA A 1251 -32.99 -13.81 -10.44
N LEU A 1252 -32.22 -12.75 -10.73
CA LEU A 1252 -31.02 -12.90 -11.53
C LEU A 1252 -30.05 -13.93 -10.95
N ALA A 1253 -30.03 -14.09 -9.62
CA ALA A 1253 -28.98 -14.87 -8.95
C ALA A 1253 -29.23 -16.37 -8.99
N PHE A 1254 -30.38 -16.83 -9.45
CA PHE A 1254 -30.68 -18.25 -9.46
C PHE A 1254 -30.24 -18.95 -10.73
N GLU A 1255 -29.99 -18.24 -11.77
CA GLU A 1255 -29.65 -18.84 -13.02
C GLU A 1255 -28.26 -19.21 -13.02
N ASP A 1256 -27.95 -20.28 -12.37
CA ASP A 1256 -26.62 -20.83 -12.23
C ASP A 1256 -26.55 -22.15 -13.01
N ILE A 1257 -25.44 -22.87 -12.89
CA ILE A 1257 -25.23 -24.07 -13.70
C ILE A 1257 -26.07 -25.24 -13.25
N TYR A 1258 -26.91 -25.08 -12.22
CA TYR A 1258 -27.80 -26.13 -11.75
C TYR A 1258 -29.27 -25.79 -12.00
N ILE A 1259 -29.57 -24.98 -13.00
CA ILE A 1259 -30.96 -24.62 -13.26
C ILE A 1259 -31.61 -25.64 -14.18
N GLU A 1260 -30.87 -26.52 -14.78
CA GLU A 1260 -31.55 -27.54 -15.54
C GLU A 1260 -32.18 -28.46 -14.56
N ARG A 1261 -31.42 -28.89 -13.57
CA ARG A 1261 -31.97 -29.90 -12.67
C ARG A 1261 -33.19 -29.37 -11.90
N LYS A 1262 -33.18 -28.09 -11.56
CA LYS A 1262 -34.30 -27.48 -10.83
C LYS A 1262 -35.42 -27.18 -11.82
N LYS A 1263 -36.19 -28.24 -12.14
CA LYS A 1263 -37.26 -28.10 -13.12
C LYS A 1263 -38.33 -27.11 -12.67
N THR A 1264 -38.73 -27.18 -11.40
CA THR A 1264 -39.80 -26.31 -10.93
C THR A 1264 -39.40 -24.85 -10.98
N ILE A 1265 -38.19 -24.52 -10.53
CA ILE A 1265 -37.79 -23.13 -10.38
C ILE A 1265 -37.58 -22.47 -11.74
N LYS A 1266 -37.12 -23.21 -12.74
CA LYS A 1266 -36.88 -22.65 -14.07
C LYS A 1266 -38.13 -21.97 -14.63
N ILE A 1267 -39.26 -22.68 -14.59
CA ILE A 1267 -40.49 -22.16 -15.18
C ILE A 1267 -40.94 -20.90 -14.45
N ILE A 1268 -40.89 -20.92 -13.11
CA ILE A 1268 -41.25 -19.75 -12.34
C ILE A 1268 -40.36 -18.58 -12.72
N LEU A 1269 -39.06 -18.82 -12.87
CA LEU A 1269 -38.15 -17.72 -13.18
C LEU A 1269 -38.44 -17.11 -14.54
N GLU A 1270 -38.68 -17.94 -15.56
CA GLU A 1270 -38.91 -17.36 -16.89
C GLU A 1270 -40.25 -16.65 -16.97
N TYR A 1271 -41.30 -17.23 -16.37
CA TYR A 1271 -42.59 -16.55 -16.35
C TYR A 1271 -42.47 -15.22 -15.61
N ALA A 1272 -41.76 -15.23 -14.49
CA ALA A 1272 -41.54 -13.99 -13.74
C ALA A 1272 -40.79 -12.98 -14.60
N ASP A 1273 -39.79 -13.43 -15.36
CA ASP A 1273 -39.03 -12.53 -16.23
C ASP A 1273 -39.98 -11.82 -17.18
N LYS A 1274 -40.88 -12.57 -17.82
CA LYS A 1274 -41.88 -11.95 -18.69
C LYS A 1274 -42.70 -10.91 -17.95
N ILE A 1275 -43.16 -11.25 -16.74
CA ILE A 1275 -43.95 -10.29 -15.96
C ILE A 1275 -43.14 -9.05 -15.65
N PHE A 1276 -41.85 -9.22 -15.31
CA PHE A 1276 -41.02 -8.07 -14.97
C PHE A 1276 -40.92 -7.13 -16.17
N THR A 1277 -40.68 -7.69 -17.35
CA THR A 1277 -40.55 -6.87 -18.54
C THR A 1277 -41.84 -6.10 -18.82
N TYR A 1278 -42.99 -6.77 -18.68
CA TYR A 1278 -44.25 -6.09 -18.91
C TYR A 1278 -44.47 -4.97 -17.89
N ILE A 1279 -44.13 -5.22 -16.62
CA ILE A 1279 -44.33 -4.21 -15.59
C ILE A 1279 -43.47 -2.99 -15.86
N PHE A 1280 -42.22 -3.20 -16.26
CA PHE A 1280 -41.36 -2.05 -16.50
C PHE A 1280 -41.76 -1.30 -17.76
N ILE A 1281 -42.29 -2.00 -18.77
CA ILE A 1281 -42.82 -1.30 -19.93
C ILE A 1281 -44.01 -0.44 -19.54
N LEU A 1282 -44.92 -0.97 -18.72
CA LEU A 1282 -46.05 -0.17 -18.26
C LEU A 1282 -45.58 1.02 -17.44
N GLU A 1283 -44.56 0.83 -16.61
CA GLU A 1283 -44.00 1.95 -15.85
C GLU A 1283 -43.45 3.02 -16.76
N MET A 1284 -42.72 2.63 -17.81
CA MET A 1284 -42.20 3.62 -18.75
C MET A 1284 -43.33 4.37 -19.44
N LEU A 1285 -44.38 3.65 -19.86
CA LEU A 1285 -45.49 4.31 -20.53
C LEU A 1285 -46.19 5.29 -19.59
N LEU A 1286 -46.38 4.89 -18.34
CA LEU A 1286 -47.03 5.77 -17.38
C LEU A 1286 -46.21 7.04 -17.12
N LYS A 1287 -44.89 6.89 -16.95
CA LYS A 1287 -44.08 8.08 -16.75
C LYS A 1287 -44.04 8.95 -18.00
N TRP A 1288 -43.99 8.33 -19.18
CA TRP A 1288 -44.07 9.07 -20.42
C TRP A 1288 -45.31 9.94 -20.47
N ILE A 1289 -46.47 9.33 -20.22
CA ILE A 1289 -47.73 10.06 -20.29
C ILE A 1289 -47.78 11.13 -19.21
N ALA A 1290 -47.34 10.80 -17.99
CA ALA A 1290 -47.56 11.70 -16.86
C ALA A 1290 -46.62 12.90 -16.91
N TYR A 1291 -45.36 12.70 -17.28
CA TYR A 1291 -44.38 13.77 -17.23
C TYR A 1291 -44.17 14.48 -18.56
N GLY A 1292 -44.25 13.75 -19.66
CA GLY A 1292 -44.01 14.35 -20.96
C GLY A 1292 -42.67 13.89 -21.52
N TYR A 1293 -42.56 13.95 -22.86
CA TYR A 1293 -41.35 13.48 -23.51
C TYR A 1293 -40.14 14.32 -23.14
N LYS A 1294 -40.26 15.62 -23.08
CA LYS A 1294 -39.09 16.39 -22.75
C LYS A 1294 -38.68 16.10 -21.34
N THR A 1295 -39.60 16.20 -20.40
CA THR A 1295 -39.19 15.99 -19.02
C THR A 1295 -38.54 14.63 -18.82
N TYR A 1296 -39.16 13.57 -19.35
CA TYR A 1296 -38.60 12.24 -19.22
C TYR A 1296 -37.25 12.13 -19.90
N PHE A 1297 -37.05 12.89 -20.97
CA PHE A 1297 -35.86 12.73 -21.79
C PHE A 1297 -34.78 13.77 -21.51
N THR A 1298 -35.02 14.69 -20.57
CA THR A 1298 -33.99 15.60 -20.08
C THR A 1298 -33.39 15.09 -18.77
N ASN A 1299 -33.71 13.87 -18.37
CA ASN A 1299 -33.25 13.29 -17.12
C ASN A 1299 -32.43 12.04 -17.43
N ALA A 1300 -31.26 11.91 -16.80
CA ALA A 1300 -30.37 10.80 -17.09
C ALA A 1300 -30.82 9.49 -16.46
N TRP A 1301 -31.46 9.54 -15.30
CA TRP A 1301 -31.93 8.32 -14.66
C TRP A 1301 -32.96 7.63 -15.54
N CYS A 1302 -33.88 8.41 -16.11
CA CYS A 1302 -34.84 7.87 -17.06
C CYS A 1302 -34.14 7.36 -18.32
N TRP A 1303 -33.01 7.97 -18.70
CA TRP A 1303 -32.24 7.41 -19.80
C TRP A 1303 -31.73 6.02 -19.48
N LEU A 1304 -31.23 5.82 -18.26
CA LEU A 1304 -30.81 4.47 -17.85
C LEU A 1304 -31.97 3.49 -17.92
N ASP A 1305 -33.09 3.84 -17.31
CA ASP A 1305 -34.25 2.93 -17.32
C ASP A 1305 -34.72 2.67 -18.74
N PHE A 1306 -34.69 3.69 -19.59
CA PHE A 1306 -35.13 3.57 -20.98
C PHE A 1306 -34.23 2.62 -21.75
N LEU A 1307 -32.91 2.72 -21.58
CA LEU A 1307 -32.03 1.79 -22.27
C LEU A 1307 -32.26 0.35 -21.80
N ILE A 1308 -32.49 0.17 -20.50
CA ILE A 1308 -32.74 -1.19 -20.01
C ILE A 1308 -34.03 -1.75 -20.60
N VAL A 1309 -35.10 -0.96 -20.61
CA VAL A 1309 -36.35 -1.49 -21.17
C VAL A 1309 -36.21 -1.71 -22.68
N ASP A 1310 -35.39 -0.90 -23.34
CA ASP A 1310 -35.14 -1.13 -24.76
C ASP A 1310 -34.47 -2.47 -25.01
N VAL A 1311 -33.43 -2.80 -24.24
CA VAL A 1311 -32.76 -4.08 -24.49
C VAL A 1311 -33.69 -5.23 -24.13
N SER A 1312 -34.53 -5.06 -23.10
CA SER A 1312 -35.50 -6.11 -22.79
C SER A 1312 -36.49 -6.30 -23.93
N LEU A 1313 -36.96 -5.21 -24.54
CA LEU A 1313 -37.83 -5.33 -25.71
C LEU A 1313 -37.14 -6.04 -26.85
N VAL A 1314 -35.88 -5.70 -27.11
CA VAL A 1314 -35.17 -6.36 -28.19
C VAL A 1314 -35.13 -7.86 -27.97
N THR A 1315 -34.74 -8.30 -26.76
CA THR A 1315 -34.64 -9.73 -26.53
C THR A 1315 -36.01 -10.39 -26.54
N LEU A 1316 -37.05 -9.66 -26.12
CA LEU A 1316 -38.40 -10.23 -26.11
C LEU A 1316 -38.91 -10.47 -27.52
N VAL A 1317 -38.80 -9.46 -28.39
CA VAL A 1317 -39.28 -9.62 -29.76
C VAL A 1317 -38.43 -10.65 -30.50
N ALA A 1318 -37.13 -10.70 -30.19
CA ALA A 1318 -36.28 -11.69 -30.84
C ALA A 1318 -36.63 -13.10 -30.40
N ASN A 1319 -37.05 -13.26 -29.13
CA ASN A 1319 -37.51 -14.58 -28.69
C ASN A 1319 -38.83 -14.95 -29.34
N THR A 1320 -39.75 -13.99 -29.44
CA THR A 1320 -41.06 -14.29 -30.03
C THR A 1320 -40.93 -14.67 -31.50
N LEU A 1321 -40.11 -13.93 -32.26
CA LEU A 1321 -39.98 -14.23 -33.68
C LEU A 1321 -39.26 -15.56 -33.91
N GLY A 1322 -38.39 -15.94 -32.98
CA GLY A 1322 -37.73 -17.24 -33.03
C GLY A 1322 -36.23 -17.20 -33.19
N TYR A 1323 -35.62 -16.03 -33.33
CA TYR A 1323 -34.17 -15.91 -33.47
C TYR A 1323 -33.50 -15.85 -32.08
N SER A 1324 -33.78 -16.88 -31.28
CA SER A 1324 -33.20 -16.93 -29.94
C SER A 1324 -31.73 -17.37 -29.98
N ASP A 1325 -31.39 -18.29 -30.88
CA ASP A 1325 -30.05 -18.84 -30.92
C ASP A 1325 -29.10 -18.07 -31.82
N LEU A 1326 -29.53 -16.96 -32.39
CA LEU A 1326 -28.59 -16.08 -33.09
C LEU A 1326 -27.62 -15.48 -32.07
N GLY A 1327 -26.34 -15.47 -32.43
CA GLY A 1327 -25.28 -15.06 -31.53
C GLY A 1327 -25.42 -13.68 -30.95
N PRO A 1328 -25.69 -12.65 -31.76
CA PRO A 1328 -25.90 -11.31 -31.19
C PRO A 1328 -27.03 -11.25 -30.16
N ILE A 1329 -28.15 -11.94 -30.40
CA ILE A 1329 -29.23 -11.93 -29.43
C ILE A 1329 -28.82 -12.73 -28.20
N LYS A 1330 -28.07 -13.81 -28.40
CA LYS A 1330 -27.54 -14.56 -27.27
C LYS A 1330 -26.62 -13.70 -26.42
N SER A 1331 -25.98 -12.69 -27.04
CA SER A 1331 -25.15 -11.78 -26.27
C SER A 1331 -25.99 -10.71 -25.58
N LEU A 1332 -27.00 -10.18 -26.27
CA LEU A 1332 -27.94 -9.26 -25.62
C LEU A 1332 -28.66 -9.90 -24.45
N ARG A 1333 -28.72 -11.24 -24.42
CA ARG A 1333 -29.20 -11.91 -23.21
C ARG A 1333 -28.35 -11.52 -22.00
N THR A 1334 -27.03 -11.66 -22.12
CA THR A 1334 -26.15 -11.44 -20.96
C THR A 1334 -26.28 -10.03 -20.41
N LEU A 1335 -26.76 -9.09 -21.22
CA LEU A 1335 -26.95 -7.73 -20.74
C LEU A 1335 -28.06 -7.61 -19.70
N ARG A 1336 -28.78 -8.69 -19.41
CA ARG A 1336 -29.79 -8.64 -18.36
C ARG A 1336 -29.14 -8.49 -16.99
N ALA A 1337 -27.83 -8.73 -16.90
CA ALA A 1337 -27.10 -8.52 -15.66
C ALA A 1337 -27.02 -7.06 -15.27
N LEU A 1338 -27.41 -6.16 -16.16
CA LEU A 1338 -27.32 -4.73 -15.87
C LEU A 1338 -28.56 -4.24 -15.13
N ARG A 1339 -29.56 -5.10 -14.93
CA ARG A 1339 -30.78 -4.71 -14.25
C ARG A 1339 -30.56 -4.08 -12.88
N PRO A 1340 -29.66 -4.58 -12.02
CA PRO A 1340 -29.50 -3.95 -10.70
C PRO A 1340 -29.22 -2.46 -10.76
N LEU A 1341 -28.81 -1.92 -11.92
CA LEU A 1341 -28.51 -0.49 -12.00
C LEU A 1341 -29.76 0.36 -11.81
N ARG A 1342 -30.95 -0.23 -11.98
CA ARG A 1342 -32.17 0.54 -11.76
C ARG A 1342 -32.33 0.97 -10.31
N ALA A 1343 -31.61 0.33 -9.39
CA ALA A 1343 -31.71 0.66 -7.98
C ALA A 1343 -30.95 1.93 -7.62
N LEU A 1344 -30.02 2.35 -8.47
CA LEU A 1344 -29.17 3.49 -8.13
C LEU A 1344 -29.98 4.76 -7.92
N SER A 1345 -31.10 4.90 -8.62
CA SER A 1345 -31.87 6.13 -8.52
C SER A 1345 -32.98 6.06 -7.47
N ARG A 1346 -33.15 4.90 -6.82
CA ARG A 1346 -34.27 4.76 -5.90
C ARG A 1346 -33.83 4.95 -4.45
N PHE A 1347 -32.62 4.53 -4.11
CA PHE A 1347 -32.08 4.70 -2.77
C PHE A 1347 -31.12 5.88 -2.77
N GLU A 1348 -31.33 6.80 -1.84
CA GLU A 1348 -30.58 8.06 -1.84
C GLU A 1348 -29.12 7.88 -1.48
N GLY A 1349 -28.75 6.80 -0.82
CA GLY A 1349 -27.36 6.56 -0.48
C GLY A 1349 -26.47 6.46 -1.70
N MET A 1350 -26.77 5.50 -2.59
CA MET A 1350 -25.98 5.42 -3.79
C MET A 1350 -26.26 6.58 -4.74
N ARG A 1351 -27.39 7.27 -4.60
CA ARG A 1351 -27.59 8.48 -5.39
C ARG A 1351 -26.57 9.56 -5.03
N VAL A 1352 -26.40 9.84 -3.74
CA VAL A 1352 -25.43 10.86 -3.35
C VAL A 1352 -24.00 10.39 -3.62
N VAL A 1353 -23.72 9.11 -3.41
CA VAL A 1353 -22.36 8.65 -3.65
C VAL A 1353 -22.03 8.70 -5.13
N VAL A 1354 -22.98 8.35 -5.99
CA VAL A 1354 -22.78 8.46 -7.43
C VAL A 1354 -22.67 9.92 -7.84
N ASN A 1355 -23.41 10.82 -7.19
CA ASN A 1355 -23.25 12.24 -7.48
C ASN A 1355 -21.82 12.70 -7.21
N ALA A 1356 -21.25 12.29 -6.07
CA ALA A 1356 -19.86 12.65 -5.79
C ALA A 1356 -18.89 12.03 -6.80
N LEU A 1357 -19.08 10.74 -7.09
CA LEU A 1357 -18.17 10.07 -8.03
C LEU A 1357 -18.26 10.69 -9.42
N ILE A 1358 -19.43 11.18 -9.81
CA ILE A 1358 -19.59 11.83 -11.10
C ILE A 1358 -18.96 13.22 -11.09
N GLY A 1359 -19.15 13.96 -10.00
CA GLY A 1359 -18.49 15.25 -9.89
C GLY A 1359 -16.98 15.13 -9.92
N ALA A 1360 -16.45 13.95 -9.61
CA ALA A 1360 -15.00 13.78 -9.61
C ALA A 1360 -14.42 13.26 -10.93
N ILE A 1361 -15.25 12.98 -11.95
CA ILE A 1361 -14.72 12.36 -13.18
C ILE A 1361 -13.71 13.21 -13.93
N PRO A 1362 -13.89 14.52 -14.13
CA PRO A 1362 -12.90 15.26 -14.94
C PRO A 1362 -11.47 15.21 -14.41
N SER A 1363 -11.30 15.45 -13.10
CA SER A 1363 -9.96 15.40 -12.51
C SER A 1363 -9.38 13.99 -12.61
N ILE A 1364 -10.21 12.98 -12.35
CA ILE A 1364 -9.78 11.60 -12.50
C ILE A 1364 -9.31 11.34 -13.91
N MET A 1365 -9.99 11.92 -14.90
CA MET A 1365 -9.62 11.69 -16.30
C MET A 1365 -8.31 12.37 -16.65
N ASN A 1366 -8.08 13.59 -16.15
CA ASN A 1366 -6.78 14.24 -16.36
C ASN A 1366 -5.65 13.40 -15.77
N VAL A 1367 -5.80 12.99 -14.51
CA VAL A 1367 -4.76 12.18 -13.88
C VAL A 1367 -4.58 10.87 -14.62
N LEU A 1368 -5.67 10.29 -15.11
CA LEU A 1368 -5.59 9.03 -15.82
C LEU A 1368 -4.86 9.18 -17.15
N LEU A 1369 -5.03 10.33 -17.81
CA LEU A 1369 -4.27 10.57 -19.03
C LEU A 1369 -2.79 10.71 -18.75
N VAL A 1370 -2.44 11.44 -17.69
CA VAL A 1370 -1.02 11.56 -17.33
C VAL A 1370 -0.43 10.19 -17.04
N CYS A 1371 -1.13 9.39 -16.23
CA CYS A 1371 -0.67 8.05 -15.92
C CYS A 1371 -0.61 7.18 -17.16
N LEU A 1372 -1.53 7.38 -18.09
CA LEU A 1372 -1.55 6.58 -19.31
C LEU A 1372 -0.30 6.83 -20.14
N ILE A 1373 0.07 8.10 -20.33
CA ILE A 1373 1.27 8.38 -21.11
C ILE A 1373 2.54 7.99 -20.35
N PHE A 1374 2.55 8.16 -19.03
CA PHE A 1374 3.73 7.78 -18.25
C PHE A 1374 3.95 6.27 -18.34
N TRP A 1375 2.91 5.49 -18.07
CA TRP A 1375 2.98 4.06 -18.26
C TRP A 1375 3.20 3.67 -19.71
N LEU A 1376 2.87 4.56 -20.65
CA LEU A 1376 3.14 4.26 -22.06
C LEU A 1376 4.63 4.34 -22.33
N ILE A 1377 5.30 5.34 -21.77
CA ILE A 1377 6.76 5.39 -21.84
C ILE A 1377 7.34 4.11 -21.28
N PHE A 1378 6.86 3.71 -20.09
CA PHE A 1378 7.41 2.50 -19.49
C PHE A 1378 7.06 1.25 -20.28
N SER A 1379 5.91 1.25 -20.95
CA SER A 1379 5.50 0.08 -21.70
C SER A 1379 6.31 -0.07 -22.98
N ILE A 1380 6.61 1.04 -23.66
CA ILE A 1380 7.51 0.96 -24.82
C ILE A 1380 8.90 0.57 -24.40
N MET A 1381 9.37 1.07 -23.25
CA MET A 1381 10.67 0.62 -22.75
C MET A 1381 10.67 -0.89 -22.50
N GLY A 1382 9.59 -1.39 -21.89
CA GLY A 1382 9.49 -2.82 -21.64
C GLY A 1382 9.42 -3.64 -22.92
N VAL A 1383 8.75 -3.11 -23.95
CA VAL A 1383 8.69 -3.82 -25.22
C VAL A 1383 10.05 -3.82 -25.92
N ASN A 1384 10.80 -2.72 -25.81
CA ASN A 1384 12.16 -2.74 -26.34
C ASN A 1384 13.03 -3.73 -25.60
N LEU A 1385 12.87 -3.83 -24.28
CA LEU A 1385 13.74 -4.69 -23.47
C LEU A 1385 13.40 -6.18 -23.62
N PHE A 1386 12.12 -6.53 -23.57
CA PHE A 1386 11.71 -7.91 -23.33
C PHE A 1386 10.88 -8.56 -24.43
N ALA A 1387 10.38 -7.82 -25.41
CA ALA A 1387 9.38 -8.35 -26.34
C ALA A 1387 9.86 -9.60 -27.06
N GLY A 1388 9.11 -10.69 -26.93
CA GLY A 1388 9.42 -11.93 -27.59
C GLY A 1388 10.43 -12.81 -26.88
N LYS A 1389 10.85 -12.42 -25.67
CA LYS A 1389 11.88 -13.16 -24.96
C LYS A 1389 11.32 -14.11 -23.91
N PHE A 1390 10.04 -14.02 -23.56
CA PHE A 1390 9.48 -14.82 -22.50
C PHE A 1390 9.10 -16.23 -22.94
N TYR A 1391 9.34 -16.59 -24.19
CA TYR A 1391 9.13 -17.95 -24.61
C TYR A 1391 10.11 -18.88 -23.89
N GLU A 1392 9.69 -20.12 -23.72
CA GLU A 1392 10.47 -21.11 -22.99
C GLU A 1392 10.01 -22.49 -23.41
N CYS A 1393 10.84 -23.48 -23.14
CA CYS A 1393 10.62 -24.83 -23.63
C CYS A 1393 10.55 -25.76 -22.44
N ILE A 1394 9.37 -26.32 -22.16
CA ILE A 1394 9.09 -26.92 -20.87
C ILE A 1394 8.64 -28.37 -21.02
N ASN A 1395 8.95 -29.14 -19.98
CA ASN A 1395 8.15 -30.30 -19.57
C ASN A 1395 6.77 -29.86 -19.14
N THR A 1396 5.73 -30.28 -19.88
CA THR A 1396 4.37 -29.94 -19.50
C THR A 1396 3.86 -30.81 -18.36
N THR A 1397 4.53 -31.93 -18.06
CA THR A 1397 4.09 -32.79 -16.96
C THR A 1397 4.16 -32.04 -15.63
N ASP A 1398 5.29 -31.41 -15.35
CA ASP A 1398 5.49 -30.71 -14.10
C ASP A 1398 5.68 -29.20 -14.25
N GLY A 1399 5.87 -28.72 -15.47
CA GLY A 1399 6.13 -27.30 -15.68
C GLY A 1399 7.56 -26.88 -15.49
N SER A 1400 8.51 -27.81 -15.60
CA SER A 1400 9.91 -27.51 -15.34
C SER A 1400 10.59 -27.06 -16.63
N ARG A 1401 11.11 -25.84 -16.63
CA ARG A 1401 11.91 -25.37 -17.74
C ARG A 1401 13.11 -26.27 -17.94
N PHE A 1402 13.40 -26.61 -19.18
CA PHE A 1402 14.55 -27.46 -19.46
C PHE A 1402 15.83 -26.68 -19.17
N PRO A 1403 16.92 -27.38 -18.84
CA PRO A 1403 18.20 -26.69 -18.70
C PRO A 1403 18.58 -26.05 -20.01
N ALA A 1404 19.18 -24.86 -19.93
CA ALA A 1404 19.61 -24.18 -21.15
C ALA A 1404 20.85 -24.82 -21.75
N SER A 1405 21.52 -25.74 -21.05
CA SER A 1405 22.66 -26.42 -21.61
C SER A 1405 22.27 -27.23 -22.84
N GLN A 1406 21.26 -28.08 -22.69
CA GLN A 1406 20.58 -28.68 -23.82
C GLN A 1406 19.45 -27.76 -24.24
N VAL A 1407 18.85 -28.06 -25.40
CA VAL A 1407 17.71 -27.34 -25.96
C VAL A 1407 17.79 -25.84 -25.65
N PRO A 1408 18.75 -25.11 -26.22
CA PRO A 1408 18.86 -23.67 -25.97
C PRO A 1408 18.18 -22.78 -27.00
N ASN A 1409 17.67 -23.33 -28.09
CA ASN A 1409 17.09 -22.54 -29.16
C ASN A 1409 15.68 -23.05 -29.42
N ARG A 1410 14.89 -22.25 -30.13
CA ARG A 1410 13.53 -22.65 -30.47
C ARG A 1410 13.52 -23.90 -31.33
N SER A 1411 14.41 -23.97 -32.33
CA SER A 1411 14.50 -25.15 -33.17
C SER A 1411 14.85 -26.38 -32.34
N GLU A 1412 15.63 -26.21 -31.28
CA GLU A 1412 15.95 -27.33 -30.42
C GLU A 1412 14.72 -27.85 -29.70
N CYS A 1413 13.86 -26.96 -29.21
CA CYS A 1413 12.61 -27.42 -28.61
C CYS A 1413 11.71 -28.10 -29.63
N PHE A 1414 11.67 -27.59 -30.86
CA PHE A 1414 10.83 -28.25 -31.85
C PHE A 1414 11.35 -29.63 -32.17
N ALA A 1415 12.68 -29.80 -32.24
CA ALA A 1415 13.25 -31.12 -32.41
C ALA A 1415 12.90 -32.04 -31.24
N LEU A 1416 12.96 -31.51 -30.01
CA LEU A 1416 12.58 -32.30 -28.85
C LEU A 1416 11.13 -32.72 -28.92
N MET A 1417 10.24 -31.79 -29.30
CA MET A 1417 8.84 -32.11 -29.55
C MET A 1417 8.72 -33.26 -30.54
N ASN A 1418 9.51 -33.23 -31.61
CA ASN A 1418 9.45 -34.30 -32.59
C ASN A 1418 9.93 -35.64 -32.03
N VAL A 1419 10.91 -35.63 -31.14
CA VAL A 1419 11.48 -36.86 -30.60
C VAL A 1419 10.76 -37.29 -29.32
N SER A 1420 10.32 -36.34 -28.51
CA SER A 1420 9.55 -36.63 -27.31
C SER A 1420 8.25 -35.83 -27.36
N GLN A 1421 7.14 -36.52 -27.13
CA GLN A 1421 5.82 -35.97 -27.41
C GLN A 1421 5.44 -34.81 -26.50
N ASN A 1422 5.55 -34.99 -25.19
CA ASN A 1422 4.88 -34.05 -24.29
C ASN A 1422 5.89 -32.99 -23.89
N VAL A 1423 6.22 -32.11 -24.83
CA VAL A 1423 7.13 -30.99 -24.64
C VAL A 1423 6.52 -29.81 -25.37
N ARG A 1424 6.64 -28.62 -24.77
CA ARG A 1424 5.95 -27.46 -25.31
C ARG A 1424 6.90 -26.26 -25.30
N TRP A 1425 6.73 -25.38 -26.28
CA TRP A 1425 7.47 -24.12 -26.34
C TRP A 1425 6.44 -23.02 -26.10
N LYS A 1426 6.32 -22.61 -24.85
CA LYS A 1426 5.19 -21.84 -24.35
C LYS A 1426 5.61 -20.43 -23.95
N ASN A 1427 4.73 -19.47 -24.10
CA ASN A 1427 5.00 -18.10 -23.76
C ASN A 1427 4.15 -17.74 -22.63
N LEU A 1428 4.53 -16.75 -21.92
CA LEU A 1428 3.72 -16.24 -20.82
C LEU A 1428 2.46 -15.58 -21.36
N LYS A 1429 1.37 -15.70 -20.62
CA LYS A 1429 0.11 -15.12 -21.08
C LYS A 1429 0.12 -13.60 -20.96
N VAL A 1430 0.62 -13.08 -19.85
CA VAL A 1430 0.78 -11.65 -19.67
C VAL A 1430 2.27 -11.35 -19.82
N ASN A 1431 2.62 -10.63 -20.88
CA ASN A 1431 4.01 -10.45 -21.28
C ASN A 1431 4.17 -9.07 -21.87
N PHE A 1432 5.29 -8.83 -22.55
CA PHE A 1432 5.61 -7.54 -23.15
C PHE A 1432 5.72 -7.65 -24.67
N ASP A 1433 4.82 -8.39 -25.30
CA ASP A 1433 4.94 -8.57 -26.73
C ASP A 1433 4.37 -7.42 -27.54
N ASN A 1434 3.65 -6.50 -26.89
CA ASN A 1434 3.15 -5.29 -27.53
C ASN A 1434 2.60 -4.38 -26.44
N VAL A 1435 2.26 -3.16 -26.83
CA VAL A 1435 2.04 -2.12 -25.84
C VAL A 1435 0.75 -2.33 -25.05
N GLY A 1436 -0.22 -3.05 -25.63
CA GLY A 1436 -1.38 -3.44 -24.85
C GLY A 1436 -1.04 -4.45 -23.78
N LEU A 1437 -0.33 -5.51 -24.20
CA LEU A 1437 0.15 -6.48 -23.23
C LEU A 1437 1.14 -5.87 -22.27
N GLY A 1438 1.91 -4.87 -22.73
CA GLY A 1438 2.77 -4.14 -21.82
C GLY A 1438 1.98 -3.39 -20.77
N TYR A 1439 0.83 -2.87 -21.06
CA TYR A 1439 0.08 -2.14 -20.08
C TYR A 1439 -0.62 -3.07 -19.18
N LEU A 1440 -0.94 -4.27 -19.63
CA LEU A 1440 -1.47 -5.27 -18.71
C LEU A 1440 -0.39 -5.75 -17.73
N SER A 1441 0.82 -5.98 -18.23
CA SER A 1441 1.92 -6.38 -17.36
C SER A 1441 2.26 -5.28 -16.36
N LEU A 1442 2.23 -4.03 -16.80
CA LEU A 1442 2.49 -2.93 -15.88
C LEU A 1442 1.40 -2.80 -14.83
N LEU A 1443 0.16 -3.15 -15.19
CA LEU A 1443 -0.91 -3.13 -14.20
C LEU A 1443 -0.74 -4.25 -13.20
N GLN A 1444 -0.23 -5.39 -13.66
CA GLN A 1444 0.06 -6.48 -12.72
C GLN A 1444 1.22 -6.14 -11.81
N VAL A 1445 2.21 -5.43 -12.32
CA VAL A 1445 3.38 -5.06 -11.50
C VAL A 1445 3.03 -3.96 -10.52
N ALA A 1446 2.24 -2.96 -10.95
CA ALA A 1446 1.96 -1.82 -10.10
C ALA A 1446 1.08 -2.17 -8.92
N THR A 1447 0.32 -3.26 -8.99
CA THR A 1447 -0.47 -3.76 -7.88
C THR A 1447 0.19 -4.93 -7.19
N PHE A 1448 1.37 -5.36 -7.66
CA PHE A 1448 2.15 -6.45 -7.08
C PHE A 1448 1.39 -7.78 -7.09
N LYS A 1449 0.54 -7.97 -8.08
CA LYS A 1449 -0.19 -9.22 -8.29
C LYS A 1449 0.25 -9.84 -9.60
N GLY A 1450 0.74 -11.08 -9.55
CA GLY A 1450 1.27 -11.75 -10.72
C GLY A 1450 2.62 -11.24 -11.15
N TRP A 1451 3.20 -10.31 -10.40
CA TRP A 1451 4.37 -9.55 -10.82
C TRP A 1451 5.63 -10.39 -10.73
N THR A 1452 5.63 -11.44 -9.91
CA THR A 1452 6.84 -12.21 -9.67
C THR A 1452 7.19 -13.08 -10.88
N ILE A 1453 6.22 -13.74 -11.50
CA ILE A 1453 6.56 -14.57 -12.66
C ILE A 1453 6.95 -13.68 -13.83
N ILE A 1454 6.38 -12.48 -13.89
CA ILE A 1454 6.80 -11.50 -14.88
C ILE A 1454 8.26 -11.16 -14.69
N MET A 1455 8.69 -10.87 -13.45
CA MET A 1455 10.09 -10.52 -13.26
C MET A 1455 11.01 -11.73 -13.43
N TYR A 1456 10.58 -12.91 -13.06
CA TYR A 1456 11.42 -14.08 -13.28
C TYR A 1456 11.66 -14.29 -14.76
N ALA A 1457 10.64 -14.06 -15.58
CA ALA A 1457 10.84 -14.18 -17.02
C ALA A 1457 11.68 -13.03 -17.55
N ALA A 1458 11.56 -11.85 -16.95
CA ALA A 1458 12.38 -10.72 -17.36
C ALA A 1458 13.85 -10.97 -17.09
N VAL A 1459 14.19 -11.33 -15.85
CA VAL A 1459 15.59 -11.50 -15.48
C VAL A 1459 16.15 -12.78 -16.05
N ASP A 1460 15.41 -13.71 -16.47
CA ASP A 1460 16.01 -14.87 -17.00
C ASP A 1460 16.07 -14.81 -18.45
N SER A 1461 15.65 -13.72 -19.10
CA SER A 1461 15.59 -13.62 -20.56
C SER A 1461 16.97 -13.43 -21.15
N VAL A 1462 17.25 -14.17 -22.21
CA VAL A 1462 18.51 -14.04 -22.92
C VAL A 1462 18.33 -13.27 -24.23
N ASN A 1463 17.49 -13.78 -25.13
CA ASN A 1463 17.25 -13.13 -26.42
C ASN A 1463 16.17 -13.90 -27.16
N VAL A 1464 15.64 -13.26 -28.21
CA VAL A 1464 14.56 -13.86 -28.99
C VAL A 1464 14.99 -15.19 -29.58
N ASP A 1465 14.10 -16.18 -29.51
CA ASP A 1465 14.29 -17.55 -30.01
C ASP A 1465 15.34 -18.31 -29.23
N LYS A 1466 15.83 -17.75 -28.13
CA LYS A 1466 16.81 -18.40 -27.28
C LYS A 1466 16.18 -18.71 -25.94
N GLN A 1467 16.50 -19.87 -25.39
CA GLN A 1467 15.85 -20.30 -24.16
C GLN A 1467 16.39 -19.53 -22.96
N PRO A 1468 15.52 -19.13 -22.03
CA PRO A 1468 15.97 -18.35 -20.88
C PRO A 1468 16.96 -19.10 -20.01
N LYS A 1469 17.82 -18.33 -19.34
CA LYS A 1469 18.84 -18.84 -18.46
C LYS A 1469 18.63 -18.23 -17.08
N TYR A 1470 19.07 -18.95 -16.04
CA TYR A 1470 18.80 -18.50 -14.68
C TYR A 1470 19.52 -17.19 -14.39
N GLU A 1471 18.73 -16.14 -14.20
CA GLU A 1471 19.25 -14.80 -13.89
C GLU A 1471 20.37 -14.40 -14.85
N TYR A 1472 20.20 -14.72 -16.12
CA TYR A 1472 21.08 -14.17 -17.14
C TYR A 1472 21.02 -12.65 -17.13
N SER A 1473 19.82 -12.10 -17.17
CA SER A 1473 19.60 -10.65 -17.10
C SER A 1473 19.30 -10.21 -15.67
N LEU A 1474 20.24 -10.49 -14.76
CA LEU A 1474 19.97 -10.35 -13.34
C LEU A 1474 19.60 -8.93 -12.95
N TYR A 1475 20.12 -7.93 -13.65
CA TYR A 1475 19.91 -6.54 -13.24
C TYR A 1475 18.71 -5.90 -13.92
N MET A 1476 17.85 -6.70 -14.55
CA MET A 1476 16.60 -6.17 -15.05
C MET A 1476 15.57 -5.99 -13.93
N TYR A 1477 15.88 -6.43 -12.71
CA TYR A 1477 15.08 -6.04 -11.57
C TYR A 1477 15.03 -4.54 -11.42
N ILE A 1478 16.04 -3.83 -11.92
CA ILE A 1478 16.09 -2.39 -11.71
C ILE A 1478 15.03 -1.69 -12.55
N TYR A 1479 14.59 -2.32 -13.65
CA TYR A 1479 13.52 -1.76 -14.44
C TYR A 1479 12.28 -1.72 -13.67
N PHE A 1480 12.01 -2.79 -12.93
CA PHE A 1480 10.82 -2.88 -12.10
C PHE A 1480 10.93 -2.02 -10.85
N VAL A 1481 12.12 -1.90 -10.27
CA VAL A 1481 12.29 -0.98 -9.13
C VAL A 1481 11.98 0.45 -9.55
N VAL A 1482 12.51 0.87 -10.70
CA VAL A 1482 12.27 2.24 -11.18
C VAL A 1482 10.80 2.42 -11.54
N PHE A 1483 10.18 1.42 -12.16
CA PHE A 1483 8.75 1.54 -12.47
C PHE A 1483 7.92 1.65 -11.22
N ILE A 1484 8.24 0.87 -10.19
CA ILE A 1484 7.47 0.92 -8.95
C ILE A 1484 7.64 2.29 -8.29
N ILE A 1485 8.87 2.80 -8.26
CA ILE A 1485 9.07 4.12 -7.64
C ILE A 1485 8.34 5.20 -8.41
N PHE A 1486 8.42 5.18 -9.74
CA PHE A 1486 7.94 6.31 -10.52
C PHE A 1486 6.47 6.15 -10.89
N GLY A 1487 6.15 5.09 -11.62
CA GLY A 1487 4.79 4.92 -12.12
C GLY A 1487 3.80 4.50 -11.05
N SER A 1488 4.29 4.00 -9.91
CA SER A 1488 3.37 3.58 -8.86
C SER A 1488 3.34 4.56 -7.68
N PHE A 1489 4.50 4.88 -7.11
CA PHE A 1489 4.54 5.78 -5.96
C PHE A 1489 4.12 7.20 -6.33
N PHE A 1490 4.73 7.76 -7.37
CA PHE A 1490 4.52 9.17 -7.70
C PHE A 1490 3.17 9.40 -8.37
N THR A 1491 2.71 8.51 -9.21
CA THR A 1491 1.44 8.68 -9.83
C THR A 1491 0.37 8.55 -8.85
N LEU A 1492 0.45 7.59 -7.96
CA LEU A 1492 -0.53 7.49 -6.89
C LEU A 1492 -0.51 8.72 -6.00
N ASN A 1493 0.67 9.28 -5.73
CA ASN A 1493 0.72 10.52 -4.97
C ASN A 1493 -0.02 11.64 -5.69
N LEU A 1494 0.18 11.77 -7.00
CA LEU A 1494 -0.52 12.78 -7.79
C LEU A 1494 -2.03 12.55 -7.77
N PHE A 1495 -2.45 11.30 -7.99
CA PHE A 1495 -3.87 10.98 -7.95
C PHE A 1495 -4.49 11.37 -6.61
N ILE A 1496 -3.82 11.03 -5.51
CA ILE A 1496 -4.37 11.32 -4.19
C ILE A 1496 -4.48 12.82 -3.99
N GLY A 1497 -3.46 13.57 -4.40
CA GLY A 1497 -3.53 15.02 -4.25
C GLY A 1497 -4.66 15.64 -5.04
N VAL A 1498 -4.82 15.23 -6.30
CA VAL A 1498 -5.88 15.80 -7.13
C VAL A 1498 -7.25 15.43 -6.58
N ILE A 1499 -7.42 14.19 -6.13
CA ILE A 1499 -8.70 13.77 -5.55
C ILE A 1499 -9.01 14.56 -4.30
N ILE A 1500 -8.02 14.77 -3.44
CA ILE A 1500 -8.25 15.53 -2.22
C ILE A 1500 -8.67 16.96 -2.54
N ASP A 1501 -7.96 17.59 -3.48
CA ASP A 1501 -8.32 18.96 -3.86
C ASP A 1501 -9.73 19.01 -4.44
N ASN A 1502 -10.07 18.06 -5.31
CA ASN A 1502 -11.40 18.05 -5.90
C ASN A 1502 -12.48 17.87 -4.84
N PHE A 1503 -12.26 16.96 -3.89
CA PHE A 1503 -13.27 16.72 -2.86
C PHE A 1503 -13.43 17.91 -1.94
N ASN A 1504 -12.39 18.67 -1.66
CA ASN A 1504 -12.56 19.83 -0.79
C ASN A 1504 -13.22 20.92 -1.56
N GLN A 1505 -12.97 20.98 -2.85
CA GLN A 1505 -13.71 21.93 -3.68
C GLN A 1505 -15.20 21.61 -3.69
N GLN A 1506 -15.56 20.34 -3.81
CA GLN A 1506 -16.97 19.96 -3.74
C GLN A 1506 -17.56 20.29 -2.38
N LYS A 1507 -16.83 20.01 -1.30
CA LYS A 1507 -17.32 20.29 0.04
C LYS A 1507 -17.54 21.78 0.24
N LYS A 1508 -16.71 22.62 -0.39
CA LYS A 1508 -16.91 24.05 -0.29
C LYS A 1508 -18.06 24.51 -1.18
N LYS A 1509 -18.24 23.85 -2.32
CA LYS A 1509 -19.33 24.17 -3.23
C LYS A 1509 -20.68 23.69 -2.71
N LEU A 1510 -20.70 22.85 -1.68
CA LEU A 1510 -21.93 22.51 -0.98
C LEU A 1510 -22.14 23.34 0.28
N GLY A 1511 -21.30 24.33 0.53
CA GLY A 1511 -21.43 25.16 1.70
C GLY A 1511 -20.76 24.64 2.95
N GLY A 1512 -20.09 23.50 2.88
CA GLY A 1512 -19.40 22.95 4.03
C GLY A 1512 -20.04 21.73 4.66
N GLN A 1513 -21.10 21.19 4.05
CA GLN A 1513 -21.71 19.97 4.56
C GLN A 1513 -20.98 18.75 4.01
N ASP A 1514 -21.44 17.57 4.39
CA ASP A 1514 -20.80 16.36 3.95
C ASP A 1514 -21.32 16.00 2.61
N ILE A 1515 -20.64 15.11 1.93
CA ILE A 1515 -20.97 14.77 0.55
C ILE A 1515 -21.36 13.31 0.37
N PHE A 1516 -21.35 12.49 1.42
CA PHE A 1516 -21.83 11.12 1.36
C PHE A 1516 -22.95 10.86 2.36
N MET A 1517 -23.57 11.91 2.87
CA MET A 1517 -24.57 11.81 3.92
C MET A 1517 -25.86 12.44 3.42
N THR A 1518 -26.96 11.71 3.52
CA THR A 1518 -28.25 12.26 3.15
C THR A 1518 -28.73 13.20 4.24
N GLU A 1519 -29.98 13.67 4.13
CA GLU A 1519 -30.51 14.59 5.13
C GLU A 1519 -30.68 13.89 6.48
N GLU A 1520 -31.34 12.73 6.47
CA GLU A 1520 -31.57 12.00 7.72
C GLU A 1520 -30.27 11.55 8.37
N GLN A 1521 -29.31 11.11 7.55
CA GLN A 1521 -28.02 10.73 8.11
C GLN A 1521 -27.29 11.93 8.70
N LYS A 1522 -27.41 13.11 8.06
CA LYS A 1522 -26.81 14.30 8.66
C LYS A 1522 -27.47 14.62 9.99
N LYS A 1523 -28.79 14.50 10.07
CA LYS A 1523 -29.48 14.78 11.33
C LYS A 1523 -29.01 13.82 12.42
N TYR A 1524 -29.00 12.54 12.13
CA TYR A 1524 -28.52 11.56 13.09
C TYR A 1524 -27.11 11.84 13.48
N TYR A 1525 -26.28 12.14 12.53
CA TYR A 1525 -24.85 12.34 12.78
C TYR A 1525 -24.63 13.52 13.72
N ASN A 1526 -25.40 14.58 13.55
CA ASN A 1526 -25.37 15.68 14.52
C ASN A 1526 -25.87 15.21 15.88
N ALA A 1527 -26.91 14.37 15.90
CA ALA A 1527 -27.41 13.85 17.16
C ALA A 1527 -26.35 13.03 17.88
N MET A 1528 -25.61 12.20 17.16
CA MET A 1528 -24.59 11.39 17.81
C MET A 1528 -23.39 12.24 18.21
N LYS A 1529 -23.11 13.33 17.48
CA LYS A 1529 -22.17 14.33 17.99
C LYS A 1529 -22.59 14.83 19.36
N LYS A 1530 -23.87 15.23 19.48
CA LYS A 1530 -24.36 15.74 20.75
C LYS A 1530 -24.26 14.69 21.84
N LEU A 1531 -24.54 13.44 21.50
CA LEU A 1531 -24.43 12.35 22.47
C LEU A 1531 -22.98 12.16 22.93
N GLY A 1532 -22.04 12.17 21.99
CA GLY A 1532 -20.64 11.94 22.35
C GLY A 1532 -20.04 13.08 23.15
N SER A 1533 -20.37 14.32 22.79
CA SER A 1533 -19.84 15.48 23.48
C SER A 1533 -20.65 15.84 24.72
N LYS A 1534 -21.40 14.90 25.28
CA LYS A 1534 -22.29 15.18 26.40
C LYS A 1534 -21.52 15.62 27.64
N LYS A 1535 -22.03 16.65 28.30
CA LYS A 1535 -21.45 17.08 29.57
C LYS A 1535 -21.72 16.01 30.62
N PRO A 1536 -20.78 15.76 31.54
CA PRO A 1536 -20.95 14.66 32.50
C PRO A 1536 -22.23 14.76 33.31
N GLN A 1537 -22.85 13.61 33.54
CA GLN A 1537 -24.11 13.56 34.27
C GLN A 1537 -23.89 13.95 35.74
N LYS A 1538 -24.97 14.47 36.36
CA LYS A 1538 -24.98 14.87 37.75
C LYS A 1538 -24.67 13.68 38.67
N PRO A 1539 -24.00 13.92 39.80
CA PRO A 1539 -23.59 12.80 40.66
C PRO A 1539 -24.78 11.98 41.15
N ILE A 1540 -24.57 10.68 41.24
CA ILE A 1540 -25.65 9.75 41.56
C ILE A 1540 -26.08 9.96 43.01
N PRO A 1541 -27.38 9.85 43.33
CA PRO A 1541 -27.81 10.03 44.73
C PRO A 1541 -27.17 9.02 45.66
N ARG A 1542 -27.02 9.45 46.90
CA ARG A 1542 -26.34 8.69 47.95
C ARG A 1542 -27.36 7.95 48.78
N PRO A 1543 -27.35 6.61 48.78
CA PRO A 1543 -28.33 5.85 49.57
C PRO A 1543 -28.17 6.08 51.06
N GLY A 1544 -29.30 6.04 51.77
CA GLY A 1544 -29.31 6.27 53.20
C GLY A 1544 -29.03 5.06 54.04
N ASN A 1545 -29.44 3.88 53.57
CA ASN A 1545 -29.29 2.65 54.35
C ASN A 1545 -27.81 2.34 54.58
N LYS A 1546 -27.51 1.83 55.77
CA LYS A 1546 -26.11 1.75 56.21
C LYS A 1546 -25.33 0.68 55.46
N ILE A 1547 -25.87 -0.54 55.35
CA ILE A 1547 -25.14 -1.59 54.64
C ILE A 1547 -25.10 -1.28 53.15
N GLN A 1548 -26.22 -0.77 52.61
CA GLN A 1548 -26.18 -0.19 51.28
C GLN A 1548 -25.12 0.90 51.19
N GLY A 1549 -24.94 1.66 52.26
CA GLY A 1549 -23.91 2.68 52.26
C GLY A 1549 -22.51 2.11 52.13
N CYS A 1550 -22.21 1.06 52.89
CA CYS A 1550 -20.89 0.43 52.81
C CYS A 1550 -20.64 -0.15 51.42
N ILE A 1551 -21.63 -0.86 50.87
CA ILE A 1551 -21.42 -1.46 49.55
C ILE A 1551 -21.34 -0.39 48.48
N PHE A 1552 -22.10 0.69 48.62
CA PHE A 1552 -22.04 1.78 47.67
C PHE A 1552 -20.68 2.46 47.69
N ASP A 1553 -20.15 2.71 48.88
CA ASP A 1553 -18.82 3.30 48.98
C ASP A 1553 -17.77 2.37 48.39
N LEU A 1554 -17.92 1.06 48.61
CA LEU A 1554 -16.98 0.11 48.04
C LEU A 1554 -17.02 0.14 46.51
N VAL A 1555 -18.21 0.00 45.93
CA VAL A 1555 -18.33 -0.14 44.49
C VAL A 1555 -18.00 1.17 43.77
N THR A 1556 -18.44 2.30 44.32
CA THR A 1556 -18.18 3.59 43.69
C THR A 1556 -16.86 4.16 44.18
N ASN A 1557 -15.77 3.67 43.59
CA ASN A 1557 -14.43 4.12 43.90
C ASN A 1557 -13.49 3.72 42.77
N GLN A 1558 -12.34 4.39 42.70
CA GLN A 1558 -11.35 4.04 41.70
C GLN A 1558 -10.84 2.61 41.91
N ALA A 1559 -10.62 2.22 43.17
CA ALA A 1559 -9.99 0.93 43.44
C ALA A 1559 -10.81 -0.22 42.89
N PHE A 1560 -12.13 -0.15 43.00
CA PHE A 1560 -12.99 -1.20 42.47
C PHE A 1560 -12.82 -1.32 40.96
N ASP A 1561 -12.80 -0.17 40.27
CA ASP A 1561 -12.65 -0.18 38.82
C ASP A 1561 -11.30 -0.80 38.42
N ILE A 1562 -10.23 -0.40 39.10
CA ILE A 1562 -8.92 -0.96 38.77
C ILE A 1562 -8.88 -2.46 39.04
N SER A 1563 -9.52 -2.91 40.11
CA SER A 1563 -9.57 -4.34 40.41
C SER A 1563 -10.30 -5.09 39.31
N ILE A 1564 -11.43 -4.56 38.86
CA ILE A 1564 -12.16 -5.23 37.78
C ILE A 1564 -11.31 -5.26 36.51
N MET A 1565 -10.63 -4.17 36.20
CA MET A 1565 -9.79 -4.13 35.01
C MET A 1565 -8.70 -5.20 35.07
N VAL A 1566 -8.05 -5.32 36.23
CA VAL A 1566 -6.99 -6.31 36.38
C VAL A 1566 -7.56 -7.71 36.23
N LEU A 1567 -8.76 -7.94 36.77
CA LEU A 1567 -9.40 -9.24 36.61
C LEU A 1567 -9.72 -9.52 35.14
N ILE A 1568 -10.15 -8.51 34.39
CA ILE A 1568 -10.45 -8.73 32.97
C ILE A 1568 -9.19 -9.06 32.20
N CYS A 1569 -8.08 -8.38 32.50
CA CYS A 1569 -6.83 -8.71 31.83
C CYS A 1569 -6.37 -10.12 32.19
N LEU A 1570 -6.56 -10.52 33.45
CA LEU A 1570 -6.22 -11.89 33.83
C LEU A 1570 -7.08 -12.91 33.09
N ASN A 1571 -8.36 -12.61 32.91
CA ASN A 1571 -9.22 -13.50 32.15
C ASN A 1571 -8.79 -13.55 30.69
N MET A 1572 -8.38 -12.40 30.13
CA MET A 1572 -7.78 -12.40 28.80
C MET A 1572 -6.61 -13.36 28.72
N VAL A 1573 -5.71 -13.31 29.70
CA VAL A 1573 -4.55 -14.18 29.68
C VAL A 1573 -4.97 -15.64 29.75
N THR A 1574 -5.92 -15.98 30.61
CA THR A 1574 -6.32 -17.38 30.70
C THR A 1574 -7.06 -17.83 29.45
N MET A 1575 -7.57 -16.89 28.66
CA MET A 1575 -8.05 -17.26 27.32
C MET A 1575 -6.90 -17.49 26.35
N MET A 1576 -5.88 -16.63 26.38
CA MET A 1576 -4.73 -16.83 25.50
C MET A 1576 -3.99 -18.13 25.80
N VAL A 1577 -4.12 -18.63 27.03
CA VAL A 1577 -3.39 -19.83 27.42
C VAL A 1577 -3.82 -21.06 26.62
N GLU A 1578 -5.05 -21.07 26.10
CA GLU A 1578 -5.53 -22.20 25.34
C GLU A 1578 -4.65 -22.47 24.13
N LYS A 1579 -4.39 -23.74 23.86
CA LYS A 1579 -3.65 -24.14 22.68
C LYS A 1579 -4.32 -25.38 22.11
N GLU A 1580 -3.74 -25.91 21.03
CA GLU A 1580 -4.28 -27.08 20.36
C GLU A 1580 -3.52 -28.33 20.79
N GLY A 1581 -4.25 -29.40 21.08
CA GLY A 1581 -3.62 -30.60 21.58
C GLY A 1581 -3.34 -30.59 23.06
N GLN A 1582 -3.87 -29.63 23.79
CA GLN A 1582 -3.64 -29.56 25.22
C GLN A 1582 -4.27 -30.76 25.92
N SER A 1583 -3.64 -31.17 27.02
CA SER A 1583 -4.12 -32.30 27.80
C SER A 1583 -5.41 -31.94 28.54
N GLN A 1584 -6.17 -32.97 28.88
CA GLN A 1584 -7.47 -32.77 29.50
C GLN A 1584 -7.35 -32.04 30.83
N HIS A 1585 -6.27 -32.27 31.57
CA HIS A 1585 -6.11 -31.62 32.87
C HIS A 1585 -6.11 -30.10 32.72
N MET A 1586 -5.39 -29.59 31.72
CA MET A 1586 -5.38 -28.15 31.50
C MET A 1586 -6.75 -27.66 31.06
N THR A 1587 -7.49 -28.47 30.30
CA THR A 1587 -8.84 -28.08 29.92
C THR A 1587 -9.73 -27.90 31.14
N GLU A 1588 -9.68 -28.86 32.09
CA GLU A 1588 -10.45 -28.74 33.31
C GLU A 1588 -10.02 -27.53 34.12
N VAL A 1589 -8.70 -27.31 34.22
CA VAL A 1589 -8.20 -26.19 34.99
C VAL A 1589 -8.74 -24.88 34.44
N LEU A 1590 -8.60 -24.66 33.13
CA LEU A 1590 -9.08 -23.41 32.53
C LEU A 1590 -10.60 -23.30 32.63
N TYR A 1591 -11.30 -24.42 32.54
CA TYR A 1591 -12.75 -24.40 32.73
C TYR A 1591 -13.10 -23.86 34.11
N TRP A 1592 -12.39 -24.35 35.12
CA TRP A 1592 -12.70 -23.92 36.48
C TRP A 1592 -12.31 -22.47 36.73
N ILE A 1593 -11.17 -22.03 36.19
CA ILE A 1593 -10.78 -20.63 36.34
C ILE A 1593 -11.80 -19.72 35.67
N ASN A 1594 -12.26 -20.10 34.47
CA ASN A 1594 -13.28 -19.29 33.81
C ASN A 1594 -14.57 -19.26 34.63
N VAL A 1595 -14.95 -20.40 35.23
CA VAL A 1595 -16.11 -20.41 36.10
C VAL A 1595 -15.94 -19.42 37.23
N VAL A 1596 -14.76 -19.42 37.87
CA VAL A 1596 -14.49 -18.47 38.94
C VAL A 1596 -14.65 -17.04 38.44
N PHE A 1597 -14.13 -16.76 37.24
CA PHE A 1597 -14.21 -15.42 36.69
C PHE A 1597 -15.66 -14.99 36.50
N ILE A 1598 -16.48 -15.89 35.94
CA ILE A 1598 -17.91 -15.58 35.81
C ILE A 1598 -18.50 -15.30 37.18
N ILE A 1599 -18.05 -16.04 38.20
CA ILE A 1599 -18.56 -15.81 39.55
C ILE A 1599 -18.25 -14.39 40.01
N LEU A 1600 -16.99 -13.95 39.89
CA LEU A 1600 -16.66 -12.61 40.40
C LEU A 1600 -17.32 -11.51 39.57
N PHE A 1601 -17.41 -11.68 38.25
CA PHE A 1601 -18.08 -10.63 37.48
C PHE A 1601 -19.57 -10.58 37.77
N THR A 1602 -20.21 -11.73 37.97
CA THR A 1602 -21.59 -11.73 38.41
C THR A 1602 -21.72 -11.07 39.78
N GLY A 1603 -20.76 -11.30 40.66
CA GLY A 1603 -20.79 -10.63 41.96
C GLY A 1603 -20.68 -9.13 41.82
N GLU A 1604 -19.81 -8.65 40.92
CA GLU A 1604 -19.70 -7.21 40.69
C GLU A 1604 -21.02 -6.65 40.19
N CYS A 1605 -21.64 -7.32 39.22
CA CYS A 1605 -22.90 -6.81 38.69
C CYS A 1605 -23.99 -6.84 39.75
N VAL A 1606 -24.00 -7.86 40.61
CA VAL A 1606 -25.01 -7.95 41.65
C VAL A 1606 -24.85 -6.85 42.69
N LEU A 1607 -23.60 -6.62 43.13
CA LEU A 1607 -23.37 -5.51 44.05
C LEU A 1607 -23.74 -4.18 43.42
N LYS A 1608 -23.52 -4.05 42.10
CA LYS A 1608 -23.94 -2.82 41.44
C LYS A 1608 -25.46 -2.71 41.39
N LEU A 1609 -26.16 -3.81 41.13
CA LEU A 1609 -27.62 -3.78 41.16
C LEU A 1609 -28.13 -3.31 42.51
N ILE A 1610 -27.59 -3.89 43.58
CA ILE A 1610 -28.09 -3.58 44.92
C ILE A 1610 -27.73 -2.16 45.31
N SER A 1611 -26.51 -1.75 45.05
CA SER A 1611 -26.08 -0.45 45.52
C SER A 1611 -26.62 0.76 44.81
N LEU A 1612 -26.67 0.71 43.49
CA LEU A 1612 -27.23 1.83 42.74
C LEU A 1612 -28.73 1.73 42.52
N ARG A 1613 -29.35 0.59 42.79
CA ARG A 1613 -30.80 0.47 42.93
C ARG A 1613 -31.53 0.89 41.66
N HIS A 1614 -31.27 0.16 40.58
CA HIS A 1614 -31.83 0.35 39.24
C HIS A 1614 -31.35 1.64 38.59
N TYR A 1615 -30.59 2.49 39.28
CA TYR A 1615 -29.83 3.52 38.61
C TYR A 1615 -28.66 2.93 37.84
N TYR A 1616 -28.38 1.65 38.07
CA TYR A 1616 -27.43 0.91 37.27
C TYR A 1616 -27.74 1.05 35.79
N PHE A 1617 -29.03 1.04 35.44
CA PHE A 1617 -29.43 0.98 34.04
C PHE A 1617 -29.39 2.36 33.39
N THR A 1618 -29.14 3.38 34.15
CA THR A 1618 -29.13 4.70 33.55
C THR A 1618 -27.86 4.93 32.76
N VAL A 1619 -26.71 4.60 33.33
CA VAL A 1619 -25.45 4.84 32.66
C VAL A 1619 -25.22 3.76 31.61
N GLY A 1620 -24.78 4.18 30.42
CA GLY A 1620 -24.84 3.29 29.26
C GLY A 1620 -23.98 2.04 29.39
N TRP A 1621 -22.78 2.18 29.93
CA TRP A 1621 -21.86 1.06 29.96
C TRP A 1621 -22.35 -0.09 30.85
N ASN A 1622 -23.22 0.20 31.82
CA ASN A 1622 -23.71 -0.85 32.69
C ASN A 1622 -24.67 -1.80 31.98
N ILE A 1623 -25.42 -1.30 30.99
CA ILE A 1623 -26.22 -2.21 30.18
C ILE A 1623 -25.31 -3.20 29.45
N PHE A 1624 -24.18 -2.71 28.93
CA PHE A 1624 -23.23 -3.61 28.29
C PHE A 1624 -22.68 -4.63 29.28
N ASP A 1625 -22.34 -4.18 30.49
CA ASP A 1625 -21.93 -5.11 31.54
C ASP A 1625 -22.99 -6.19 31.77
N PHE A 1626 -24.25 -5.78 31.86
CA PHE A 1626 -25.35 -6.70 32.11
C PHE A 1626 -25.44 -7.73 30.99
N VAL A 1627 -25.39 -7.27 29.74
CA VAL A 1627 -25.49 -8.20 28.61
C VAL A 1627 -24.31 -9.16 28.61
N VAL A 1628 -23.11 -8.67 28.90
CA VAL A 1628 -21.95 -9.56 28.92
C VAL A 1628 -22.11 -10.66 29.96
N VAL A 1629 -22.53 -10.30 31.17
CA VAL A 1629 -22.62 -11.34 32.20
C VAL A 1629 -23.74 -12.32 31.89
N ILE A 1630 -24.88 -11.83 31.37
CA ILE A 1630 -25.95 -12.75 30.98
C ILE A 1630 -25.48 -13.71 29.90
N ILE A 1631 -24.87 -13.20 28.83
CA ILE A 1631 -24.46 -14.10 27.75
C ILE A 1631 -23.35 -15.02 28.21
N SER A 1632 -22.54 -14.60 29.19
CA SER A 1632 -21.53 -15.49 29.73
C SER A 1632 -22.17 -16.69 30.41
N ILE A 1633 -23.11 -16.44 31.32
CA ILE A 1633 -23.77 -17.56 32.00
C ILE A 1633 -24.54 -18.42 31.02
N VAL A 1634 -25.28 -17.78 30.10
CA VAL A 1634 -26.11 -18.53 29.16
C VAL A 1634 -25.24 -19.39 28.26
N GLY A 1635 -24.13 -18.86 27.76
CA GLY A 1635 -23.24 -19.65 26.93
C GLY A 1635 -22.62 -20.80 27.70
N MET A 1636 -22.23 -20.55 28.95
CA MET A 1636 -21.61 -21.61 29.75
C MET A 1636 -22.59 -22.75 29.99
N PHE A 1637 -23.87 -22.44 30.21
CA PHE A 1637 -24.88 -23.49 30.33
C PHE A 1637 -25.17 -24.16 28.99
N LEU A 1638 -25.36 -23.37 27.93
CA LEU A 1638 -25.73 -23.92 26.64
C LEU A 1638 -24.68 -24.88 26.12
N ALA A 1639 -23.40 -24.52 26.25
CA ALA A 1639 -22.36 -25.39 25.71
C ALA A 1639 -22.37 -26.76 26.37
N ASP A 1640 -22.38 -26.79 27.71
CA ASP A 1640 -22.43 -28.06 28.41
C ASP A 1640 -23.71 -28.82 28.11
N LEU A 1641 -24.76 -28.11 27.71
CA LEU A 1641 -25.90 -28.79 27.11
C LEU A 1641 -25.52 -29.40 25.76
N ILE A 1642 -24.72 -28.67 24.98
CA ILE A 1642 -24.41 -29.11 23.60
C ILE A 1642 -23.65 -30.42 23.60
N GLU A 1643 -22.60 -30.55 24.42
CA GLU A 1643 -21.84 -31.80 24.34
C GLU A 1643 -22.62 -32.96 24.94
N THR A 1644 -23.77 -32.69 25.57
CA THR A 1644 -24.54 -33.74 26.22
C THR A 1644 -25.94 -33.93 25.64
N TYR A 1645 -26.49 -32.95 24.93
CA TYR A 1645 -27.87 -33.08 24.46
C TYR A 1645 -27.96 -33.05 22.94
N PHE A 1646 -27.34 -32.07 22.31
CA PHE A 1646 -27.32 -31.93 20.85
C PHE A 1646 -25.86 -31.76 20.45
N VAL A 1647 -25.16 -32.88 20.25
CA VAL A 1647 -23.71 -32.87 20.08
C VAL A 1647 -23.41 -32.40 18.65
N SER A 1648 -22.89 -31.17 18.55
CA SER A 1648 -22.44 -30.60 17.28
C SER A 1648 -21.30 -29.65 17.58
N PRO A 1649 -20.06 -30.02 17.29
CA PRO A 1649 -18.92 -29.16 17.69
C PRO A 1649 -18.97 -27.75 17.13
N THR A 1650 -19.43 -27.57 15.89
CA THR A 1650 -19.41 -26.24 15.29
C THR A 1650 -20.30 -25.27 16.06
N LEU A 1651 -21.51 -25.70 16.41
CA LEU A 1651 -22.38 -24.83 17.19
C LEU A 1651 -21.79 -24.56 18.56
N PHE A 1652 -21.11 -25.55 19.14
CA PHE A 1652 -20.38 -25.35 20.38
C PHE A 1652 -19.38 -24.21 20.27
N ARG A 1653 -18.51 -24.26 19.25
CA ARG A 1653 -17.49 -23.23 19.10
C ARG A 1653 -18.12 -21.87 18.82
N VAL A 1654 -19.24 -21.83 18.10
CA VAL A 1654 -19.87 -20.54 17.85
C VAL A 1654 -20.46 -19.94 19.12
N ILE A 1655 -21.15 -20.75 19.93
CA ILE A 1655 -21.71 -20.20 21.18
C ILE A 1655 -20.61 -19.84 22.17
N ARG A 1656 -19.50 -20.58 22.15
CA ARG A 1656 -18.46 -20.38 23.15
C ARG A 1656 -17.75 -19.03 22.94
N LEU A 1657 -18.04 -18.38 21.81
CA LEU A 1657 -17.53 -17.04 21.52
C LEU A 1657 -18.06 -15.98 22.47
N ALA A 1658 -19.10 -16.29 23.24
CA ALA A 1658 -19.63 -15.32 24.20
C ALA A 1658 -18.64 -14.96 25.29
N ARG A 1659 -17.63 -15.81 25.51
CA ARG A 1659 -16.52 -15.45 26.39
C ARG A 1659 -15.87 -14.14 25.97
N ILE A 1660 -15.76 -13.92 24.66
CA ILE A 1660 -15.06 -12.75 24.14
C ILE A 1660 -15.73 -11.46 24.58
N GLY A 1661 -17.01 -11.52 24.96
CA GLY A 1661 -17.68 -10.32 25.41
C GLY A 1661 -17.05 -9.68 26.63
N ARG A 1662 -16.45 -10.50 27.50
CA ARG A 1662 -15.80 -9.97 28.69
C ARG A 1662 -14.62 -9.09 28.33
N ILE A 1663 -13.82 -9.51 27.35
CA ILE A 1663 -12.64 -8.76 26.94
C ILE A 1663 -13.00 -7.36 26.47
N LEU A 1664 -14.13 -7.21 25.78
CA LEU A 1664 -14.53 -5.94 25.20
C LEU A 1664 -14.50 -4.81 26.21
N ARG A 1665 -14.46 -5.12 27.48
CA ARG A 1665 -14.71 -4.12 28.47
C ARG A 1665 -13.50 -3.31 28.83
N LEU A 1666 -12.35 -3.67 28.34
CA LEU A 1666 -11.16 -2.86 28.57
C LEU A 1666 -11.29 -1.45 28.01
N VAL A 1667 -12.19 -1.24 27.05
CA VAL A 1667 -12.35 0.10 26.49
C VAL A 1667 -13.09 1.01 27.45
N LYS A 1668 -13.47 0.49 28.62
CA LYS A 1668 -14.12 1.32 29.63
C LYS A 1668 -13.22 2.46 30.10
N GLY A 1669 -11.95 2.17 30.33
CA GLY A 1669 -11.08 3.15 30.97
C GLY A 1669 -10.29 4.00 30.00
N ALA A 1670 -9.83 3.39 28.91
CA ALA A 1670 -8.90 4.05 27.99
C ALA A 1670 -9.61 5.20 27.27
N LYS A 1671 -9.17 6.43 27.53
CA LYS A 1671 -9.82 7.60 26.93
C LYS A 1671 -9.49 7.78 25.47
N GLY A 1672 -8.40 7.17 24.98
CA GLY A 1672 -8.06 7.30 23.57
C GLY A 1672 -8.74 6.25 22.71
N ILE A 1673 -8.81 5.03 23.22
CA ILE A 1673 -9.52 3.96 22.51
C ILE A 1673 -10.98 4.32 22.31
N ARG A 1674 -11.62 4.90 23.29
CA ARG A 1674 -12.96 5.27 23.06
C ARG A 1674 -12.94 6.29 21.98
N THR A 1675 -12.18 7.35 22.08
CA THR A 1675 -12.25 8.38 21.06
C THR A 1675 -12.14 7.79 19.66
N LEU A 1676 -11.22 6.84 19.47
CA LEU A 1676 -11.05 6.23 18.16
C LEU A 1676 -12.28 5.39 17.76
N LEU A 1677 -12.83 4.63 18.71
CA LEU A 1677 -14.02 3.84 18.39
C LEU A 1677 -15.22 4.74 18.14
N PHE A 1678 -15.29 5.88 18.83
CA PHE A 1678 -16.35 6.83 18.53
C PHE A 1678 -16.15 7.47 17.16
N ALA A 1679 -14.91 7.61 16.73
CA ALA A 1679 -14.67 8.04 15.34
C ALA A 1679 -15.23 7.02 14.36
N LEU A 1680 -15.02 5.73 14.63
CA LEU A 1680 -15.63 4.70 13.79
C LEU A 1680 -17.16 4.81 13.77
N MET A 1681 -17.76 4.95 14.95
CA MET A 1681 -19.22 5.07 15.03
C MET A 1681 -19.70 6.32 14.29
N MET A 1682 -18.92 7.39 14.33
CA MET A 1682 -19.22 8.60 13.57
C MET A 1682 -19.21 8.33 12.07
N SER A 1683 -18.19 7.60 11.60
CA SER A 1683 -18.01 7.46 10.16
C SER A 1683 -18.85 6.35 9.56
N LEU A 1684 -19.52 5.54 10.38
CA LEU A 1684 -20.29 4.43 9.84
C LEU A 1684 -21.29 4.79 8.73
N PRO A 1685 -22.08 5.86 8.81
CA PRO A 1685 -23.08 6.09 7.75
C PRO A 1685 -22.51 6.22 6.34
N ALA A 1686 -21.47 7.05 6.16
CA ALA A 1686 -20.87 7.21 4.85
C ALA A 1686 -20.33 5.90 4.34
N LEU A 1687 -19.69 5.11 5.21
CA LEU A 1687 -19.22 3.80 4.80
C LEU A 1687 -20.38 2.89 4.42
N PHE A 1688 -21.53 3.05 5.08
CA PHE A 1688 -22.70 2.25 4.71
C PHE A 1688 -23.14 2.57 3.29
N ASN A 1689 -23.19 3.87 2.96
CA ASN A 1689 -23.57 4.25 1.59
C ASN A 1689 -22.58 3.72 0.56
N ILE A 1690 -21.29 3.94 0.80
CA ILE A 1690 -20.28 3.55 -0.18
C ILE A 1690 -20.23 2.03 -0.30
N GLY A 1691 -20.42 1.31 0.80
CA GLY A 1691 -20.40 -0.13 0.75
C GLY A 1691 -21.65 -0.69 0.10
N LEU A 1692 -22.78 0.01 0.23
CA LEU A 1692 -23.97 -0.39 -0.51
C LEU A 1692 -23.74 -0.31 -2.01
N LEU A 1693 -23.16 0.80 -2.47
CA LEU A 1693 -22.86 0.91 -3.90
C LEU A 1693 -21.86 -0.15 -4.33
N LEU A 1694 -20.82 -0.37 -3.51
CA LEU A 1694 -19.84 -1.40 -3.84
C LEU A 1694 -20.48 -2.78 -3.91
N PHE A 1695 -21.43 -3.06 -3.02
CA PHE A 1695 -22.11 -4.35 -3.05
C PHE A 1695 -22.94 -4.49 -4.32
N LEU A 1696 -23.59 -3.41 -4.75
CA LEU A 1696 -24.38 -3.49 -5.98
C LEU A 1696 -23.46 -3.74 -7.18
N VAL A 1697 -22.29 -3.11 -7.20
CA VAL A 1697 -21.33 -3.36 -8.27
C VAL A 1697 -20.87 -4.82 -8.23
N MET A 1698 -20.61 -5.34 -7.03
CA MET A 1698 -20.23 -6.75 -6.92
C MET A 1698 -21.35 -7.65 -7.43
N PHE A 1699 -22.59 -7.32 -7.13
CA PHE A 1699 -23.72 -8.13 -7.60
C PHE A 1699 -23.76 -8.17 -9.12
N ILE A 1700 -23.60 -7.01 -9.76
CA ILE A 1700 -23.63 -6.93 -11.21
C ILE A 1700 -22.50 -7.78 -11.81
N TYR A 1701 -21.29 -7.60 -11.28
CA TYR A 1701 -20.16 -8.38 -11.80
C TYR A 1701 -20.31 -9.86 -11.52
N ALA A 1702 -20.99 -10.23 -10.45
CA ALA A 1702 -21.20 -11.65 -10.17
C ALA A 1702 -22.16 -12.26 -11.17
N ILE A 1703 -23.23 -11.54 -11.51
CA ILE A 1703 -24.14 -12.05 -12.54
C ILE A 1703 -23.42 -12.17 -13.87
N PHE A 1704 -22.62 -11.16 -14.24
CA PHE A 1704 -21.85 -11.24 -15.47
C PHE A 1704 -20.89 -12.43 -15.46
N GLY A 1705 -20.20 -12.63 -14.34
CA GLY A 1705 -19.25 -13.72 -14.27
C GLY A 1705 -19.90 -15.08 -14.35
N MET A 1706 -21.07 -15.23 -13.74
CA MET A 1706 -21.83 -16.47 -13.89
C MET A 1706 -22.23 -16.68 -15.34
N SER A 1707 -22.66 -15.62 -16.00
CA SER A 1707 -23.04 -15.74 -17.41
C SER A 1707 -21.87 -16.20 -18.26
N ASN A 1708 -20.72 -15.61 -18.11
CA ASN A 1708 -19.61 -15.89 -18.94
C ASN A 1708 -18.63 -16.96 -18.52
N PHE A 1709 -18.05 -16.94 -17.32
CA PHE A 1709 -16.94 -17.82 -16.96
C PHE A 1709 -17.36 -19.06 -16.19
N ALA A 1710 -18.65 -19.43 -16.21
CA ALA A 1710 -19.11 -20.53 -15.38
C ALA A 1710 -18.56 -21.88 -15.82
N TYR A 1711 -17.94 -21.95 -17.00
CA TYR A 1711 -17.44 -23.23 -17.50
C TYR A 1711 -15.97 -23.19 -17.91
N VAL A 1712 -15.21 -22.21 -17.43
CA VAL A 1712 -13.79 -22.17 -17.78
C VAL A 1712 -13.06 -23.33 -17.12
N LYS A 1713 -11.89 -23.66 -17.67
CA LYS A 1713 -11.10 -24.75 -17.13
C LYS A 1713 -10.56 -24.36 -15.76
N TRP A 1714 -10.32 -25.37 -14.93
CA TRP A 1714 -9.91 -25.16 -13.54
C TRP A 1714 -8.39 -25.07 -13.49
N GLU A 1715 -7.87 -23.85 -13.43
CA GLU A 1715 -6.42 -23.66 -13.44
C GLU A 1715 -5.93 -22.46 -12.65
N ASP A 1716 -4.92 -22.65 -11.81
CA ASP A 1716 -4.31 -21.51 -11.08
C ASP A 1716 -5.21 -20.61 -10.25
N GLY A 1717 -6.19 -21.18 -9.55
CA GLY A 1717 -7.04 -20.38 -8.69
C GLY A 1717 -8.50 -20.71 -8.86
N ILE A 1718 -8.92 -21.00 -10.08
CA ILE A 1718 -10.27 -21.41 -10.31
C ILE A 1718 -10.22 -22.88 -10.04
N ASN A 1719 -10.91 -23.37 -9.00
CA ASN A 1719 -10.86 -24.76 -8.59
C ASN A 1719 -12.26 -25.17 -8.16
N ASP A 1720 -12.35 -26.29 -7.47
CA ASP A 1720 -13.62 -26.82 -7.11
C ASP A 1720 -14.34 -26.02 -6.15
N MET A 1721 -13.67 -25.16 -5.49
CA MET A 1721 -14.26 -24.37 -4.43
C MET A 1721 -14.33 -22.89 -4.75
N PHE A 1722 -13.49 -22.38 -5.62
CA PHE A 1722 -13.40 -20.95 -5.91
C PHE A 1722 -13.53 -20.79 -7.41
N ASN A 1723 -14.75 -20.60 -7.91
CA ASN A 1723 -15.09 -20.52 -9.31
C ASN A 1723 -16.27 -19.67 -9.48
N PHE A 1724 -16.87 -19.62 -10.66
CA PHE A 1724 -18.00 -18.79 -11.02
C PHE A 1724 -19.22 -19.62 -11.37
N GLU A 1725 -19.31 -20.84 -10.81
CA GLU A 1725 -20.41 -21.74 -11.13
C GLU A 1725 -21.70 -21.41 -10.37
N THR A 1726 -21.62 -20.58 -9.34
CA THR A 1726 -22.77 -20.28 -8.51
C THR A 1726 -22.63 -18.84 -8.03
N PHE A 1727 -23.74 -18.28 -7.55
CA PHE A 1727 -23.69 -16.92 -7.02
C PHE A 1727 -22.81 -16.82 -5.78
N GLY A 1728 -22.87 -17.81 -4.89
CA GLY A 1728 -22.02 -17.79 -3.72
C GLY A 1728 -20.55 -17.82 -4.08
N ASN A 1729 -20.23 -18.75 -4.96
CA ASN A 1729 -18.89 -18.91 -5.40
C ASN A 1729 -18.37 -17.73 -6.21
N SER A 1730 -19.17 -16.98 -6.93
CA SER A 1730 -18.81 -15.76 -7.65
C SER A 1730 -18.60 -14.61 -6.69
N MET A 1731 -19.51 -14.44 -5.72
CA MET A 1731 -19.35 -13.32 -4.81
C MET A 1731 -18.20 -13.55 -3.85
N ILE A 1732 -17.85 -14.79 -3.59
CA ILE A 1732 -16.65 -15.08 -2.80
C ILE A 1732 -15.40 -14.59 -3.55
N CYS A 1733 -15.31 -14.93 -4.83
CA CYS A 1733 -14.18 -14.45 -5.64
C CYS A 1733 -14.16 -12.93 -5.72
N LEU A 1734 -15.34 -12.31 -5.84
CA LEU A 1734 -15.39 -10.86 -6.01
C LEU A 1734 -15.01 -10.14 -4.71
N PHE A 1735 -15.40 -10.67 -3.56
CA PHE A 1735 -14.85 -10.13 -2.33
C PHE A 1735 -13.35 -10.30 -2.23
N GLN A 1736 -12.84 -11.46 -2.65
CA GLN A 1736 -11.40 -11.65 -2.59
C GLN A 1736 -10.67 -10.57 -3.37
N ILE A 1737 -11.12 -10.27 -4.59
CA ILE A 1737 -10.39 -9.33 -5.45
C ILE A 1737 -10.90 -7.90 -5.33
N THR A 1738 -11.89 -7.65 -4.47
CA THR A 1738 -12.20 -6.26 -4.12
C THR A 1738 -11.01 -5.56 -3.49
N THR A 1739 -10.13 -6.31 -2.84
CA THR A 1739 -8.86 -5.81 -2.34
C THR A 1739 -7.74 -6.02 -3.35
N SER A 1740 -8.08 -6.48 -4.55
CA SER A 1740 -7.13 -6.74 -5.63
C SER A 1740 -6.13 -7.83 -5.28
N ALA A 1741 -6.53 -8.78 -4.45
CA ALA A 1741 -5.67 -9.88 -4.03
C ALA A 1741 -5.91 -11.07 -4.94
N GLY A 1742 -4.89 -11.45 -5.70
CA GLY A 1742 -4.96 -12.64 -6.51
C GLY A 1742 -5.79 -12.55 -7.77
N TRP A 1743 -6.09 -11.34 -8.26
CA TRP A 1743 -6.84 -11.22 -9.49
C TRP A 1743 -6.08 -11.77 -10.69
N ASP A 1744 -4.75 -11.76 -10.63
CA ASP A 1744 -3.94 -12.38 -11.65
C ASP A 1744 -4.15 -13.88 -11.74
N GLY A 1745 -4.67 -14.51 -10.69
CA GLY A 1745 -4.84 -15.94 -10.69
C GLY A 1745 -6.19 -16.35 -11.23
N LEU A 1746 -7.19 -15.50 -11.01
CA LEU A 1746 -8.49 -15.75 -11.64
C LEU A 1746 -8.48 -15.36 -13.11
N LEU A 1747 -7.76 -14.31 -13.48
CA LEU A 1747 -7.70 -13.93 -14.89
C LEU A 1747 -6.96 -14.98 -15.72
N ALA A 1748 -6.02 -15.69 -15.12
CA ALA A 1748 -5.15 -16.57 -15.91
C ALA A 1748 -5.89 -17.70 -16.64
N PRO A 1749 -6.84 -18.42 -16.04
CA PRO A 1749 -7.50 -19.48 -16.81
C PRO A 1749 -8.41 -18.97 -17.90
N ILE A 1750 -8.93 -17.75 -17.75
CA ILE A 1750 -9.76 -17.15 -18.79
C ILE A 1750 -8.93 -16.73 -20.00
N LEU A 1751 -7.65 -16.41 -19.78
CA LEU A 1751 -6.79 -16.05 -20.90
C LEU A 1751 -6.55 -17.23 -21.81
N ASN A 1752 -6.83 -18.44 -21.34
CA ASN A 1752 -6.78 -19.64 -22.17
C ASN A 1752 -7.89 -19.56 -23.21
N SER A 1753 -7.53 -19.63 -24.49
CA SER A 1753 -8.51 -19.47 -25.56
C SER A 1753 -8.30 -20.45 -26.71
N LYS A 1754 -7.37 -21.39 -26.59
CA LYS A 1754 -7.01 -22.19 -27.74
C LYS A 1754 -6.79 -23.65 -27.36
N PRO A 1755 -6.89 -24.57 -28.32
CA PRO A 1755 -6.90 -26.00 -27.99
C PRO A 1755 -5.65 -26.49 -27.26
N PRO A 1756 -4.48 -25.87 -27.44
CA PRO A 1756 -3.33 -26.34 -26.64
C PRO A 1756 -3.55 -26.29 -25.14
N ASP A 1757 -4.20 -25.24 -24.63
CA ASP A 1757 -4.45 -25.12 -23.19
C ASP A 1757 -5.89 -25.50 -22.87
N CYS A 1758 -6.85 -24.78 -23.44
CA CYS A 1758 -8.27 -25.03 -23.26
C CYS A 1758 -8.76 -26.06 -24.27
N ASP A 1759 -10.06 -26.34 -24.27
CA ASP A 1759 -10.65 -27.34 -25.15
C ASP A 1759 -11.98 -26.81 -25.65
N PRO A 1760 -12.12 -26.51 -26.94
CA PRO A 1760 -13.28 -25.75 -27.41
C PRO A 1760 -14.50 -26.58 -27.77
N THR A 1761 -14.36 -27.90 -27.93
CA THR A 1761 -15.48 -28.78 -28.26
C THR A 1761 -15.62 -29.77 -27.11
N LEU A 1762 -16.37 -29.35 -26.08
CA LEU A 1762 -16.60 -30.16 -24.90
C LEU A 1762 -18.04 -29.97 -24.44
N PRO A 1763 -18.81 -31.04 -24.30
CA PRO A 1763 -20.24 -30.88 -23.94
C PRO A 1763 -20.41 -30.23 -22.58
N ASN A 1764 -21.22 -29.18 -22.54
CA ASN A 1764 -21.54 -28.45 -21.32
C ASN A 1764 -23.04 -28.49 -21.05
N SER A 1765 -23.39 -28.24 -19.80
CA SER A 1765 -24.77 -28.35 -19.34
C SER A 1765 -25.60 -27.11 -19.62
N ASN A 1766 -24.99 -26.05 -20.17
CA ASN A 1766 -25.71 -24.85 -20.55
C ASN A 1766 -26.25 -24.94 -21.97
N GLY A 1767 -25.95 -26.01 -22.70
CA GLY A 1767 -26.17 -26.08 -24.12
C GLY A 1767 -24.99 -25.63 -24.95
N SER A 1768 -24.05 -24.92 -24.35
CA SER A 1768 -22.86 -24.46 -25.04
C SER A 1768 -21.78 -25.54 -25.06
N ARG A 1769 -20.65 -25.20 -25.67
CA ARG A 1769 -19.54 -26.14 -25.79
C ARG A 1769 -18.24 -25.44 -25.41
N GLY A 1770 -17.29 -26.23 -24.92
CA GLY A 1770 -15.96 -25.72 -24.64
C GLY A 1770 -15.75 -25.21 -23.22
N ASP A 1771 -14.61 -25.58 -22.64
CA ASP A 1771 -14.19 -25.06 -21.35
C ASP A 1771 -13.19 -23.93 -21.52
N CYS A 1772 -13.40 -23.13 -22.55
CA CYS A 1772 -12.41 -22.19 -23.04
C CYS A 1772 -12.75 -20.82 -22.51
N GLY A 1773 -11.86 -19.86 -22.74
CA GLY A 1773 -12.17 -18.50 -22.32
C GLY A 1773 -11.79 -17.49 -23.37
N ASN A 1774 -12.60 -16.48 -23.58
CA ASN A 1774 -12.21 -15.47 -24.55
C ASN A 1774 -11.56 -14.30 -23.82
N PRO A 1775 -10.31 -13.97 -24.13
CA PRO A 1775 -9.56 -13.00 -23.33
C PRO A 1775 -10.17 -11.62 -23.25
N SER A 1776 -10.82 -11.15 -24.32
CA SER A 1776 -11.26 -9.77 -24.38
C SER A 1776 -12.24 -9.45 -23.25
N VAL A 1777 -13.24 -10.31 -23.06
CA VAL A 1777 -14.19 -10.11 -21.98
C VAL A 1777 -13.51 -10.28 -20.63
N GLY A 1778 -12.59 -11.26 -20.52
CA GLY A 1778 -11.89 -11.45 -19.27
C GLY A 1778 -11.04 -10.27 -18.86
N ILE A 1779 -10.26 -9.74 -19.80
CA ILE A 1779 -9.43 -8.57 -19.51
C ILE A 1779 -10.29 -7.36 -19.19
N PHE A 1780 -11.34 -7.14 -19.97
CA PHE A 1780 -12.20 -6.00 -19.67
C PHE A 1780 -12.83 -6.14 -18.28
N TYR A 1781 -13.33 -7.32 -17.94
CA TYR A 1781 -13.93 -7.59 -16.66
C TYR A 1781 -13.05 -7.37 -15.54
N PHE A 1782 -11.83 -7.90 -15.55
CA PHE A 1782 -10.96 -7.76 -14.40
C PHE A 1782 -10.37 -6.36 -14.28
N VAL A 1783 -9.90 -5.78 -15.40
CA VAL A 1783 -9.32 -4.45 -15.31
C VAL A 1783 -10.38 -3.44 -14.86
N SER A 1784 -11.57 -3.52 -15.38
CA SER A 1784 -12.59 -2.62 -14.96
C SER A 1784 -12.91 -2.78 -13.55
N TYR A 1785 -13.10 -4.02 -13.13
CA TYR A 1785 -13.45 -4.26 -11.73
C TYR A 1785 -12.41 -3.70 -10.79
N ILE A 1786 -11.13 -3.93 -11.06
CA ILE A 1786 -10.13 -3.45 -10.11
C ILE A 1786 -10.08 -1.94 -10.13
N ILE A 1787 -10.33 -1.31 -11.27
CA ILE A 1787 -10.35 0.16 -11.31
C ILE A 1787 -11.55 0.71 -10.52
N ILE A 1788 -12.74 0.16 -10.73
CA ILE A 1788 -13.91 0.67 -10.00
C ILE A 1788 -13.77 0.42 -8.51
N SER A 1789 -13.29 -0.76 -8.12
CA SER A 1789 -13.11 -1.06 -6.72
C SER A 1789 -12.03 -0.16 -6.10
N PHE A 1790 -10.96 0.11 -6.85
CA PHE A 1790 -9.96 1.06 -6.38
C PHE A 1790 -10.58 2.42 -6.13
N LEU A 1791 -11.39 2.91 -7.07
CA LEU A 1791 -12.02 4.21 -6.91
C LEU A 1791 -12.90 4.23 -5.67
N VAL A 1792 -13.71 3.19 -5.50
CA VAL A 1792 -14.68 3.18 -4.40
C VAL A 1792 -13.99 3.06 -3.05
N VAL A 1793 -12.97 2.19 -2.94
CA VAL A 1793 -12.29 2.06 -1.66
C VAL A 1793 -11.47 3.30 -1.35
N VAL A 1794 -10.90 3.95 -2.37
CA VAL A 1794 -10.24 5.24 -2.12
C VAL A 1794 -11.23 6.25 -1.61
N ASN A 1795 -12.47 6.20 -2.11
CA ASN A 1795 -13.50 7.09 -1.59
C ASN A 1795 -13.79 6.79 -0.12
N MET A 1796 -13.83 5.51 0.26
CA MET A 1796 -13.98 5.17 1.67
C MET A 1796 -12.83 5.73 2.50
N TYR A 1797 -11.60 5.58 1.99
CA TYR A 1797 -10.42 6.13 2.66
C TYR A 1797 -10.61 7.62 2.92
N ILE A 1798 -10.99 8.37 1.89
CA ILE A 1798 -11.15 9.82 2.04
C ILE A 1798 -12.23 10.13 3.08
N ALA A 1799 -13.36 9.43 3.02
CA ALA A 1799 -14.44 9.70 3.97
C ALA A 1799 -13.96 9.49 5.40
N VAL A 1800 -13.33 8.35 5.69
CA VAL A 1800 -12.93 8.05 7.06
C VAL A 1800 -11.86 9.03 7.53
N ILE A 1801 -10.86 9.32 6.70
CA ILE A 1801 -9.77 10.19 7.15
C ILE A 1801 -10.26 11.61 7.39
N LEU A 1802 -11.11 12.14 6.50
CA LEU A 1802 -11.66 13.46 6.76
C LEU A 1802 -12.56 13.46 7.99
N GLU A 1803 -13.24 12.36 8.26
CA GLU A 1803 -14.01 12.26 9.49
C GLU A 1803 -13.10 12.35 10.71
N ASN A 1804 -11.96 11.65 10.65
CA ASN A 1804 -11.00 11.69 11.76
C ASN A 1804 -10.45 13.09 11.97
N PHE A 1805 -10.08 13.78 10.89
CA PHE A 1805 -9.64 15.17 11.03
C PHE A 1805 -10.74 16.05 11.62
N SER A 1806 -11.99 15.84 11.20
CA SER A 1806 -13.08 16.66 11.73
C SER A 1806 -13.27 16.44 13.23
N VAL A 1807 -13.28 15.19 13.67
CA VAL A 1807 -13.53 14.92 15.09
C VAL A 1807 -12.35 15.36 15.95
N ALA A 1808 -11.13 15.04 15.51
CA ALA A 1808 -9.95 15.35 16.32
C ALA A 1808 -9.49 16.79 16.09
C1 NAG B . 9.54 -34.70 -18.23
C2 NAG B . 10.62 -35.59 -18.82
C3 NAG B . 10.20 -37.05 -18.74
C4 NAG B . 9.72 -37.44 -17.36
C5 NAG B . 8.72 -36.42 -16.83
C6 NAG B . 8.37 -36.62 -15.37
C7 NAG B . 12.12 -35.22 -20.73
C8 NAG B . 12.22 -34.82 -22.17
N2 NAG B . 10.89 -35.22 -20.20
O3 NAG B . 11.30 -37.88 -19.13
O4 NAG B . 9.04 -38.69 -17.44
O5 NAG B . 9.28 -35.10 -16.92
O6 NAG B . 9.03 -35.67 -14.54
O7 NAG B . 13.11 -35.52 -20.07
C1 NAG B . 9.55 -39.69 -16.53
C2 NAG B . 10.45 -40.64 -17.33
C3 NAG B . 11.04 -41.71 -16.42
C4 NAG B . 11.73 -41.07 -15.22
C5 NAG B . 10.79 -40.10 -14.52
C6 NAG B . 11.45 -39.34 -13.40
C7 NAG B . 9.86 -40.90 -19.71
C8 NAG B . 9.01 -41.64 -20.69
N2 NAG B . 9.70 -41.25 -18.42
O3 NAG B . 11.97 -42.49 -17.16
O4 NAG B . 12.15 -42.07 -14.31
O5 NAG B . 10.31 -39.12 -15.46
O6 NAG B . 10.74 -39.50 -12.17
O7 NAG B . 10.66 -40.04 -20.05
C1 NAG C . 20.05 -23.07 -32.37
C2 NAG C . 21.01 -22.62 -33.49
C3 NAG C . 22.10 -23.65 -33.74
C4 NAG C . 22.55 -24.22 -32.41
C5 NAG C . 21.45 -25.11 -31.87
C6 NAG C . 21.52 -25.27 -30.36
C7 NAG C . 19.76 -21.12 -34.96
C8 NAG C . 19.03 -20.97 -36.26
N2 NAG C . 20.29 -22.32 -34.71
O3 NAG C . 23.19 -23.01 -34.39
O4 NAG C . 23.78 -24.95 -32.51
O5 NAG C . 20.16 -24.55 -32.17
O6 NAG C . 22.86 -25.32 -29.92
O7 NAG C . 19.87 -20.19 -34.17
C1 NAG C . 23.83 -25.95 -33.55
C2 NAG C . 25.30 -26.08 -33.93
C3 NAG C . 25.49 -27.16 -34.98
C4 NAG C . 24.87 -28.47 -34.50
C5 NAG C . 23.42 -28.25 -34.11
C6 NAG C . 22.77 -29.48 -33.53
C7 NAG C . 27.14 -24.50 -34.33
C8 NAG C . 27.51 -23.14 -34.86
N2 NAG C . 25.84 -24.81 -34.39
O3 NAG C . 26.88 -27.34 -35.24
O4 NAG C . 24.94 -29.44 -35.54
O5 NAG C . 23.33 -27.22 -33.11
O6 NAG C . 23.27 -29.77 -32.23
O7 NAG C . 27.97 -25.28 -33.88
C1 NAG D . -3.66 -57.78 10.74
C2 NAG D . -4.14 -58.76 9.67
C3 NAG D . -3.25 -60.01 9.68
C4 NAG D . -1.79 -59.63 9.57
C5 NAG D . -1.41 -58.62 10.65
C6 NAG D . 0.01 -58.13 10.55
C7 NAG D . -6.46 -59.02 8.90
C8 NAG D . -7.84 -59.42 9.28
N2 NAG D . -5.53 -59.11 9.87
O3 NAG D . -3.63 -60.85 8.59
O4 NAG D . -0.97 -60.79 9.71
O5 NAG D . -2.27 -57.47 10.54
O6 NAG D . 0.75 -58.50 11.70
O7 NAG D . -6.18 -58.63 7.78
C1 NAG E . 8.93 -33.86 -37.39
C2 NAG E . 9.92 -33.99 -38.59
C3 NAG E . 10.37 -35.44 -38.84
C4 NAG E . 9.56 -36.45 -38.03
C5 NAG E . 8.10 -36.10 -38.17
C6 NAG E . 7.20 -37.14 -37.53
C7 NAG E . 9.99 -32.49 -40.52
C8 NAG E . 9.28 -32.00 -41.75
N2 NAG E . 9.36 -33.42 -39.80
O3 NAG E . 11.76 -35.57 -38.53
O4 NAG E . 9.80 -37.77 -38.50
O5 NAG E . 7.82 -34.87 -37.51
O6 NAG E . 7.39 -37.19 -36.13
O7 NAG E . 11.10 -32.05 -40.19
C P5S F . -48.39 19.20 -13.93
N P5S F . -49.59 17.31 -14.82
O P5S F . -48.76 20.27 -14.36
C1 P5S F . -42.29 20.57 -18.29
C2 P5S F . -43.48 21.05 -19.12
C3 P5S F . -44.50 21.70 -18.19
CA P5S F . -48.30 18.00 -14.82
CB P5S F . -47.99 18.48 -16.21
OG P5S F . -46.86 19.34 -16.11
P12 P5S F . -46.17 19.77 -17.48
O13 P5S F . -45.67 18.52 -18.09
O15 P5S F . -47.26 20.45 -18.43
O16 P5S F . -44.96 20.79 -17.18
O19 P5S F . -41.67 21.67 -17.62
O37 P5S F . -44.04 19.93 -19.80
C38 P5S F . -44.84 20.27 -20.96
C39 P5S F . -44.19 20.82 -22.21
C40 P5S F . -44.34 19.82 -23.34
C41 P5S F . -44.04 18.40 -22.86
C42 P5S F . -44.05 17.45 -24.04
C43 P5S F . -45.27 17.72 -24.92
C44 P5S F . -45.02 17.31 -26.37
C45 P5S F . -44.32 18.40 -27.17
C46 P5S F . -42.85 18.08 -27.41
O47 P5S F . -46.04 20.06 -20.91
C48 P5S F . -41.94 18.96 -26.56
C49 P5S F . -41.98 20.41 -27.01
C50 P5S F . -41.32 21.33 -26.00
C51 P5S F . -40.73 22.54 -26.70
C52 P5S F . -39.63 22.09 -27.67
C53 P5S F . -39.38 23.15 -28.74
C54 P5S F . -39.09 24.50 -28.12
C55 P5S F . -38.68 25.50 -29.19
C56 P5S F . -38.25 26.81 -28.57
OXT P5S F . -48.09 19.10 -12.65
NA NA G . 3.96 -12.94 -0.20
C1 LPE H . -1.88 -0.41 -37.29
O1 LPE H . -1.65 0.49 -36.21
C2 LPE H . -0.57 -1.14 -37.59
O2H LPE H . -0.11 -1.80 -36.40
C3 LPE H . -0.82 -2.17 -38.68
C11 LPE H . -2.87 1.07 -35.78
C12 LPE H . -3.00 2.46 -36.36
O3 LPE H . 0.16 -3.21 -38.65
P LPE H . -0.37 -4.70 -38.43
O31 LPE H . 0.02 -5.10 -37.04
O32 LPE H . -1.82 -4.71 -38.83
O33 LPE H . 0.45 -5.67 -39.46
C31 LPE H . -0.08 -6.95 -39.85
C32 LPE H . 0.98 -7.82 -40.53
N LPE H . 0.44 -9.14 -40.94
C1N LPE H . 1.13 -10.23 -40.26
C2N LPE H . -0.99 -9.18 -40.61
C3N LPE H . 0.58 -9.28 -42.40
C13 LPE H . -2.50 3.51 -35.39
C14 LPE H . -3.61 3.85 -34.40
C15 LPE H . -3.17 4.95 -33.46
C16 LPE H . -4.31 5.36 -32.53
C17 LPE H . -3.81 6.42 -31.57
C18 LPE H . -4.89 6.85 -30.59
C19 LPE H . -4.28 7.58 -29.41
C1 LPE I . -8.66 -6.53 -26.47
O1 LPE I . -8.57 -5.83 -25.25
C2 LPE I . -7.68 -7.68 -26.37
O2H LPE I . -7.78 -8.24 -25.08
C3 LPE I . -8.02 -8.79 -27.34
C11 LPE I . -9.84 -5.69 -24.65
C12 LPE I . -9.57 -5.32 -23.21
O3 LPE I . -7.48 -9.96 -26.74
P LPE I . -6.48 -10.87 -27.59
O31 LPE I . -6.03 -9.99 -28.71
O32 LPE I . -5.50 -11.56 -26.68
O33 LPE I . -7.43 -11.98 -28.22
C31 LPE I . -7.01 -12.65 -29.40
C32 LPE I . -8.29 -13.09 -30.11
N LPE I . -9.13 -13.72 -29.08
C13 LPE I . -9.46 -3.83 -23.03
C14 LPE I . -9.31 -3.61 -21.55
C15 LPE I . -9.52 -2.17 -21.23
C16 LPE I . -10.31 -2.09 -19.94
C17 LPE I . -10.13 -0.71 -19.38
C18 LPE I . -11.07 -0.47 -18.22
C19 LPE I . -12.43 -0.09 -18.75
C20 LPE I . -13.25 0.53 -17.63
C21 LPE I . -12.41 1.51 -16.84
C22 LPE I . -13.23 2.08 -15.70
CAA 1PW J . -13.36 6.50 -15.46
CAJ 1PW J . -12.37 6.70 -14.35
CAL 1PW J . -11.06 6.00 -14.56
CAN 1PW J . -10.10 6.09 -13.40
CAP 1PW J . -8.79 5.37 -13.60
CAR 1PW J . -7.89 5.33 -12.38
CAT 1PW J . -6.94 6.49 -12.29
CAU 1PW J . -5.71 6.18 -11.48
CAS 1PW J . -4.61 7.22 -11.59
CAQ 1PW J . -3.44 6.95 -10.67
CAO 1PW J . -2.73 5.65 -10.93
CAM 1PW J . -2.23 4.95 -9.71
CAK 1PW J . -1.36 3.74 -9.99
CAH 1PW J . -1.00 3.00 -8.77
CAI 1PW J . -1.21 1.72 -8.52
CAZ 1PW J . -1.92 1.18 -7.32
OAE 1PW J . -2.98 0.36 -7.74
CBA 1PW J . -1.02 0.40 -6.35
CAV 1PW J . -1.63 0.10 -4.99
OAX 1PW J . -0.61 -0.46 -4.15
PBB 1PW J . -0.77 -0.37 -2.54
OAF 1PW J . -2.01 -1.18 -2.21
OAG 1PW J . -0.92 1.10 -2.20
OAD 1PW J . 0.49 -0.98 -1.97
C1 LPE K . -6.48 3.50 -28.10
O1 LPE K . -7.41 4.34 -27.39
C2 LPE K . -7.19 2.72 -29.19
O2H LPE K . -7.88 3.62 -30.04
C3 LPE K . -6.17 1.93 -30.00
C11 LPE K . -6.99 4.59 -26.05
C12 LPE K . -7.79 5.75 -25.47
O3 LPE K . -6.84 0.96 -30.79
P LPE K . -6.99 1.11 -32.38
O31 LPE K . -8.39 0.64 -32.75
O32 LPE K . -6.54 2.48 -32.77
O33 LPE K . -5.96 0.04 -32.97
C31 LPE K . -6.11 -0.42 -34.31
C32 LPE K . -5.43 -1.77 -34.47
N LPE K . -5.69 -2.28 -35.81
C1N LPE K . -7.05 -2.81 -35.84
C2N LPE K . -5.59 -1.20 -36.80
C3N LPE K . -4.76 -3.36 -36.15
C13 LPE K . -7.57 5.88 -23.96
C14 LPE K . -8.70 6.64 -23.29
C1 PCW L . -2.88 -9.97 -28.51
C2 PCW L . -2.78 -8.45 -28.53
C3 PCW L . -2.79 -7.91 -29.97
C4 PCW L . -2.72 -14.13 -28.55
C5 PCW L . -3.02 -14.27 -27.06
C6 PCW L . -3.30 -16.65 -26.83
C7 PCW L . -4.62 -15.18 -25.53
C8 PCW L . -5.01 -15.34 -27.87
C11 PCW L . -4.51 -6.16 -30.58
C12 PCW L . -4.44 -5.12 -29.48
C13 PCW L . -5.61 -4.17 -29.57
C14 PCW L . -5.81 -3.35 -28.30
C15 PCW L . -4.70 -2.32 -28.09
C16 PCW L . -4.77 -1.71 -26.70
C17 PCW L . -5.98 -0.81 -26.54
C18 PCW L . -6.20 -0.37 -25.10
C19 PCW L . -4.88 -0.02 -24.44
C20 PCW L . -4.78 0.99 -23.59
C21 PCW L . -5.98 1.84 -23.26
C22 PCW L . -6.31 1.75 -21.77
C23 PCW L . -7.56 2.54 -21.41
C24 PCW L . -7.87 2.32 -19.94
C25 PCW L . -8.80 3.38 -19.36
C26 PCW L . -10.09 3.45 -20.16
C27 PCW L . -11.01 4.55 -19.64
C28 PCW L . -12.32 4.61 -20.40
C31 PCW L . -4.04 -7.90 -26.48
C32 PCW L . -3.98 -6.63 -25.69
C33 PCW L . -4.44 -7.03 -24.29
C34 PCW L . -4.35 -5.92 -23.28
C35 PCW L . -5.36 -4.87 -23.66
C36 PCW L . -5.02 -3.62 -22.89
C37 PCW L . -4.85 -3.92 -21.42
C38 PCW L . -5.31 -2.72 -20.62
C39 PCW L . -4.80 -2.89 -19.23
C40 PCW L . -4.59 -1.84 -18.47
C41 PCW L . -4.89 -0.48 -19.01
C42 PCW L . -5.22 0.39 -17.81
C43 PCW L . -4.03 0.43 -16.89
C44 PCW L . -4.44 0.98 -15.53
C45 PCW L . -4.48 2.50 -15.47
C46 PCW L . -5.13 2.94 -14.16
C47 PCW L . -4.55 2.29 -12.94
N PCW L . -3.99 -15.35 -26.83
O2 PCW L . -3.93 -7.89 -27.92
O3 PCW L . -4.11 -7.54 -30.37
O11 PCW L . -4.93 -5.85 -31.68
O31 PCW L . -4.25 -8.95 -25.92
O1P PCW L . -0.88 -12.10 -30.93
O2P PCW L . -3.42 -12.06 -30.31
O3P PCW L . -1.76 -10.59 -29.12
O4P PCW L . -1.74 -13.10 -28.75
P PCW L . -1.97 -11.99 -29.89
C1 LPE M . -20.22 -0.32 -13.74
O1 LPE M . -20.91 0.29 -12.66
C2 LPE M . -20.95 -1.63 -13.93
O2H LPE M . -22.30 -1.32 -13.59
C3 LPE M . -20.85 -2.10 -15.36
C11 LPE M . -20.10 1.28 -12.07
C12 LPE M . -20.96 2.38 -11.47
O3 LPE M . -19.80 -3.04 -15.53
P LPE M . -20.08 -4.40 -16.31
O31 LPE M . -20.92 -4.12 -17.50
O32 LPE M . -20.59 -5.41 -15.34
O33 LPE M . -18.68 -4.84 -16.88
C31 LPE M . -18.63 -5.54 -18.10
C32 LPE M . -18.11 -6.93 -17.88
N LPE M . -18.11 -7.56 -19.19
C1N LPE M . -16.79 -7.41 -19.78
C2N LPE M . -18.37 -8.99 -19.09
C3N LPE M . -19.07 -6.94 -20.10
C13 LPE M . -20.10 3.36 -10.70
C14 LPE M . -20.98 4.42 -10.06
C15 LPE M . -21.47 5.44 -11.08
C16 LPE M . -20.44 6.53 -11.33
C1 LPE N . -24.97 8.42 -13.53
O1 LPE N . -25.09 7.38 -14.51
C2 LPE N . -25.75 9.63 -13.99
O2H LPE N . -27.09 9.24 -14.23
C3 LPE N . -25.74 10.66 -12.89
C11 LPE N . -25.33 6.14 -13.88
C12 LPE N . -24.11 5.22 -13.92
O3 LPE N . -27.02 11.29 -12.86
P LPE N . -27.18 12.84 -12.44
O31 LPE N . -27.07 13.69 -13.68
O32 LPE N . -26.29 13.14 -11.27
O33 LPE N . -28.69 12.92 -11.96
C31 LPE N . -29.00 13.94 -11.02
C32 LPE N . -29.22 13.29 -9.66
N LPE N . -29.31 14.36 -8.68
C1N LPE N . -29.15 13.80 -7.33
C2N LPE N . -28.25 15.33 -8.93
C3N LPE N . -30.62 15.01 -8.79
C13 LPE N . -23.91 4.66 -15.32
C14 LPE N . -23.16 3.34 -15.28
C15 LPE N . -23.14 2.78 -16.69
C16 LPE N . -22.55 1.37 -16.76
C17 LPE N . -22.62 0.88 -18.19
C18 LPE N . -21.92 -0.46 -18.38
C19 LPE N . -22.05 -0.93 -19.82
C20 LPE N . -21.28 -2.23 -20.05
C21 LPE N . -21.55 -2.74 -21.46
C22 LPE N . -20.89 -4.09 -21.69
C1 PCW O . 6.49 -21.46 19.25
C2 PCW O . 6.98 -20.03 19.16
C3 PCW O . 8.45 -19.99 19.55
C4 PCW O . 6.96 -24.37 15.46
C5 PCW O . 7.80 -25.29 14.57
C6 PCW O . 8.13 -25.16 12.20
C7 PCW O . 6.34 -26.46 13.08
C8 PCW O . 6.27 -24.09 13.28
C11 PCW O . 10.05 -18.09 19.29
C12 PCW O . 10.45 -16.67 19.54
C13 PCW O . 9.34 -15.69 19.23
C14 PCW O . 9.96 -14.29 19.16
C15 PCW O . 8.90 -13.23 18.95
C16 PCW O . 9.56 -11.89 18.66
C17 PCW O . 8.54 -10.85 18.21
C18 PCW O . 9.26 -9.55 17.90
C19 PCW O . 8.33 -8.52 17.31
C20 PCW O . 8.75 -7.27 17.23
C21 PCW O . 10.14 -6.88 17.70
C22 PCW O . 10.70 -5.72 16.88
C23 PCW O . 9.60 -4.74 16.51
C24 PCW O . 10.12 -3.55 15.72
C25 PCW O . 11.04 -2.65 16.55
C26 PCW O . 11.14 -1.26 15.95
C31 PCW O . 5.92 -18.51 17.73
C32 PCW O . 6.10 -17.37 16.77
C33 PCW O . 5.32 -16.20 17.35
C34 PCW O . 5.23 -14.99 16.42
C35 PCW O . 3.97 -14.26 16.78
C36 PCW O . 3.81 -12.98 15.98
C37 PCW O . 4.74 -11.95 16.54
C38 PCW O . 4.12 -10.57 16.48
C39 PCW O . 4.00 -10.14 15.05
C40 PCW O . 3.74 -8.87 14.79
C41 PCW O . 3.58 -7.90 15.93
C42 PCW O . 3.50 -6.48 15.41
C43 PCW O . 4.82 -6.06 14.82
N PCW O . 7.14 -25.26 13.27
O2 PCW O . 6.84 -19.61 17.81
O3 PCW O . 8.83 -18.65 19.84
O11 PCW O . 10.75 -18.81 18.64
O31 PCW O . 4.99 -18.54 18.47
O1P PCW O . 5.25 -23.35 17.25
O2P PCW O . 6.64 -24.63 18.99
O3P PCW O . 7.23 -22.26 18.36
O4P PCW O . 7.55 -24.15 16.73
P PCW O . 6.58 -23.63 17.87
N P5S P . -15.85 10.17 23.18
C1 P5S P . -20.92 5.04 25.57
C2 P5S P . -19.59 5.52 25.01
C3 P5S P . -19.57 7.03 25.16
CA P5S P . -15.76 9.63 24.54
CB P5S P . -17.18 9.35 24.96
OG P5S P . -17.25 9.10 26.36
P12 P5S P . -18.70 8.77 26.98
O13 P5S P . -18.62 8.80 28.45
O15 P5S P . -19.77 9.86 26.50
O16 P5S P . -19.17 7.32 26.50
C17 P5S P . -21.33 2.61 25.14
O18 P5S P . -22.49 2.63 24.80
O19 P5S P . -20.84 3.68 25.98
C20 P5S P . -20.43 1.50 24.69
C21 P5S P . -21.29 0.38 24.14
C22 P5S P . -20.48 -0.90 24.10
C23 P5S P . -19.29 -0.76 23.17
C24 P5S P . -18.39 -1.97 23.23
C25 P5S P . -17.86 -2.27 21.85
C26 P5S P . -16.49 -2.92 21.94
C27 P5S P . -15.96 -3.24 20.54
C28 P5S P . -14.44 -3.41 20.61
C29 P5S P . -13.89 -4.03 19.34
C30 P5S P . -14.25 -3.21 18.12
O37 P5S P . -19.47 5.18 23.62
C38 P5S P . -18.10 5.00 23.20
C39 P5S P . -17.45 3.64 23.28
C40 P5S P . -17.14 3.16 21.87
C41 P5S P . -18.43 3.09 21.07
C42 P5S P . -18.16 2.53 19.68
C43 P5S P . -17.97 1.04 19.72
C44 P5S P . -17.45 0.55 18.38
C45 P5S P . -18.37 0.95 17.25
C46 P5S P . -19.55 0.00 17.14
O47 P5S P . -17.48 5.95 22.76
C1 PCW Q . -26.09 5.45 24.00
C2 PCW Q . -25.44 4.12 23.69
C3 PCW Q . -26.13 3.15 24.63
C4 PCW Q . -25.58 7.61 28.55
C5 PCW Q . -24.35 7.34 29.42
C6 PCW Q . -22.21 7.59 28.37
C7 PCW Q . -23.82 9.36 28.21
C8 PCW Q . -22.70 8.89 30.27
C11 PCW Q . -26.24 0.76 25.15
C12 PCW Q . -25.53 -0.55 25.22
C13 PCW Q . -25.04 -0.84 23.82
C14 PCW Q . -24.65 -2.30 23.76
C15 PCW Q . -25.81 -3.11 24.29
C16 PCW Q . -25.36 -4.55 24.38
C17 PCW Q . -24.58 -4.90 23.13
C18 PCW Q . -24.22 -6.36 23.18
C19 PCW Q . -23.53 -6.72 21.91
C20 PCW Q . -22.47 -7.52 21.97
C21 PCW Q . -22.03 -8.02 23.33
C22 PCW Q . -21.63 -9.47 23.17
C23 PCW Q . -20.63 -9.67 22.04
C24 PCW Q . -20.30 -11.15 22.00
C25 PCW Q . -19.75 -11.61 20.66
C26 PCW Q . -18.32 -11.16 20.46
C27 PCW Q . -17.67 -12.04 19.40
C31 PCW Q . -24.40 3.34 21.63
C32 PCW Q . -24.41 2.06 20.84
C33 PCW Q . -23.03 1.45 20.63
C34 PCW Q . -23.25 -0.03 20.35
C35 PCW Q . -21.99 -0.78 19.98
C36 PCW Q . -22.23 -2.29 20.02
C37 PCW Q . -21.01 -3.06 19.54
C38 PCW Q . -21.06 -4.50 20.05
C39 PCW Q . -20.00 -5.35 19.40
N PCW Q . -23.29 8.30 29.06
O2 PCW Q . -25.63 3.77 22.32
O3 PCW Q . -25.64 1.83 24.41
O11 PCW Q . -27.30 0.94 25.71
O31 PCW Q . -23.40 4.04 21.67
O1P PCW Q . -25.12 7.77 25.71
O2P PCW Q . -23.93 5.54 26.36
O3P PCW Q . -26.25 5.54 25.41
O4P PCW Q . -25.85 6.47 27.74
P PCW Q . -25.18 6.37 26.27
C1 LPE R . -19.09 -1.43 5.87
O1 LPE R . -18.98 -2.24 4.71
C2 LPE R . -20.54 -1.16 6.19
O2H LPE R . -21.29 -2.31 5.81
C3 LPE R . -20.68 -0.93 7.68
C11 LPE R . -17.70 -2.08 4.14
C12 LPE R . -17.04 -3.44 4.00
O3 LPE R . -21.96 -0.37 7.97
P LPE R . -22.98 -1.10 8.98
O31 LPE R . -23.04 -2.55 8.60
O32 LPE R . -22.67 -0.69 10.39
O33 LPE R . -24.38 -0.45 8.63
C31 LPE R . -24.97 0.44 9.56
C32 LPE R . -24.66 1.86 9.11
N LPE R . -25.61 2.71 9.80
C1N LPE R . -24.89 3.62 10.69
C2N LPE R . -26.41 3.50 8.85
C3N LPE R . -26.49 1.83 10.56
C13 LPE R . -15.71 -3.25 3.28
C14 LPE R . -15.05 -4.56 2.91
C15 LPE R . -13.97 -4.28 1.88
C16 LPE R . -12.98 -3.23 2.42
C17 LPE R . -11.79 -3.13 1.48
C18 LPE R . -10.63 -2.42 2.16
C19 LPE R . -9.36 -2.60 1.34
C1 LPE S . -29.57 7.85 17.32
O1 LPE S . -28.37 7.16 17.69
C2 LPE S . -29.95 8.88 18.38
O2H LPE S . -28.95 9.91 18.42
C3 LPE S . -31.30 9.50 18.03
C11 LPE S . -27.87 6.38 16.60
C12 LPE S . -26.99 5.25 17.12
O3 LPE S . -31.65 10.49 19.00
P LPE S . -32.90 11.49 18.77
O31 LPE S . -34.17 10.69 18.72
O32 LPE S . -32.78 12.65 19.74
O33 LPE S . -32.63 12.05 17.29
C31 LPE S . -33.70 12.06 16.36
C32 LPE S . -33.10 12.26 14.98
N LPE S . -34.16 12.11 13.99
C1N LPE S . -33.71 11.16 12.96
C2N LPE S . -35.36 11.59 14.64
C3N LPE S . -34.45 13.41 13.38
C13 LPE S . -26.67 4.27 16.00
C14 LPE S . -25.85 3.09 16.51
C15 LPE S . -25.38 2.20 15.37
C16 LPE S . -24.54 1.04 15.89
C17 LPE S . -24.18 0.09 14.76
C18 LPE S . -23.42 -1.13 15.30
C19 LPE S . -23.14 -2.14 14.19
C1 LPE T . -22.11 -14.79 -0.54
O1 LPE T . -21.71 -13.44 -0.35
C2 LPE T . -21.37 -15.67 0.46
O2H LPE T . -22.08 -15.74 1.69
C3 LPE T . -21.31 -17.08 -0.05
C11 LPE T . -22.82 -12.61 0.00
C12 LPE T . -22.61 -12.18 1.43
O3 LPE T . -21.10 -17.88 1.10
P LPE T . -22.26 -18.90 1.49
O31 LPE T . -23.45 -18.47 0.67
O32 LPE T . -22.37 -18.94 2.97
O33 LPE T . -21.77 -20.34 0.97
C31 LPE T . -22.45 -21.54 1.36
C32 LPE T . -23.23 -22.05 0.16
N LPE T . -23.58 -23.48 0.29
C1N LPE T . -22.46 -24.29 -0.23
C2N LPE T . -23.84 -23.81 1.70
C3N LPE T . -24.77 -23.77 -0.50
C13 LPE T . -22.26 -10.71 1.55
C14 LPE T . -21.00 -10.36 0.76
C15 LPE T . -20.59 -8.93 1.08
C16 LPE T . -19.16 -8.69 0.66
C17 LPE T . -18.77 -7.29 1.10
C18 LPE T . -19.76 -6.25 0.60
C19 LPE T . -19.33 -4.87 1.05
C1 LPE U . -31.01 -10.44 -3.73
O1 LPE U . -30.65 -9.12 -3.34
C2 LPE U . -29.88 -11.43 -3.48
O2H LPE U . -29.56 -11.46 -2.08
C3 LPE U . -30.35 -12.81 -3.90
C11 LPE U . -31.09 -8.14 -4.26
C12 LPE U . -30.04 -7.04 -4.32
O3 LPE U . -29.34 -13.77 -3.66
P LPE U . -29.80 -15.27 -3.33
O31 LPE U . -31.29 -15.30 -3.45
O32 LPE U . -29.11 -15.70 -2.06
O33 LPE U . -29.20 -16.24 -4.46
C31 LPE U . -28.85 -17.56 -4.10
C32 LPE U . -29.76 -18.52 -4.83
N LPE U . -29.20 -19.86 -4.66
C1N LPE U . -27.78 -19.71 -4.39
C2N LPE U . -29.83 -20.57 -3.56
C3N LPE U . -29.33 -20.64 -5.90
C13 LPE U . -30.34 -6.02 -5.40
C14 LPE U . -29.13 -5.11 -5.66
C15 LPE U . -28.56 -4.55 -4.36
C16 LPE U . -29.00 -3.12 -4.10
C17 LPE U . -28.86 -2.79 -2.63
C18 LPE U . -29.95 -3.53 -1.87
C19 LPE U . -29.63 -3.63 -0.38
C1 LPE V . -4.37 -5.91 25.84
O1 LPE V . -3.53 -6.36 24.79
C2 LPE V . -3.95 -4.50 26.24
O2H LPE V . -4.35 -3.64 25.18
C3 LPE V . -4.69 -4.10 27.50
C11 LPE V . -2.80 -7.52 25.17
C12 LPE V . -2.01 -8.07 23.99
O3 LPE V . -4.15 -2.93 28.10
P LPE V . -5.04 -1.60 28.19
O31 LPE V . -5.68 -1.39 26.85
O32 LPE V . -5.87 -1.64 29.44
O33 LPE V . -4.02 -0.41 28.42
C31 LPE V . -4.59 0.78 28.97
C32 LPE V . -3.59 1.91 29.06
N LPE V . -4.35 3.11 29.42
C1N LPE V . -4.80 3.77 28.20
C2N LPE V . -5.51 2.73 30.23
C3N LPE V . -3.52 4.05 30.18
C13 LPE V . -0.96 -9.04 24.49
C14 LPE V . -0.27 -9.80 23.37
C15 LPE V . 0.18 -8.89 22.24
C16 LPE V . 1.44 -9.39 21.56
C17 LPE V . 1.37 -10.88 21.25
C18 LPE V . 2.67 -11.37 20.65
C19 LPE V . 2.64 -12.89 20.53
C1 PCW W . -29.71 3.02 21.11
C2 PCW W . -28.90 1.99 21.88
C3 PCW W . -29.25 2.06 23.36
C4 PCW W . -29.91 7.63 23.34
C5 PCW W . -28.92 8.06 24.42
C6 PCW W . -30.88 7.88 25.83
C7 PCW W . -28.76 8.49 26.76
C8 PCW W . -29.93 10.03 25.32
C11 PCW W . -31.24 1.51 24.82
C12 PCW W . -31.58 0.07 25.12
C13 PCW W . -30.34 -0.66 25.56
C14 PCW W . -30.46 -2.14 25.29
C15 PCW W . -30.33 -2.40 23.80
C16 PCW W . -30.44 -3.89 23.52
C17 PCW W . -29.34 -4.66 24.23
C18 PCW W . -29.32 -6.11 23.83
C19 PCW W . -28.96 -6.19 22.37
C20 PCW W . -28.31 -7.25 21.88
C21 PCW W . -27.92 -8.37 22.78
C22 PCW W . -28.21 -9.70 22.08
C23 PCW W . -27.26 -9.95 20.93
C24 PCW W . -25.93 -10.52 21.42
C25 PCW W . -24.99 -10.85 20.27
C26 PCW W . -24.57 -9.58 19.52
C27 PCW W . -23.37 -9.86 18.60
C31 PCW W . -28.22 0.16 20.48
C32 PCW W . -28.08 -1.35 20.37
C33 PCW W . -26.94 -1.72 19.45
C34 PCW W . -27.28 -3.02 18.75
C35 PCW W . -27.16 -4.20 19.70
C36 PCW W . -25.82 -4.91 19.48
C37 PCW W . -25.63 -5.16 17.99
C38 PCW W . -24.23 -5.67 17.68
C39 PCW W . -24.09 -5.82 16.19
N PCW W . -29.63 8.62 25.58
O2 PCW W . -29.21 0.70 21.39
O3 PCW W . -30.65 1.85 23.53
O11 PCW W . -31.48 2.39 25.64
O31 PCW W . -27.55 0.91 19.80
O1P PCW W . -31.16 4.84 23.12
O2P PCW W . -31.02 6.00 20.79
O3P PCW W . -29.28 4.31 21.50
O4P PCW W . -29.36 6.53 22.63
P PCW W . -30.32 5.41 22.01
C1 PCW X . -35.97 -1.19 32.61
C2 PCW X . -35.91 -2.60 32.04
C3 PCW X . -35.24 -2.55 30.67
C4 PCW X . -37.69 1.19 36.48
C5 PCW X . -38.75 1.07 37.59
C6 PCW X . -39.97 2.77 36.42
C7 PCW X . -40.86 1.85 38.44
C8 PCW X . -38.96 3.30 38.52
C11 PCW X . -33.08 -1.59 29.83
C12 PCW X . -31.97 -2.22 29.03
C13 PCW X . -32.30 -3.64 28.61
C14 PCW X . -31.67 -4.60 29.60
C15 PCW X . -32.13 -6.03 29.38
C16 PCW X . -31.63 -6.56 28.04
C17 PCW X . -32.08 -8.00 27.91
C18 PCW X . -31.82 -8.56 26.51
C19 PCW X . -30.36 -8.80 26.28
C20 PCW X . -29.86 -10.04 26.39
C21 PCW X . -30.72 -11.22 26.78
C22 PCW X . -30.45 -12.36 25.80
C23 PCW X . -28.95 -12.43 25.54
C24 PCW X . -28.63 -13.39 24.40
C25 PCW X . -28.61 -14.85 24.85
C26 PCW X . -28.10 -15.77 23.75
C27 PCW X . -26.69 -15.41 23.32
C31 PCW X . -35.79 -4.41 33.69
C32 PCW X . -35.17 -5.77 33.91
C33 PCW X . -35.35 -6.62 32.67
C34 PCW X . -34.66 -7.96 32.83
C35 PCW X . -35.09 -8.91 31.72
C36 PCW X . -34.43 -10.27 31.83
C37 PCW X . -32.94 -10.19 31.53
C38 PCW X . -32.27 -11.55 31.67
C39 PCW X . -32.43 -12.04 33.09
N PCW X . -39.62 2.24 37.74
O2 PCW X . -35.11 -3.44 32.85
O3 PCW X . -33.83 -2.36 30.82
O11 PCW X . -33.34 -0.41 29.67
O31 PCW X . -36.86 -4.12 34.19
O1P PCW X . -35.36 0.84 34.65
O2P PCW X . -35.13 -1.49 35.82
O3P PCW X . -36.65 -1.17 33.87
O4P PCW X . -37.23 -0.13 36.12
P PCW X . -35.98 -0.45 35.14
CAA Y01 Y . -29.50 2.52 -28.26
CBA Y01 Y . -27.98 2.33 -28.16
CAB Y01 Y . -27.49 1.51 -29.35
CAN Y01 Y . -27.30 3.70 -28.17
CAJ Y01 Y . -27.70 4.48 -26.92
CAO Y01 Y . -27.02 5.86 -26.94
CBB Y01 Y . -27.41 6.63 -25.67
CAC Y01 Y . -26.86 5.92 -24.44
CBE Y01 Y . -26.84 8.05 -25.76
CAP Y01 Y . -27.42 8.80 -26.98
CAQ Y01 Y . -28.10 10.08 -26.42
CBG Y01 Y . -27.38 10.31 -25.10
CBI Y01 Y . -27.28 8.87 -24.53
CAE Y01 Y . -28.65 8.39 -24.07
CAU Y01 Y . -26.31 8.90 -23.36
CAS Y01 Y . -26.96 9.77 -22.27
CBF Y01 Y . -27.28 11.17 -22.79
CBD Y01 Y . -28.13 11.14 -24.07
CAK Y01 Y . -28.28 12.57 -24.58
CAI Y01 Y . -28.87 13.43 -23.49
CAZ Y01 Y . -28.73 13.16 -22.23
CAV Y01 Y . -29.36 14.10 -21.22
CBH Y01 Y . -27.98 11.97 -21.71
CAD Y01 Y . -28.99 11.04 -21.01
CAT Y01 Y . -26.97 12.42 -20.65
CAR Y01 Y . -27.70 13.23 -19.56
CBC Y01 Y . -28.29 14.49 -20.19
OAW Y01 Y . -28.90 15.31 -19.16
CAY Y01 Y . -28.91 16.64 -19.34
OAG Y01 Y . -28.43 17.10 -20.36
CAM Y01 Y . -29.52 17.55 -18.31
CAL Y01 Y . -29.41 19.00 -18.77
CAX Y01 Y . -30.02 19.90 -17.73
OAH Y01 Y . -30.04 21.23 -17.93
OAF Y01 Y . -30.50 19.43 -16.73
CAA Y01 Z . 2.69 12.64 -25.06
CBA Y01 Z . 2.44 11.49 -26.11
CAB Y01 Z . 2.46 10.08 -25.43
CAN Y01 Z . 1.10 11.72 -26.88
CAJ Y01 Z . -0.09 11.60 -25.90
CAO Y01 Z . -1.35 12.52 -26.09
CBB Y01 Z . -1.22 13.98 -25.67
CAC Y01 Z . -0.53 14.78 -26.78
CBE Y01 Z . -2.60 14.56 -25.39
CAP Y01 Z . -3.30 13.80 -24.24
CAQ Y01 Z . -3.63 14.85 -23.15
CBG Y01 Z . -3.70 16.16 -23.95
CBI Y01 Z . -2.48 16.01 -24.90
CAE Y01 Z . -1.18 16.18 -24.12
CAU Y01 Z . -2.61 17.09 -25.96
CAS Y01 Z . -2.45 18.44 -25.22
CBF Y01 Z . -3.49 18.61 -24.13
CBD Y01 Z . -3.48 17.44 -23.14
CAK Y01 Z . -4.64 17.62 -22.16
CAI Y01 Z . -4.51 18.96 -21.49
CAZ Y01 Z . -3.90 19.97 -22.04
CAV Y01 Z . -3.85 21.28 -21.27
CBH Y01 Z . -3.25 19.92 -23.39
CAD Y01 Z . -1.74 20.09 -23.20
CAT Y01 Z . -3.74 21.10 -24.23
CAR Y01 Z . -3.52 22.40 -23.48
CBC Y01 Z . -4.34 22.40 -22.19
OAW Y01 Z . -4.13 23.69 -21.50
CAY Y01 Z . -4.85 23.83 -20.26
OAG Y01 Z . -5.53 22.93 -19.87
CAM Y01 Z . -4.71 25.15 -19.43
CAL Y01 Z . -5.52 25.12 -18.09
CAX Y01 Z . -5.24 26.34 -17.18
OAH Y01 Z . -5.83 26.46 -16.07
OAF Y01 Z . -4.41 27.24 -17.55
C01 9Z9 AA . -4.66 11.57 2.68
C02 9Z9 AA . -4.41 11.30 4.16
C03 9Z9 AA . -3.72 9.94 4.37
C04 9Z9 AA . -2.24 10.24 3.97
C05 9Z9 AA . -2.05 11.77 4.12
C06 9Z9 AA . -3.35 12.28 4.73
C07 9Z9 AA . -3.77 13.69 4.34
C08 9Z9 AA . -5.10 13.98 5.05
C09 9Z9 AA . -6.16 12.95 4.69
C10 9Z9 AA . -5.69 11.51 4.96
C11 9Z9 AA . -5.61 15.38 4.71
C12 9Z9 AA . -6.33 15.31 3.37
C13 9Z9 AA . -4.50 16.39 4.60
C14 9Z9 AA . -3.24 16.10 4.65
C15 9Z9 AA . -2.72 14.69 4.83
C16 9Z9 AA . -4.89 17.84 4.40
C17 9Z9 AA . -5.91 18.21 5.49
C18 9Z9 AA . -7.08 17.25 5.46
C19 9Z9 AA . -6.60 15.85 5.78
O20 9Z9 AA . -6.38 19.55 5.28
C21 9Z9 AA . -5.59 20.55 5.93
C22 9Z9 AA . -6.19 21.93 5.62
C23 9Z9 AA . -5.36 23.01 6.32
C24 9Z9 AA . -3.95 23.03 5.72
O25 9Z9 AA . -3.13 23.95 6.44
C26 9Z9 AA . -1.80 24.06 5.95
C48 9Z9 AA . -6.02 24.37 6.12
O49 9Z9 AA . -5.31 25.36 6.86
C50 9Z9 AA . -5.85 26.68 6.75
O72 9Z9 AA . -2.18 9.93 2.56
C73 9Z9 AA . -2.97 8.74 2.39
C74 9Z9 AA . -4.21 8.96 3.29
C75 9Z9 AA . -4.65 7.63 3.93
C76 9Z9 AA . -3.41 8.60 0.93
C77 9Z9 AA . -2.17 8.33 0.07
C78 9Z9 AA . -1.44 7.09 0.60
C79 9Z9 AA . -1.07 7.32 2.07
O80 9Z9 AA . -2.26 7.59 2.82
C81 9Z9 AA . -0.17 6.86 -0.22
CAA Y01 BA . 29.25 2.02 -10.34
CBA Y01 BA . 28.58 2.59 -9.03
CAB Y01 BA . 28.00 4.03 -9.28
CAN Y01 BA . 27.46 1.63 -8.51
CAJ Y01 BA . 26.30 1.56 -9.55
CAO Y01 BA . 25.52 0.21 -9.76
CBB Y01 BA . 26.25 -0.87 -10.56
CAC Y01 BA . 27.22 -1.63 -9.66
CBE Y01 BA . 25.22 -1.84 -11.15
CAP Y01 BA . 24.25 -1.10 -12.10
CAQ Y01 BA . 24.36 -1.82 -13.47
CBG Y01 BA . 24.86 -3.22 -13.10
CBI Y01 BA . 25.91 -2.89 -12.01
CAE Y01 BA . 27.16 -2.29 -12.67
CAU Y01 BA . 26.26 -4.20 -11.34
CAS Y01 BA . 26.94 -5.08 -12.39
CBF Y01 BA . 26.04 -5.32 -13.60
CBD Y01 BA . 25.55 -3.98 -14.20
CAK Y01 BA . 24.56 -4.30 -15.32
CAI Y01 BA . 25.22 -5.21 -16.32
CAZ Y01 BA . 26.19 -6.02 -16.02
CAV Y01 BA . 26.77 -6.89 -17.12
CBH Y01 BA . 26.79 -6.13 -14.65
CAD Y01 BA . 28.23 -5.61 -14.71
CAT Y01 BA . 26.83 -7.60 -14.24
CAR Y01 BA . 27.57 -8.41 -15.30
CBC Y01 BA . 26.79 -8.34 -16.62
OAW Y01 BA . 27.49 -9.17 -17.61
CAY Y01 BA . 26.88 -9.19 -18.92
OAG Y01 BA . 25.88 -8.57 -19.11
CAM Y01 BA . 27.53 -10.03 -20.07
CAL Y01 BA . 26.76 -9.91 -21.43
CAX Y01 BA . 27.51 -10.59 -22.61
OAH Y01 BA . 26.99 -10.58 -23.76
OAF Y01 BA . 28.62 -11.15 -22.42
CAA Y01 CA . -0.75 5.89 -24.04
CBA Y01 CA . -1.58 6.17 -25.34
CAB Y01 CA . -2.90 6.96 -25.01
CAN Y01 CA . -1.92 4.82 -26.08
CAJ Y01 CA . -2.59 5.07 -27.48
CAO Y01 CA . -2.92 3.74 -28.26
CBB Y01 CA . -1.81 3.27 -29.28
CAC Y01 CA . -0.79 4.43 -29.56
CBE Y01 CA . -1.11 2.07 -28.85
CAP Y01 CA . -1.84 1.33 -27.70
CAQ Y01 CA . -2.00 -0.15 -28.17
CBG Y01 CA . -0.88 -0.31 -29.20
CBI Y01 CA . -0.95 1.04 -29.97
CAE Y01 CA . -2.19 1.05 -30.86
CAU Y01 CA . 0.30 1.13 -30.81
CAS Y01 CA . 0.23 0.00 -31.85
CBF Y01 CA . 0.12 -1.37 -31.19
CBD Y01 CA . -1.06 -1.42 -30.21
CAK Y01 CA . -1.03 -2.79 -29.50
CAI Y01 CA . -1.04 -3.88 -30.52
CAZ Y01 CA . -0.59 -3.72 -31.73
CAV Y01 CA . -0.65 -4.91 -32.68
CBH Y01 CA . -0.02 -2.44 -32.26
CAD Y01 CA . -0.96 -1.91 -33.34
CAT Y01 CA . 1.34 -2.71 -32.91
CAR Y01 CA . 1.18 -3.80 -33.97
CBC Y01 CA . 0.73 -5.03 -33.45
OAW Y01 CA . 0.59 -6.00 -34.55
CAY Y01 CA . 0.67 -7.38 -34.15
OAG Y01 CA . 0.81 -7.69 -33.01
CAM Y01 CA . 0.56 -8.49 -35.26
CAL Y01 CA . 0.66 -9.95 -34.68
CAX Y01 CA . 0.57 -11.05 -35.78
OAH Y01 CA . 0.64 -12.26 -35.45
OAF Y01 CA . 0.44 -10.72 -37.00
#